data_8ZG8
# 
_entry.id   8ZG8 
# 
_audit_conform.dict_name       mmcif_pdbx.dic 
_audit_conform.dict_version    5.404 
_audit_conform.dict_location   http://mmcif.pdb.org/dictionaries/ascii/mmcif_pdbx.dic 
# 
loop_
_database_2.database_id 
_database_2.database_code 
_database_2.pdbx_database_accession 
_database_2.pdbx_DOI 
PDB   8ZG8         pdb_00008zg8 10.2210/pdb8zg8/pdb 
WWPDB D_1300045341 ?            ?                   
# 
loop_
_pdbx_audit_revision_history.ordinal 
_pdbx_audit_revision_history.data_content_type 
_pdbx_audit_revision_history.major_revision 
_pdbx_audit_revision_history.minor_revision 
_pdbx_audit_revision_history.revision_date 
_pdbx_audit_revision_history.part_number 
1 'Structure model' 1 0 2025-05-14 ? 
2 'Structure model' 1 1 2025-09-03 ? 
# 
_pdbx_audit_revision_details.ordinal             1 
_pdbx_audit_revision_details.revision_ordinal    1 
_pdbx_audit_revision_details.data_content_type   'Structure model' 
_pdbx_audit_revision_details.provider            repository 
_pdbx_audit_revision_details.type                'Initial release' 
_pdbx_audit_revision_details.description         ? 
_pdbx_audit_revision_details.details             ? 
# 
_pdbx_audit_revision_group.ordinal             1 
_pdbx_audit_revision_group.revision_ordinal    2 
_pdbx_audit_revision_group.data_content_type   'Structure model' 
_pdbx_audit_revision_group.group               'Database references' 
# 
loop_
_pdbx_audit_revision_category.ordinal 
_pdbx_audit_revision_category.revision_ordinal 
_pdbx_audit_revision_category.data_content_type 
_pdbx_audit_revision_category.category 
1 2 'Structure model' citation        
2 2 'Structure model' citation_author 
# 
loop_
_pdbx_audit_revision_item.ordinal 
_pdbx_audit_revision_item.revision_ordinal 
_pdbx_audit_revision_item.data_content_type 
_pdbx_audit_revision_item.item 
1  2 'Structure model' '_citation.country'                 
2  2 'Structure model' '_citation.journal_abbrev'          
3  2 'Structure model' '_citation.journal_id_CSD'          
4  2 'Structure model' '_citation.journal_id_ISSN'         
5  2 'Structure model' '_citation.journal_volume'          
6  2 'Structure model' '_citation.page_first'              
7  2 'Structure model' '_citation.page_last'               
8  2 'Structure model' '_citation.pdbx_database_id_DOI'    
9  2 'Structure model' '_citation.pdbx_database_id_PubMed' 
10 2 'Structure model' '_citation.title'                   
11 2 'Structure model' '_citation.year'                    
# 
_pdbx_database_status.status_code                     REL 
_pdbx_database_status.status_code_sf                  REL 
_pdbx_database_status.status_code_mr                  ? 
_pdbx_database_status.entry_id                        8ZG8 
_pdbx_database_status.recvd_initial_deposition_date   2024-05-09 
_pdbx_database_status.SG_entry                        N 
_pdbx_database_status.deposit_site                    PDBJ 
_pdbx_database_status.process_site                    PDBJ 
_pdbx_database_status.status_code_cs                  ? 
_pdbx_database_status.status_code_nmr_data            ? 
_pdbx_database_status.methods_development_category    ? 
_pdbx_database_status.pdb_format_compatible           Y 
# 
_pdbx_contact_author.id                 2 
_pdbx_contact_author.email              hksong@korea.ac.kr 
_pdbx_contact_author.name_first         'Hyun Kyu' 
_pdbx_contact_author.name_last          Song 
_pdbx_contact_author.name_mi            ? 
_pdbx_contact_author.role               'principal investigator/group leader' 
_pdbx_contact_author.identifier_ORCID   0000-0001-5684-4059 
# 
loop_
_audit_author.name 
_audit_author.pdbx_ordinal 
_audit_author.identifier_ORCID 
'Yang, W.S.' 1 0000-0002-0022-0295 
'Song, H.K.' 2 0000-0001-5684-4059 
# 
_citation.abstract                  ? 
_citation.abstract_id_CAS           ? 
_citation.book_id_ISBN              ? 
_citation.book_publisher            ? 
_citation.book_publisher_city       ? 
_citation.book_title                ? 
_citation.coordinate_linkage        ? 
_citation.country                   UK 
_citation.database_id_Medline       ? 
_citation.details                   ? 
_citation.id                        primary 
_citation.journal_abbrev            'Nat Commun' 
_citation.journal_id_ASTM           ? 
_citation.journal_id_CSD            ? 
_citation.journal_id_ISSN           2041-1723 
_citation.journal_full              ? 
_citation.journal_issue             ? 
_citation.journal_volume            16 
_citation.language                  ? 
_citation.page_first                7817 
_citation.page_last                 7817 
_citation.title                     
'Structural basis for the recognition and ubiquitylation of type-2 N-degron substrate by PRT1 plant N-recognin.' 
_citation.year                      2025 
_citation.database_id_CSD           ? 
_citation.pdbx_database_id_DOI      10.1038/s41467-025-63282-9 
_citation.pdbx_database_id_PubMed   40841552 
_citation.pdbx_database_id_patent   ? 
_citation.unpublished_flag          ? 
# 
loop_
_citation_author.citation_id 
_citation_author.name 
_citation_author.ordinal 
_citation_author.identifier_ORCID 
primary 'Yang, W.S.'    1 ? 
primary 'Kim, S.H.'     2 ? 
primary 'Kim, M.'       3 ? 
primary 'Shin, H.'      4 ? 
primary 'Lee, J.'       5 ? 
primary 'Sandmann, A.'  6 ? 
primary 'Park, O.K.'    7 ? 
primary 'Dissmeyer, N.' 8 ? 
primary 'Song, H.K.'    9 ? 
# 
loop_
_entity.id 
_entity.type 
_entity.src_method 
_entity.pdbx_description 
_entity.formula_weight 
_entity.pdbx_number_of_molecules 
_entity.pdbx_ec 
_entity.pdbx_mutation 
_entity.pdbx_fragment 
_entity.details 
1 polymer     man 'E3 ubiquitin-protein ligase PRT1' 7305.194 1  2.3.2.27 ? ZZ-domain ? 
2 non-polymer syn 'ZINC ION'                         65.409   2  ?        ? ?         ? 
3 water       nat water                              18.015   33 ?        ? ?         ? 
# 
_entity_name_com.entity_id   1 
_entity_name_com.name        'Proteolysis 1 protein,RING-type E3 ubiquitin transferase PRT1' 
# 
_entity_poly.entity_id                      1 
_entity_poly.type                           'polypeptide(L)' 
_entity_poly.nstd_linkage                   no 
_entity_poly.nstd_monomer                   no 
_entity_poly.pdbx_seq_one_letter_code       SNVHFGAGCDSCGVYPIIGDRYRCKDCKEEIGYDLCKDCYETPSKVPGRFNQQHTPDHRLELAR 
_entity_poly.pdbx_seq_one_letter_code_can   SNVHFGAGCDSCGVYPIIGDRYRCKDCKEEIGYDLCKDCYETPSKVPGRFNQQHTPDHRLELAR 
_entity_poly.pdbx_strand_id                 A 
_entity_poly.pdbx_target_identifier         ? 
# 
loop_
_pdbx_entity_nonpoly.entity_id 
_pdbx_entity_nonpoly.name 
_pdbx_entity_nonpoly.comp_id 
2 'ZINC ION' ZN  
3 water      HOH 
# 
loop_
_entity_poly_seq.entity_id 
_entity_poly_seq.num 
_entity_poly_seq.mon_id 
_entity_poly_seq.hetero 
1 1  SER n 
1 2  ASN n 
1 3  VAL n 
1 4  HIS n 
1 5  PHE n 
1 6  GLY n 
1 7  ALA n 
1 8  GLY n 
1 9  CYS n 
1 10 ASP n 
1 11 SER n 
1 12 CYS n 
1 13 GLY n 
1 14 VAL n 
1 15 TYR n 
1 16 PRO n 
1 17 ILE n 
1 18 ILE n 
1 19 GLY n 
1 20 ASP n 
1 21 ARG n 
1 22 TYR n 
1 23 ARG n 
1 24 CYS n 
1 25 LYS n 
1 26 ASP n 
1 27 CYS n 
1 28 LYS n 
1 29 GLU n 
1 30 GLU n 
1 31 ILE n 
1 32 GLY n 
1 33 TYR n 
1 34 ASP n 
1 35 LEU n 
1 36 CYS n 
1 37 LYS n 
1 38 ASP n 
1 39 CYS n 
1 40 TYR n 
1 41 GLU n 
1 42 THR n 
1 43 PRO n 
1 44 SER n 
1 45 LYS n 
1 46 VAL n 
1 47 PRO n 
1 48 GLY n 
1 49 ARG n 
1 50 PHE n 
1 51 ASN n 
1 52 GLN n 
1 53 GLN n 
1 54 HIS n 
1 55 THR n 
1 56 PRO n 
1 57 ASP n 
1 58 HIS n 
1 59 ARG n 
1 60 LEU n 
1 61 GLU n 
1 62 LEU n 
1 63 ALA n 
1 64 ARG n 
# 
_entity_src_gen.entity_id                          1 
_entity_src_gen.pdbx_src_id                        1 
_entity_src_gen.pdbx_alt_source_flag               sample 
_entity_src_gen.pdbx_seq_type                      'Biological sequence' 
_entity_src_gen.pdbx_beg_seq_num                   1 
_entity_src_gen.pdbx_end_seq_num                   64 
_entity_src_gen.gene_src_common_name               'thale cress' 
_entity_src_gen.gene_src_genus                     ? 
_entity_src_gen.pdbx_gene_src_gene                 'PRT1, At3g24800, K7P8.9' 
_entity_src_gen.gene_src_species                   ? 
_entity_src_gen.gene_src_strain                    ? 
_entity_src_gen.gene_src_tissue                    ? 
_entity_src_gen.gene_src_tissue_fraction           ? 
_entity_src_gen.gene_src_details                   ? 
_entity_src_gen.pdbx_gene_src_fragment             ? 
_entity_src_gen.pdbx_gene_src_scientific_name      'Arabidopsis thaliana' 
_entity_src_gen.pdbx_gene_src_ncbi_taxonomy_id     3702 
_entity_src_gen.pdbx_gene_src_variant              ? 
_entity_src_gen.pdbx_gene_src_cell_line            ? 
_entity_src_gen.pdbx_gene_src_atcc                 ? 
_entity_src_gen.pdbx_gene_src_organ                ? 
_entity_src_gen.pdbx_gene_src_organelle            ? 
_entity_src_gen.pdbx_gene_src_cell                 ? 
_entity_src_gen.pdbx_gene_src_cellular_location    ? 
_entity_src_gen.host_org_common_name               ? 
_entity_src_gen.pdbx_host_org_scientific_name      'Escherichia coli BL21(DE3)' 
_entity_src_gen.pdbx_host_org_ncbi_taxonomy_id     469008 
_entity_src_gen.host_org_genus                     ? 
_entity_src_gen.pdbx_host_org_gene                 ? 
_entity_src_gen.pdbx_host_org_organ                ? 
_entity_src_gen.host_org_species                   ? 
_entity_src_gen.pdbx_host_org_tissue               ? 
_entity_src_gen.pdbx_host_org_tissue_fraction      ? 
_entity_src_gen.pdbx_host_org_strain               ? 
_entity_src_gen.pdbx_host_org_variant              ? 
_entity_src_gen.pdbx_host_org_cell_line            ? 
_entity_src_gen.pdbx_host_org_atcc                 ? 
_entity_src_gen.pdbx_host_org_culture_collection   ? 
_entity_src_gen.pdbx_host_org_cell                 ? 
_entity_src_gen.pdbx_host_org_organelle            ? 
_entity_src_gen.pdbx_host_org_cellular_location    ? 
_entity_src_gen.pdbx_host_org_vector_type          ? 
_entity_src_gen.pdbx_host_org_vector               ? 
_entity_src_gen.host_org_details                   ? 
_entity_src_gen.expression_system_id               ? 
_entity_src_gen.plasmid_name                       ? 
_entity_src_gen.plasmid_details                    ? 
_entity_src_gen.pdbx_description                   ? 
# 
loop_
_chem_comp.id 
_chem_comp.type 
_chem_comp.mon_nstd_flag 
_chem_comp.name 
_chem_comp.pdbx_synonyms 
_chem_comp.formula 
_chem_comp.formula_weight 
ALA 'L-peptide linking' y ALANINE         ? 'C3 H7 N O2'     89.093  
ARG 'L-peptide linking' y ARGININE        ? 'C6 H15 N4 O2 1' 175.209 
ASN 'L-peptide linking' y ASPARAGINE      ? 'C4 H8 N2 O3'    132.118 
ASP 'L-peptide linking' y 'ASPARTIC ACID' ? 'C4 H7 N O4'     133.103 
CYS 'L-peptide linking' y CYSTEINE        ? 'C3 H7 N O2 S'   121.158 
GLN 'L-peptide linking' y GLUTAMINE       ? 'C5 H10 N2 O3'   146.144 
GLU 'L-peptide linking' y 'GLUTAMIC ACID' ? 'C5 H9 N O4'     147.129 
GLY 'peptide linking'   y GLYCINE         ? 'C2 H5 N O2'     75.067  
HIS 'L-peptide linking' y HISTIDINE       ? 'C6 H10 N3 O2 1' 156.162 
HOH non-polymer         . WATER           ? 'H2 O'           18.015  
ILE 'L-peptide linking' y ISOLEUCINE      ? 'C6 H13 N O2'    131.173 
LEU 'L-peptide linking' y LEUCINE         ? 'C6 H13 N O2'    131.173 
LYS 'L-peptide linking' y LYSINE          ? 'C6 H15 N2 O2 1' 147.195 
PHE 'L-peptide linking' y PHENYLALANINE   ? 'C9 H11 N O2'    165.189 
PRO 'L-peptide linking' y PROLINE         ? 'C5 H9 N O2'     115.130 
SER 'L-peptide linking' y SERINE          ? 'C3 H7 N O3'     105.093 
THR 'L-peptide linking' y THREONINE       ? 'C4 H9 N O3'     119.119 
TYR 'L-peptide linking' y TYROSINE        ? 'C9 H11 N O3'    181.189 
VAL 'L-peptide linking' y VALINE          ? 'C5 H11 N O2'    117.146 
ZN  non-polymer         . 'ZINC ION'      ? 'Zn 2'           65.409  
# 
loop_
_pdbx_poly_seq_scheme.asym_id 
_pdbx_poly_seq_scheme.entity_id 
_pdbx_poly_seq_scheme.seq_id 
_pdbx_poly_seq_scheme.mon_id 
_pdbx_poly_seq_scheme.ndb_seq_num 
_pdbx_poly_seq_scheme.pdb_seq_num 
_pdbx_poly_seq_scheme.auth_seq_num 
_pdbx_poly_seq_scheme.pdb_mon_id 
_pdbx_poly_seq_scheme.auth_mon_id 
_pdbx_poly_seq_scheme.pdb_strand_id 
_pdbx_poly_seq_scheme.pdb_ins_code 
_pdbx_poly_seq_scheme.hetero 
A 1 1  SER 1  303 303 SER SER A . n 
A 1 2  ASN 2  304 304 ASN ASN A . n 
A 1 3  VAL 3  305 305 VAL VAL A . n 
A 1 4  HIS 4  306 306 HIS HIS A . n 
A 1 5  PHE 5  307 307 PHE PHE A . n 
A 1 6  GLY 6  308 308 GLY GLY A . n 
A 1 7  ALA 7  309 309 ALA ALA A . n 
A 1 8  GLY 8  310 310 GLY GLY A . n 
A 1 9  CYS 9  311 311 CYS CYS A . n 
A 1 10 ASP 10 312 312 ASP ASP A . n 
A 1 11 SER 11 313 313 SER SER A . n 
A 1 12 CYS 12 314 314 CYS CYS A . n 
A 1 13 GLY 13 315 315 GLY GLY A . n 
A 1 14 VAL 14 316 316 VAL VAL A . n 
A 1 15 TYR 15 317 317 TYR TYR A . n 
A 1 16 PRO 16 318 318 PRO PRO A . n 
A 1 17 ILE 17 319 319 ILE ILE A . n 
A 1 18 ILE 18 320 320 ILE ILE A . n 
A 1 19 GLY 19 321 321 GLY GLY A . n 
A 1 20 ASP 20 322 322 ASP ASP A . n 
A 1 21 ARG 21 323 323 ARG ARG A . n 
A 1 22 TYR 22 324 324 TYR TYR A . n 
A 1 23 ARG 23 325 325 ARG ARG A . n 
A 1 24 CYS 24 326 326 CYS CYS A . n 
A 1 25 LYS 25 327 327 LYS LYS A . n 
A 1 26 ASP 26 328 328 ASP ASP A . n 
A 1 27 CYS 27 329 329 CYS CYS A . n 
A 1 28 LYS 28 330 ?   ?   ?   A . n 
A 1 29 GLU 29 331 ?   ?   ?   A . n 
A 1 30 GLU 30 332 332 GLU GLU A . n 
A 1 31 ILE 31 333 333 ILE ILE A . n 
A 1 32 GLY 32 334 334 GLY GLY A . n 
A 1 33 TYR 33 335 335 TYR TYR A . n 
A 1 34 ASP 34 336 336 ASP ASP A . n 
A 1 35 LEU 35 337 337 LEU LEU A . n 
A 1 36 CYS 36 338 338 CYS CYS A . n 
A 1 37 LYS 37 339 339 LYS LYS A . n 
A 1 38 ASP 38 340 340 ASP ASP A . n 
A 1 39 CYS 39 341 341 CYS CYS A . n 
A 1 40 TYR 40 342 342 TYR TYR A . n 
A 1 41 GLU 41 343 343 GLU GLU A . n 
A 1 42 THR 42 344 344 THR THR A . n 
A 1 43 PRO 43 345 ?   ?   ?   A . n 
A 1 44 SER 44 346 346 SER SER A . n 
A 1 45 LYS 45 347 347 LYS LYS A . n 
A 1 46 VAL 46 348 ?   ?   ?   A . n 
A 1 47 PRO 47 349 349 PRO PRO A . n 
A 1 48 GLY 48 350 350 GLY GLY A . n 
A 1 49 ARG 49 351 351 ARG ARG A . n 
A 1 50 PHE 50 352 352 PHE ALA A . n 
A 1 51 ASN 51 353 ?   ?   ?   A . n 
A 1 52 GLN 52 354 354 GLN GLN A . n 
A 1 53 GLN 53 355 355 GLN GLN A . n 
A 1 54 HIS 54 356 356 HIS HIS A . n 
A 1 55 THR 55 357 357 THR THR A . n 
A 1 56 PRO 56 358 358 PRO PRO A . n 
A 1 57 ASP 57 359 359 ASP ASP A . n 
A 1 58 HIS 58 360 360 HIS HIS A . n 
A 1 59 ARG 59 361 361 ARG ARG A . n 
A 1 60 LEU 60 362 362 LEU LEU A . n 
A 1 61 GLU 61 363 363 GLU GLU A . n 
A 1 62 LEU 62 364 364 LEU LEU A . n 
A 1 63 ALA 63 365 365 ALA ALA A . n 
A 1 64 ARG 64 366 366 ARG ARG A . n 
# 
_pdbx_entity_instance_feature.ordinal        1 
_pdbx_entity_instance_feature.comp_id        ZN 
_pdbx_entity_instance_feature.asym_id        ? 
_pdbx_entity_instance_feature.seq_num        ? 
_pdbx_entity_instance_feature.auth_comp_id   ZN 
_pdbx_entity_instance_feature.auth_asym_id   ? 
_pdbx_entity_instance_feature.auth_seq_num   ? 
_pdbx_entity_instance_feature.feature_type   'SUBJECT OF INVESTIGATION' 
_pdbx_entity_instance_feature.details        ? 
# 
loop_
_pdbx_nonpoly_scheme.asym_id 
_pdbx_nonpoly_scheme.entity_id 
_pdbx_nonpoly_scheme.mon_id 
_pdbx_nonpoly_scheme.ndb_seq_num 
_pdbx_nonpoly_scheme.pdb_seq_num 
_pdbx_nonpoly_scheme.auth_seq_num 
_pdbx_nonpoly_scheme.pdb_mon_id 
_pdbx_nonpoly_scheme.auth_mon_id 
_pdbx_nonpoly_scheme.pdb_strand_id 
_pdbx_nonpoly_scheme.pdb_ins_code 
B 2 ZN  1  401 703 ZN  ZN  A . 
C 2 ZN  1  402 803 ZN  ZN  A . 
D 3 HOH 1  501 3   HOH HOH A . 
D 3 HOH 2  502 22  HOH HOH A . 
D 3 HOH 3  503 17  HOH HOH A . 
D 3 HOH 4  504 1   HOH HOH A . 
D 3 HOH 5  505 10  HOH HOH A . 
D 3 HOH 6  506 34  HOH HOH A . 
D 3 HOH 7  507 21  HOH HOH A . 
D 3 HOH 8  508 42  HOH HOH A . 
D 3 HOH 9  509 27  HOH HOH A . 
D 3 HOH 10 510 16  HOH HOH A . 
D 3 HOH 11 511 7   HOH HOH A . 
D 3 HOH 12 512 14  HOH HOH A . 
D 3 HOH 13 513 2   HOH HOH A . 
D 3 HOH 14 514 13  HOH HOH A . 
D 3 HOH 15 515 33  HOH HOH A . 
D 3 HOH 16 516 18  HOH HOH A . 
D 3 HOH 17 517 4   HOH HOH A . 
D 3 HOH 18 518 25  HOH HOH A . 
D 3 HOH 19 519 38  HOH HOH A . 
D 3 HOH 20 520 9   HOH HOH A . 
D 3 HOH 21 521 30  HOH HOH A . 
D 3 HOH 22 522 45  HOH HOH A . 
D 3 HOH 23 523 20  HOH HOH A . 
D 3 HOH 24 524 15  HOH HOH A . 
D 3 HOH 25 525 5   HOH HOH A . 
D 3 HOH 26 526 6   HOH HOH A . 
D 3 HOH 27 527 39  HOH HOH A . 
D 3 HOH 28 528 28  HOH HOH A . 
D 3 HOH 29 529 40  HOH HOH A . 
D 3 HOH 30 530 23  HOH HOH A . 
D 3 HOH 31 531 46  HOH HOH A . 
D 3 HOH 32 532 26  HOH HOH A . 
D 3 HOH 33 533 12  HOH HOH A . 
# 
loop_
_pdbx_unobs_or_zero_occ_atoms.id 
_pdbx_unobs_or_zero_occ_atoms.PDB_model_num 
_pdbx_unobs_or_zero_occ_atoms.polymer_flag 
_pdbx_unobs_or_zero_occ_atoms.occupancy_flag 
_pdbx_unobs_or_zero_occ_atoms.auth_asym_id 
_pdbx_unobs_or_zero_occ_atoms.auth_comp_id 
_pdbx_unobs_or_zero_occ_atoms.auth_seq_id 
_pdbx_unobs_or_zero_occ_atoms.PDB_ins_code 
_pdbx_unobs_or_zero_occ_atoms.auth_atom_id 
_pdbx_unobs_or_zero_occ_atoms.label_alt_id 
_pdbx_unobs_or_zero_occ_atoms.label_asym_id 
_pdbx_unobs_or_zero_occ_atoms.label_comp_id 
_pdbx_unobs_or_zero_occ_atoms.label_seq_id 
_pdbx_unobs_or_zero_occ_atoms.label_atom_id 
1 1 Y 1 A PHE 352 ? CG  ? A PHE 50 CG  
2 1 Y 1 A PHE 352 ? CD1 ? A PHE 50 CD1 
3 1 Y 1 A PHE 352 ? CD2 ? A PHE 50 CD2 
4 1 Y 1 A PHE 352 ? CE1 ? A PHE 50 CE1 
5 1 Y 1 A PHE 352 ? CE2 ? A PHE 50 CE2 
6 1 Y 1 A PHE 352 ? CZ  ? A PHE 50 CZ  
7 1 Y 1 A GLN 354 ? N   ? A GLN 52 N   
# 
loop_
_software.citation_id 
_software.classification 
_software.compiler_name 
_software.compiler_version 
_software.contact_author 
_software.contact_author_email 
_software.date 
_software.description 
_software.dependencies 
_software.hardware 
_software.language 
_software.location 
_software.mods 
_software.name 
_software.os 
_software.os_version 
_software.type 
_software.version 
_software.pdbx_ordinal 
? refinement       ? ? ? ? ? ? ? ? ? ? ? PHENIX ? ? ? 1.18rc7_3834 1 
? 'data reduction' ? ? ? ? ? ? ? ? ? ? ? XDS    ? ? ? .            2 
? 'data scaling'   ? ? ? ? ? ? ? ? ? ? ? XDS    ? ? ? .            3 
? phasing          ? ? ? ? ? ? ? ? ? ? ? PHENIX ? ? ? .            4 
# 
_cell.angle_alpha                  90.000 
_cell.angle_alpha_esd              ? 
_cell.angle_beta                   90.000 
_cell.angle_beta_esd               ? 
_cell.angle_gamma                  120.000 
_cell.angle_gamma_esd              ? 
_cell.entry_id                     8ZG8 
_cell.details                      ? 
_cell.formula_units_Z              ? 
_cell.length_a                     78.030 
_cell.length_a_esd                 ? 
_cell.length_b                     78.030 
_cell.length_b_esd                 ? 
_cell.length_c                     70.452 
_cell.length_c_esd                 ? 
_cell.volume                       371490.038 
_cell.volume_esd                   ? 
_cell.Z_PDB                        12 
_cell.reciprocal_angle_alpha       ? 
_cell.reciprocal_angle_beta        ? 
_cell.reciprocal_angle_gamma       ? 
_cell.reciprocal_angle_alpha_esd   ? 
_cell.reciprocal_angle_beta_esd    ? 
_cell.reciprocal_angle_gamma_esd   ? 
_cell.reciprocal_length_a          ? 
_cell.reciprocal_length_b          ? 
_cell.reciprocal_length_c          ? 
_cell.reciprocal_length_a_esd      ? 
_cell.reciprocal_length_b_esd      ? 
_cell.reciprocal_length_c_esd      ? 
_cell.pdbx_unique_axis             ? 
_cell.pdbx_esd_method              ? 
# 
_symmetry.entry_id                         8ZG8 
_symmetry.cell_setting                     ? 
_symmetry.Int_Tables_number                180 
_symmetry.space_group_name_Hall            'P 62 2 (x,y,z+1/3)' 
_symmetry.space_group_name_H-M             'P 62 2 2' 
_symmetry.pdbx_full_space_group_name_H-M   ? 
# 
_exptl.absorpt_coefficient_mu     ? 
_exptl.absorpt_correction_T_max   ? 
_exptl.absorpt_correction_T_min   ? 
_exptl.absorpt_correction_type    ? 
_exptl.absorpt_process_details    ? 
_exptl.entry_id                   8ZG8 
_exptl.crystals_number            1 
_exptl.details                    ? 
_exptl.method                     'X-RAY DIFFRACTION' 
_exptl.method_details             ? 
# 
_exptl_crystal.colour                       ? 
_exptl_crystal.density_diffrn               ? 
_exptl_crystal.density_Matthews             ? 
_exptl_crystal.density_method               ? 
_exptl_crystal.density_percent_sol          ? 
_exptl_crystal.description                  ? 
_exptl_crystal.F_000                        ? 
_exptl_crystal.id                           1 
_exptl_crystal.preparation                  ? 
_exptl_crystal.size_max                     ? 
_exptl_crystal.size_mid                     ? 
_exptl_crystal.size_min                     ? 
_exptl_crystal.size_rad                     ? 
_exptl_crystal.colour_lustre                ? 
_exptl_crystal.colour_modifier              ? 
_exptl_crystal.colour_primary               ? 
_exptl_crystal.density_meas                 ? 
_exptl_crystal.density_meas_esd             ? 
_exptl_crystal.density_meas_gt              ? 
_exptl_crystal.density_meas_lt              ? 
_exptl_crystal.density_meas_temp            ? 
_exptl_crystal.density_meas_temp_esd        ? 
_exptl_crystal.density_meas_temp_gt         ? 
_exptl_crystal.density_meas_temp_lt         ? 
_exptl_crystal.pdbx_crystal_image_url       ? 
_exptl_crystal.pdbx_crystal_image_format    ? 
_exptl_crystal.pdbx_mosaicity               ? 
_exptl_crystal.pdbx_mosaicity_esd           ? 
_exptl_crystal.pdbx_mosaic_method           ? 
_exptl_crystal.pdbx_mosaic_block_size       ? 
_exptl_crystal.pdbx_mosaic_block_size_esd   ? 
# 
_exptl_crystal_grow.apparatus       ? 
_exptl_crystal_grow.atmosphere      ? 
_exptl_crystal_grow.crystal_id      1 
_exptl_crystal_grow.details         ? 
_exptl_crystal_grow.method          'VAPOR DIFFUSION, HANGING DROP' 
_exptl_crystal_grow.method_ref      ? 
_exptl_crystal_grow.pH              ? 
_exptl_crystal_grow.pressure        ? 
_exptl_crystal_grow.pressure_esd    ? 
_exptl_crystal_grow.seeding         ? 
_exptl_crystal_grow.seeding_ref     ? 
_exptl_crystal_grow.temp_details    ? 
_exptl_crystal_grow.temp_esd        ? 
_exptl_crystal_grow.time            ? 
_exptl_crystal_grow.pdbx_details    '4 M sodium formate' 
_exptl_crystal_grow.pdbx_pH_range   ? 
_exptl_crystal_grow.temp            293 
# 
_diffrn.ambient_environment              ? 
_diffrn.ambient_temp                     100 
_diffrn.ambient_temp_details             ? 
_diffrn.ambient_temp_esd                 ? 
_diffrn.crystal_id                       1 
_diffrn.crystal_support                  ? 
_diffrn.crystal_treatment                ? 
_diffrn.details                          ? 
_diffrn.id                               1 
_diffrn.ambient_pressure                 ? 
_diffrn.ambient_pressure_esd             ? 
_diffrn.ambient_pressure_gt              ? 
_diffrn.ambient_pressure_lt              ? 
_diffrn.ambient_temp_gt                  ? 
_diffrn.ambient_temp_lt                  ? 
_diffrn.pdbx_serial_crystal_experiment   N 
# 
_diffrn_detector.details                      ? 
_diffrn_detector.detector                     PIXEL 
_diffrn_detector.diffrn_id                    1 
_diffrn_detector.type                         'DECTRIS EIGER X 16M' 
_diffrn_detector.area_resol_mean              ? 
_diffrn_detector.dtime                        ? 
_diffrn_detector.pdbx_frames_total            ? 
_diffrn_detector.pdbx_collection_time_total   ? 
_diffrn_detector.pdbx_collection_date         2020-07-17 
_diffrn_detector.pdbx_frequency               ? 
_diffrn_detector.id                           ? 
_diffrn_detector.number_of_axes               ? 
# 
_diffrn_radiation.collimation                      ? 
_diffrn_radiation.diffrn_id                        1 
_diffrn_radiation.filter_edge                      ? 
_diffrn_radiation.inhomogeneity                    ? 
_diffrn_radiation.monochromator                    ? 
_diffrn_radiation.polarisn_norm                    ? 
_diffrn_radiation.polarisn_ratio                   ? 
_diffrn_radiation.probe                            ? 
_diffrn_radiation.type                             ? 
_diffrn_radiation.xray_symbol                      ? 
_diffrn_radiation.wavelength_id                    1 
_diffrn_radiation.pdbx_monochromatic_or_laue_m_l   M 
_diffrn_radiation.pdbx_wavelength_list             ? 
_diffrn_radiation.pdbx_wavelength                  ? 
_diffrn_radiation.pdbx_diffrn_protocol             'SINGLE WAVELENGTH' 
_diffrn_radiation.pdbx_analyzer                    ? 
_diffrn_radiation.pdbx_scattering_type             x-ray 
# 
_diffrn_radiation_wavelength.id           1 
_diffrn_radiation_wavelength.wavelength   1.28 
_diffrn_radiation_wavelength.wt           1.0 
# 
_diffrn_source.current                     ? 
_diffrn_source.details                     ? 
_diffrn_source.diffrn_id                   1 
_diffrn_source.power                       ? 
_diffrn_source.size                        ? 
_diffrn_source.source                      SYNCHROTRON 
_diffrn_source.target                      ? 
_diffrn_source.type                        'SPRING-8 BEAMLINE BL44XU' 
_diffrn_source.voltage                     ? 
_diffrn_source.take-off_angle              ? 
_diffrn_source.pdbx_wavelength_list        1.28 
_diffrn_source.pdbx_wavelength             ? 
_diffrn_source.pdbx_synchrotron_beamline   BL44XU 
_diffrn_source.pdbx_synchrotron_site       SPring-8 
# 
_reflns.B_iso_Wilson_estimate                          31.87 
_reflns.entry_id                                       8ZG8 
_reflns.data_reduction_details                         ? 
_reflns.data_reduction_method                          ? 
_reflns.d_resolution_high                              1.744 
_reflns.d_resolution_low                               48.77 
_reflns.details                                        ? 
_reflns.limit_h_max                                    ? 
_reflns.limit_h_min                                    ? 
_reflns.limit_k_max                                    ? 
_reflns.limit_k_min                                    ? 
_reflns.limit_l_max                                    ? 
_reflns.limit_l_min                                    ? 
_reflns.number_all                                     ? 
_reflns.number_obs                                     13080 
_reflns.observed_criterion                             ? 
_reflns.observed_criterion_F_max                       ? 
_reflns.observed_criterion_F_min                       ? 
_reflns.observed_criterion_I_max                       ? 
_reflns.observed_criterion_I_min                       ? 
_reflns.observed_criterion_sigma_F                     ? 
_reflns.observed_criterion_sigma_I                     ? 
_reflns.percent_possible_obs                           97.24 
_reflns.R_free_details                                 ? 
_reflns.Rmerge_F_all                                   ? 
_reflns.Rmerge_F_obs                                   ? 
_reflns.Friedel_coverage                               ? 
_reflns.number_gt                                      ? 
_reflns.threshold_expression                           ? 
_reflns.pdbx_redundancy                                21.4 
_reflns.pdbx_netI_over_av_sigmaI                       ? 
_reflns.pdbx_netI_over_sigmaI                          32.13 
_reflns.pdbx_res_netI_over_av_sigmaI_2                 ? 
_reflns.pdbx_res_netI_over_sigmaI_2                    ? 
_reflns.pdbx_chi_squared                               ? 
_reflns.pdbx_scaling_rejects                           ? 
_reflns.pdbx_d_res_high_opt                            ? 
_reflns.pdbx_d_res_low_opt                             ? 
_reflns.pdbx_d_res_opt_method                          ? 
_reflns.phase_calculation_details                      ? 
_reflns.pdbx_Rrim_I_all                                0.08558 
_reflns.pdbx_Rpim_I_all                                0.01818 
_reflns.pdbx_d_opt                                     ? 
_reflns.pdbx_number_measured_all                       ? 
_reflns.pdbx_diffrn_id                                 1 
_reflns.pdbx_ordinal                                   1 
_reflns.pdbx_CC_half                                   1 
_reflns.pdbx_CC_star                                   1 
_reflns.pdbx_R_split                                   ? 
_reflns.pdbx_Rmerge_I_obs                              0.08357 
_reflns.pdbx_Rmerge_I_all                              ? 
_reflns.pdbx_Rsym_value                                ? 
_reflns.pdbx_CC_split_method                           ? 
_reflns.pdbx_aniso_diffraction_limit_axis_1_ortho[1]   ? 
_reflns.pdbx_aniso_diffraction_limit_axis_1_ortho[2]   ? 
_reflns.pdbx_aniso_diffraction_limit_axis_1_ortho[3]   ? 
_reflns.pdbx_aniso_diffraction_limit_axis_2_ortho[1]   ? 
_reflns.pdbx_aniso_diffraction_limit_axis_2_ortho[2]   ? 
_reflns.pdbx_aniso_diffraction_limit_axis_2_ortho[3]   ? 
_reflns.pdbx_aniso_diffraction_limit_axis_3_ortho[1]   ? 
_reflns.pdbx_aniso_diffraction_limit_axis_3_ortho[2]   ? 
_reflns.pdbx_aniso_diffraction_limit_axis_3_ortho[3]   ? 
_reflns.pdbx_aniso_diffraction_limit_1                 ? 
_reflns.pdbx_aniso_diffraction_limit_2                 ? 
_reflns.pdbx_aniso_diffraction_limit_3                 ? 
_reflns.pdbx_aniso_B_tensor_eigenvector_1_ortho[1]     ? 
_reflns.pdbx_aniso_B_tensor_eigenvector_1_ortho[2]     ? 
_reflns.pdbx_aniso_B_tensor_eigenvector_1_ortho[3]     ? 
_reflns.pdbx_aniso_B_tensor_eigenvector_2_ortho[1]     ? 
_reflns.pdbx_aniso_B_tensor_eigenvector_2_ortho[2]     ? 
_reflns.pdbx_aniso_B_tensor_eigenvector_2_ortho[3]     ? 
_reflns.pdbx_aniso_B_tensor_eigenvector_3_ortho[1]     ? 
_reflns.pdbx_aniso_B_tensor_eigenvector_3_ortho[2]     ? 
_reflns.pdbx_aniso_B_tensor_eigenvector_3_ortho[3]     ? 
_reflns.pdbx_aniso_B_tensor_eigenvalue_1               ? 
_reflns.pdbx_aniso_B_tensor_eigenvalue_2               ? 
_reflns.pdbx_aniso_B_tensor_eigenvalue_3               ? 
_reflns.pdbx_orthogonalization_convention              ? 
_reflns.pdbx_percent_possible_ellipsoidal              ? 
_reflns.pdbx_percent_possible_spherical                ? 
_reflns.pdbx_percent_possible_ellipsoidal_anomalous    ? 
_reflns.pdbx_percent_possible_spherical_anomalous      ? 
_reflns.pdbx_redundancy_anomalous                      ? 
_reflns.pdbx_CC_half_anomalous                         ? 
_reflns.pdbx_absDiff_over_sigma_anomalous              ? 
_reflns.pdbx_percent_possible_anomalous                ? 
_reflns.pdbx_observed_signal_threshold                 ? 
_reflns.pdbx_signal_type                               ? 
_reflns.pdbx_signal_details                            ? 
_reflns.pdbx_signal_software_id                        ? 
# 
_reflns_shell.d_res_high                                    1.744 
_reflns_shell.d_res_low                                     1.806 
_reflns_shell.meanI_over_sigI_all                           ? 
_reflns_shell.meanI_over_sigI_obs                           1.37 
_reflns_shell.number_measured_all                           ? 
_reflns_shell.number_measured_obs                           ? 
_reflns_shell.number_possible                               ? 
_reflns_shell.number_unique_all                             ? 
_reflns_shell.number_unique_obs                             1197 
_reflns_shell.percent_possible_obs                          ? 
_reflns_shell.Rmerge_F_all                                  ? 
_reflns_shell.Rmerge_F_obs                                  ? 
_reflns_shell.meanI_over_sigI_gt                            ? 
_reflns_shell.meanI_over_uI_all                             ? 
_reflns_shell.meanI_over_uI_gt                              ? 
_reflns_shell.number_measured_gt                            ? 
_reflns_shell.number_unique_gt                              ? 
_reflns_shell.percent_possible_gt                           ? 
_reflns_shell.Rmerge_F_gt                                   ? 
_reflns_shell.Rmerge_I_gt                                   ? 
_reflns_shell.pdbx_redundancy                               20.5 
_reflns_shell.pdbx_chi_squared                              ? 
_reflns_shell.pdbx_netI_over_sigmaI_all                     ? 
_reflns_shell.pdbx_netI_over_sigmaI_obs                     ? 
_reflns_shell.pdbx_Rrim_I_all                               2.212 
_reflns_shell.pdbx_Rpim_I_all                               0.4767 
_reflns_shell.pdbx_rejects                                  ? 
_reflns_shell.pdbx_ordinal                                  1 
_reflns_shell.pdbx_diffrn_id                                1 
_reflns_shell.pdbx_CC_half                                  0.65 
_reflns_shell.pdbx_CC_star                                  0.888 
_reflns_shell.pdbx_R_split                                  ? 
_reflns_shell.percent_possible_all                          90.92 
_reflns_shell.Rmerge_I_all                                  ? 
_reflns_shell.Rmerge_I_obs                                  2.158 
_reflns_shell.pdbx_Rsym_value                               ? 
_reflns_shell.pdbx_percent_possible_ellipsoidal             ? 
_reflns_shell.pdbx_percent_possible_spherical               ? 
_reflns_shell.pdbx_percent_possible_ellipsoidal_anomalous   ? 
_reflns_shell.pdbx_percent_possible_spherical_anomalous     ? 
_reflns_shell.pdbx_redundancy_anomalous                     ? 
_reflns_shell.pdbx_CC_half_anomalous                        ? 
_reflns_shell.pdbx_absDiff_over_sigma_anomalous             ? 
_reflns_shell.pdbx_percent_possible_anomalous               ? 
# 
_refine.aniso_B[1][1]                            ? 
_refine.aniso_B[1][2]                            ? 
_refine.aniso_B[1][3]                            ? 
_refine.aniso_B[2][2]                            ? 
_refine.aniso_B[2][3]                            ? 
_refine.aniso_B[3][3]                            ? 
_refine.B_iso_max                                ? 
_refine.B_iso_mean                               49.73 
_refine.B_iso_min                                ? 
_refine.correlation_coeff_Fo_to_Fc               ? 
_refine.correlation_coeff_Fo_to_Fc_free          ? 
_refine.details                                  ? 
_refine.diff_density_max                         ? 
_refine.diff_density_max_esd                     ? 
_refine.diff_density_min                         ? 
_refine.diff_density_min_esd                     ? 
_refine.diff_density_rms                         ? 
_refine.diff_density_rms_esd                     ? 
_refine.entry_id                                 8ZG8 
_refine.pdbx_refine_id                           'X-RAY DIFFRACTION' 
_refine.ls_abs_structure_details                 ? 
_refine.ls_abs_structure_Flack                   ? 
_refine.ls_abs_structure_Flack_esd               ? 
_refine.ls_abs_structure_Rogers                  ? 
_refine.ls_abs_structure_Rogers_esd              ? 
_refine.ls_d_res_high                            1.744 
_refine.ls_d_res_low                             48.77 
_refine.ls_extinction_coef                       ? 
_refine.ls_extinction_coef_esd                   ? 
_refine.ls_extinction_expression                 ? 
_refine.ls_extinction_method                     ? 
_refine.ls_goodness_of_fit_all                   ? 
_refine.ls_goodness_of_fit_all_esd               ? 
_refine.ls_goodness_of_fit_obs                   ? 
_refine.ls_goodness_of_fit_obs_esd               ? 
_refine.ls_hydrogen_treatment                    ? 
_refine.ls_matrix_type                           ? 
_refine.ls_number_constraints                    ? 
_refine.ls_number_parameters                     ? 
_refine.ls_number_reflns_all                     ? 
_refine.ls_number_reflns_obs                     13069 
_refine.ls_number_reflns_R_free                  2412 
_refine.ls_number_reflns_R_work                  21499 
_refine.ls_number_restraints                     ? 
_refine.ls_percent_reflns_obs                    97.56 
_refine.ls_percent_reflns_R_free                 10.09 
_refine.ls_R_factor_all                          ? 
_refine.ls_R_factor_obs                          0.2392 
_refine.ls_R_factor_R_free                       0.2786 
_refine.ls_R_factor_R_free_error                 ? 
_refine.ls_R_factor_R_free_error_details         ? 
_refine.ls_R_factor_R_work                       0.2350 
_refine.ls_R_Fsqd_factor_obs                     ? 
_refine.ls_R_I_factor_obs                        ? 
_refine.ls_redundancy_reflns_all                 ? 
_refine.ls_redundancy_reflns_obs                 ? 
_refine.ls_restrained_S_all                      ? 
_refine.ls_restrained_S_obs                      ? 
_refine.ls_shift_over_esd_max                    ? 
_refine.ls_shift_over_esd_mean                   ? 
_refine.ls_structure_factor_coef                 ? 
_refine.ls_weighting_details                     ? 
_refine.ls_weighting_scheme                      ? 
_refine.ls_wR_factor_all                         ? 
_refine.ls_wR_factor_obs                         ? 
_refine.ls_wR_factor_R_free                      ? 
_refine.ls_wR_factor_R_work                      ? 
_refine.occupancy_max                            ? 
_refine.occupancy_min                            ? 
_refine.solvent_model_details                    'FLAT BULK SOLVENT MODEL' 
_refine.solvent_model_param_bsol                 ? 
_refine.solvent_model_param_ksol                 ? 
_refine.pdbx_R_complete                          ? 
_refine.ls_R_factor_gt                           ? 
_refine.ls_goodness_of_fit_gt                    ? 
_refine.ls_goodness_of_fit_ref                   ? 
_refine.ls_shift_over_su_max                     ? 
_refine.ls_shift_over_su_max_lt                  ? 
_refine.ls_shift_over_su_mean                    ? 
_refine.ls_shift_over_su_mean_lt                 ? 
_refine.pdbx_ls_sigma_I                          ? 
_refine.pdbx_ls_sigma_F                          1.35 
_refine.pdbx_ls_sigma_Fsqd                       ? 
_refine.pdbx_data_cutoff_high_absF               ? 
_refine.pdbx_data_cutoff_high_rms_absF           ? 
_refine.pdbx_data_cutoff_low_absF                ? 
_refine.pdbx_isotropic_thermal_model             ? 
_refine.pdbx_ls_cross_valid_method               'FREE R-VALUE' 
_refine.pdbx_method_to_determine_struct          SAD 
_refine.pdbx_starting_model                      ? 
_refine.pdbx_stereochemistry_target_values       'GeoStd + Monomer Library + CDL v1.2' 
_refine.pdbx_R_Free_selection_details            ? 
_refine.pdbx_stereochem_target_val_spec_case     ? 
_refine.pdbx_overall_ESU_R                       ? 
_refine.pdbx_overall_ESU_R_Free                  ? 
_refine.pdbx_solvent_vdw_probe_radii             1.1100 
_refine.pdbx_solvent_ion_probe_radii             ? 
_refine.pdbx_solvent_shrinkage_radii             0.9000 
_refine.pdbx_real_space_R                        ? 
_refine.pdbx_density_correlation                 ? 
_refine.pdbx_pd_number_of_powder_patterns        ? 
_refine.pdbx_pd_number_of_points                 ? 
_refine.pdbx_pd_meas_number_of_points            ? 
_refine.pdbx_pd_proc_ls_prof_R_factor            ? 
_refine.pdbx_pd_proc_ls_prof_wR_factor           ? 
_refine.pdbx_pd_Marquardt_correlation_coeff      ? 
_refine.pdbx_pd_Fsqrd_R_factor                   ? 
_refine.pdbx_pd_ls_matrix_band_width             ? 
_refine.pdbx_overall_phase_error                 31.0206 
_refine.pdbx_overall_SU_R_free_Cruickshank_DPI   ? 
_refine.pdbx_overall_SU_R_free_Blow_DPI          ? 
_refine.pdbx_overall_SU_R_Blow_DPI               ? 
_refine.pdbx_TLS_residual_ADP_flag               ? 
_refine.pdbx_diffrn_id                           1 
_refine.overall_SU_B                             ? 
_refine.overall_SU_ML                            0.3038 
_refine.overall_SU_R_Cruickshank_DPI             ? 
_refine.overall_SU_R_free                        ? 
_refine.overall_FOM_free_R_set                   ? 
_refine.overall_FOM_work_R_set                   ? 
_refine.pdbx_average_fsc_overall                 ? 
_refine.pdbx_average_fsc_work                    ? 
_refine.pdbx_average_fsc_free                    ? 
# 
_refine_hist.pdbx_refine_id                   'X-RAY DIFFRACTION' 
_refine_hist.cycle_id                         LAST 
_refine_hist.details                          ? 
_refine_hist.d_res_high                       1.744 
_refine_hist.d_res_low                        48.77 
_refine_hist.number_atoms_solvent             33 
_refine_hist.number_atoms_total               496 
_refine_hist.number_reflns_all                ? 
_refine_hist.number_reflns_obs                ? 
_refine_hist.number_reflns_R_free             ? 
_refine_hist.number_reflns_R_work             ? 
_refine_hist.R_factor_all                     ? 
_refine_hist.R_factor_obs                     ? 
_refine_hist.R_factor_R_free                  ? 
_refine_hist.R_factor_R_work                  ? 
_refine_hist.pdbx_number_residues_total       ? 
_refine_hist.pdbx_B_iso_mean_ligand           ? 
_refine_hist.pdbx_B_iso_mean_solvent          ? 
_refine_hist.pdbx_number_atoms_protein        461 
_refine_hist.pdbx_number_atoms_nucleic_acid   0 
_refine_hist.pdbx_number_atoms_ligand         2 
_refine_hist.pdbx_number_atoms_lipid          ? 
_refine_hist.pdbx_number_atoms_carb           ? 
_refine_hist.pdbx_pseudo_atom_details         ? 
# 
loop_
_refine_ls_restr.pdbx_refine_id 
_refine_ls_restr.criterion 
_refine_ls_restr.dev_ideal 
_refine_ls_restr.dev_ideal_target 
_refine_ls_restr.number 
_refine_ls_restr.rejects 
_refine_ls_restr.type 
_refine_ls_restr.weight 
_refine_ls_restr.pdbx_restraint_function 
'X-RAY DIFFRACTION' ? 0.0196  ? 467 ? f_bond_d           ? ? 
'X-RAY DIFFRACTION' ? 1.7306  ? 620 ? f_angle_d          ? ? 
'X-RAY DIFFRACTION' ? 0.1161  ? 62  ? f_chiral_restr     ? ? 
'X-RAY DIFFRACTION' ? 0.0112  ? 81  ? f_plane_restr      ? ? 
'X-RAY DIFFRACTION' ? 23.2531 ? 63  ? f_dihedral_angle_d ? ? 
# 
loop_
_refine_ls_shell.pdbx_refine_id 
_refine_ls_shell.d_res_high 
_refine_ls_shell.d_res_low 
_refine_ls_shell.number_reflns_all 
_refine_ls_shell.number_reflns_obs 
_refine_ls_shell.number_reflns_R_free 
_refine_ls_shell.number_reflns_R_work 
_refine_ls_shell.percent_reflns_obs 
_refine_ls_shell.percent_reflns_R_free 
_refine_ls_shell.R_factor_all 
_refine_ls_shell.R_factor_obs 
_refine_ls_shell.R_factor_R_free_error 
_refine_ls_shell.R_factor_R_work 
_refine_ls_shell.redundancy_reflns_all 
_refine_ls_shell.redundancy_reflns_obs 
_refine_ls_shell.wR_factor_all 
_refine_ls_shell.wR_factor_obs 
_refine_ls_shell.wR_factor_R_free 
_refine_ls_shell.wR_factor_R_work 
_refine_ls_shell.pdbx_R_complete 
_refine_ls_shell.pdbx_total_number_of_bins_used 
_refine_ls_shell.pdbx_phase_error 
_refine_ls_shell.pdbx_fsc_work 
_refine_ls_shell.pdbx_fsc_free 
_refine_ls_shell.R_factor_R_free 
'X-RAY DIFFRACTION' 1.744 1.78  . . 136 1182 90.03 . . . . 0.3976 . . . . . . . . . . . 0.4517 
'X-RAY DIFFRACTION' 1.78  1.82  . . 131 1227 94.63 . . . . 0.3569 . . . . . . . . . . . 0.3813 
'X-RAY DIFFRACTION' 1.82  1.86  . . 142 1253 96.27 . . . . 0.2947 . . . . . . . . . . . 0.4273 
'X-RAY DIFFRACTION' 1.86  1.91  . . 144 1248 97.07 . . . . 0.2836 . . . . . . . . . . . 0.3263 
'X-RAY DIFFRACTION' 1.91  1.96  . . 140 1258 97.08 . . . . 0.2516 . . . . . . . . . . . 0.3731 
'X-RAY DIFFRACTION' 1.96  2.02  . . 143 1256 97.42 . . . . 0.2497 . . . . . . . . . . . 0.2420 
'X-RAY DIFFRACTION' 2.02  2.08  . . 138 1251 97.68 . . . . 0.2619 . . . . . . . . . . . 0.3061 
'X-RAY DIFFRACTION' 2.08  2.16  . . 144 1270 97.72 . . . . 0.2570 . . . . . . . . . . . 0.2774 
'X-RAY DIFFRACTION' 2.16  2.24  . . 144 1277 97.87 . . . . 0.2505 . . . . . . . . . . . 0.2839 
'X-RAY DIFFRACTION' 2.24  2.34  . . 144 1269 98.06 . . . . 0.2448 . . . . . . . . . . . 0.3047 
'X-RAY DIFFRACTION' 2.34  2.47  . . 139 1253 98.79 . . . . 0.2359 . . . . . . . . . . . 0.3598 
'X-RAY DIFFRACTION' 2.47  2.62  . . 144 1295 98.63 . . . . 0.2525 . . . . . . . . . . . 0.2573 
'X-RAY DIFFRACTION' 2.62  2.82  . . 145 1284 99.10 . . . . 0.2493 . . . . . . . . . . . 0.3195 
'X-RAY DIFFRACTION' 2.82  3.11  . . 150 1282 99.44 . . . . 0.2301 . . . . . . . . . . . 0.2964 
'X-RAY DIFFRACTION' 3.11  3.56  . . 145 1291 99.51 . . . . 0.2218 . . . . . . . . . . . 0.2231 
'X-RAY DIFFRACTION' 3.56  4.48  . . 143 1294 99.79 . . . . 0.1961 . . . . . . . . . . . 0.2492 
'X-RAY DIFFRACTION' 4.48  48.77 . . 140 1309 99.72 . . . . 0.2302 . . . . . . . . . . . 0.2612 
# 
_struct.entry_id                     8ZG8 
_struct.title                        'ZZ-domain of the Arabidopsis thaliana E3 ubiquitin-protein ligase PRT1' 
_struct.pdbx_model_details           ? 
_struct.pdbx_formula_weight          ? 
_struct.pdbx_formula_weight_method   ? 
_struct.pdbx_model_type_details      ? 
_struct.pdbx_CASP_flag               N 
# 
_struct_keywords.entry_id        8ZG8 
_struct_keywords.text            'Apo, ZZ-domain, Arabidopsis thaliana, PRT1, E3-ubiquitin ligase, LIGASE' 
_struct_keywords.pdbx_keywords   LIGASE 
# 
loop_
_struct_asym.id 
_struct_asym.pdbx_blank_PDB_chainid_flag 
_struct_asym.pdbx_modified 
_struct_asym.entity_id 
_struct_asym.details 
A N N 1 ? 
B N N 2 ? 
C N N 2 ? 
D N N 3 ? 
# 
_struct_ref.id                         1 
_struct_ref.db_name                    UNP 
_struct_ref.db_code                    PRT1_ARATH 
_struct_ref.pdbx_db_accession          Q8LBL5 
_struct_ref.pdbx_db_isoform            ? 
_struct_ref.entity_id                  1 
_struct_ref.pdbx_seq_one_letter_code   SNVHFGAGCDSCGVYPIIGDRYRCKDCKEEIGYDLCKDCYETPSKVPGRFNQQHTPDHRLELAR 
_struct_ref.pdbx_align_begin           303 
# 
_struct_ref_seq.align_id                      1 
_struct_ref_seq.ref_id                        1 
_struct_ref_seq.pdbx_PDB_id_code              8ZG8 
_struct_ref_seq.pdbx_strand_id                A 
_struct_ref_seq.seq_align_beg                 1 
_struct_ref_seq.pdbx_seq_align_beg_ins_code   ? 
_struct_ref_seq.seq_align_end                 64 
_struct_ref_seq.pdbx_seq_align_end_ins_code   ? 
_struct_ref_seq.pdbx_db_accession             Q8LBL5 
_struct_ref_seq.db_align_beg                  303 
_struct_ref_seq.pdbx_db_align_beg_ins_code    ? 
_struct_ref_seq.db_align_end                  366 
_struct_ref_seq.pdbx_db_align_end_ins_code    ? 
_struct_ref_seq.pdbx_auth_seq_align_beg       303 
_struct_ref_seq.pdbx_auth_seq_align_end       366 
# 
_pdbx_struct_assembly.id                   1 
_pdbx_struct_assembly.details              author_and_software_defined_assembly 
_pdbx_struct_assembly.method_details       PISA 
_pdbx_struct_assembly.oligomeric_details   monomeric 
_pdbx_struct_assembly.oligomeric_count     1 
# 
loop_
_pdbx_struct_assembly_prop.biol_id 
_pdbx_struct_assembly_prop.type 
_pdbx_struct_assembly_prop.value 
_pdbx_struct_assembly_prop.details 
1 'ABSA (A^2)' 0    ? 
1 MORE         0    ? 
1 'SSA (A^2)'  4270 ? 
# 
_pdbx_struct_assembly_gen.assembly_id       1 
_pdbx_struct_assembly_gen.oper_expression   1 
_pdbx_struct_assembly_gen.asym_id_list      A,B,C,D 
# 
_pdbx_struct_assembly_auth_evidence.id                     1 
_pdbx_struct_assembly_auth_evidence.assembly_id            1 
_pdbx_struct_assembly_auth_evidence.experimental_support   'gel filtration' 
_pdbx_struct_assembly_auth_evidence.details                ? 
# 
_pdbx_struct_oper_list.id                   1 
_pdbx_struct_oper_list.type                 'identity operation' 
_pdbx_struct_oper_list.name                 1_555 
_pdbx_struct_oper_list.symmetry_operation   x,y,z 
_pdbx_struct_oper_list.matrix[1][1]         1.0000000000 
_pdbx_struct_oper_list.matrix[1][2]         0.0000000000 
_pdbx_struct_oper_list.matrix[1][3]         0.0000000000 
_pdbx_struct_oper_list.vector[1]            0.0000000000 
_pdbx_struct_oper_list.matrix[2][1]         0.0000000000 
_pdbx_struct_oper_list.matrix[2][2]         1.0000000000 
_pdbx_struct_oper_list.matrix[2][3]         0.0000000000 
_pdbx_struct_oper_list.vector[2]            0.0000000000 
_pdbx_struct_oper_list.matrix[3][1]         0.0000000000 
_pdbx_struct_oper_list.matrix[3][2]         0.0000000000 
_pdbx_struct_oper_list.matrix[3][3]         1.0000000000 
_pdbx_struct_oper_list.vector[3]            0.0000000000 
# 
_struct_conf.conf_type_id            HELX_P 
_struct_conf.id                      HELX_P1 
_struct_conf.pdbx_PDB_helix_id       AA1 
_struct_conf.beg_label_comp_id       LYS 
_struct_conf.beg_label_asym_id       A 
_struct_conf.beg_label_seq_id        37 
_struct_conf.pdbx_beg_PDB_ins_code   ? 
_struct_conf.end_label_comp_id       GLU 
_struct_conf.end_label_asym_id       A 
_struct_conf.end_label_seq_id        41 
_struct_conf.pdbx_end_PDB_ins_code   ? 
_struct_conf.beg_auth_comp_id        LYS 
_struct_conf.beg_auth_asym_id        A 
_struct_conf.beg_auth_seq_id         339 
_struct_conf.end_auth_comp_id        GLU 
_struct_conf.end_auth_asym_id        A 
_struct_conf.end_auth_seq_id         343 
_struct_conf.pdbx_PDB_helix_class    1 
_struct_conf.details                 ? 
_struct_conf.pdbx_PDB_helix_length   5 
# 
_struct_conf_type.id          HELX_P 
_struct_conf_type.criteria    ? 
_struct_conf_type.reference   ? 
# 
loop_
_struct_conn.id 
_struct_conn.conn_type_id 
_struct_conn.pdbx_leaving_atom_flag 
_struct_conn.pdbx_PDB_id 
_struct_conn.ptnr1_label_asym_id 
_struct_conn.ptnr1_label_comp_id 
_struct_conn.ptnr1_label_seq_id 
_struct_conn.ptnr1_label_atom_id 
_struct_conn.pdbx_ptnr1_label_alt_id 
_struct_conn.pdbx_ptnr1_PDB_ins_code 
_struct_conn.pdbx_ptnr1_standard_comp_id 
_struct_conn.ptnr1_symmetry 
_struct_conn.ptnr2_label_asym_id 
_struct_conn.ptnr2_label_comp_id 
_struct_conn.ptnr2_label_seq_id 
_struct_conn.ptnr2_label_atom_id 
_struct_conn.pdbx_ptnr2_label_alt_id 
_struct_conn.pdbx_ptnr2_PDB_ins_code 
_struct_conn.ptnr1_auth_asym_id 
_struct_conn.ptnr1_auth_comp_id 
_struct_conn.ptnr1_auth_seq_id 
_struct_conn.ptnr2_auth_asym_id 
_struct_conn.ptnr2_auth_comp_id 
_struct_conn.ptnr2_auth_seq_id 
_struct_conn.ptnr2_symmetry 
_struct_conn.pdbx_ptnr3_label_atom_id 
_struct_conn.pdbx_ptnr3_label_seq_id 
_struct_conn.pdbx_ptnr3_label_comp_id 
_struct_conn.pdbx_ptnr3_label_asym_id 
_struct_conn.pdbx_ptnr3_label_alt_id 
_struct_conn.pdbx_ptnr3_PDB_ins_code 
_struct_conn.details 
_struct_conn.pdbx_dist_value 
_struct_conn.pdbx_value_order 
_struct_conn.pdbx_role 
metalc1 metalc ? ? A CYS 9  SG  ? ? ? 1_555 B ZN . ZN ? ? A CYS 311 A ZN 401 1_555 ? ? ? ? ? ? ? 2.273 ? ? 
metalc2 metalc ? ? A CYS 12 SG  ? ? ? 1_555 B ZN . ZN ? ? A CYS 314 A ZN 401 1_555 ? ? ? ? ? ? ? 2.323 ? ? 
metalc3 metalc ? ? A CYS 24 SG  ? ? ? 1_555 C ZN . ZN ? ? A CYS 326 A ZN 402 1_555 ? ? ? ? ? ? ? 2.315 ? ? 
metalc4 metalc ? ? A CYS 27 SG  ? ? ? 1_555 C ZN . ZN ? ? A CYS 329 A ZN 402 1_555 ? ? ? ? ? ? ? 2.313 ? ? 
metalc5 metalc ? ? A CYS 36 SG  ? ? ? 1_555 B ZN . ZN ? ? A CYS 338 A ZN 401 1_555 ? ? ? ? ? ? ? 2.333 ? ? 
metalc6 metalc ? ? A CYS 39 SG  ? ? ? 1_555 B ZN . ZN ? ? A CYS 341 A ZN 401 1_555 ? ? ? ? ? ? ? 2.356 ? ? 
metalc7 metalc ? ? A HIS 54 ND1 ? ? ? 1_555 C ZN . ZN ? ? A HIS 356 A ZN 402 1_555 ? ? ? ? ? ? ? 1.956 ? ? 
metalc8 metalc ? ? A HIS 58 ND1 ? ? ? 1_555 C ZN . ZN ? ? A HIS 360 A ZN 402 1_555 ? ? ? ? ? ? ? 2.023 ? ? 
# 
_struct_conn_type.id          metalc 
_struct_conn_type.criteria    ? 
_struct_conn_type.reference   ? 
# 
loop_
_pdbx_struct_conn_angle.id 
_pdbx_struct_conn_angle.ptnr1_label_atom_id 
_pdbx_struct_conn_angle.ptnr1_label_alt_id 
_pdbx_struct_conn_angle.ptnr1_label_asym_id 
_pdbx_struct_conn_angle.ptnr1_label_comp_id 
_pdbx_struct_conn_angle.ptnr1_label_seq_id 
_pdbx_struct_conn_angle.ptnr1_auth_atom_id 
_pdbx_struct_conn_angle.ptnr1_auth_asym_id 
_pdbx_struct_conn_angle.ptnr1_auth_comp_id 
_pdbx_struct_conn_angle.ptnr1_auth_seq_id 
_pdbx_struct_conn_angle.ptnr1_PDB_ins_code 
_pdbx_struct_conn_angle.ptnr1_symmetry 
_pdbx_struct_conn_angle.ptnr2_label_atom_id 
_pdbx_struct_conn_angle.ptnr2_label_alt_id 
_pdbx_struct_conn_angle.ptnr2_label_asym_id 
_pdbx_struct_conn_angle.ptnr2_label_comp_id 
_pdbx_struct_conn_angle.ptnr2_label_seq_id 
_pdbx_struct_conn_angle.ptnr2_auth_atom_id 
_pdbx_struct_conn_angle.ptnr2_auth_asym_id 
_pdbx_struct_conn_angle.ptnr2_auth_comp_id 
_pdbx_struct_conn_angle.ptnr2_auth_seq_id 
_pdbx_struct_conn_angle.ptnr2_PDB_ins_code 
_pdbx_struct_conn_angle.ptnr2_symmetry 
_pdbx_struct_conn_angle.ptnr3_label_atom_id 
_pdbx_struct_conn_angle.ptnr3_label_alt_id 
_pdbx_struct_conn_angle.ptnr3_label_asym_id 
_pdbx_struct_conn_angle.ptnr3_label_comp_id 
_pdbx_struct_conn_angle.ptnr3_label_seq_id 
_pdbx_struct_conn_angle.ptnr3_auth_atom_id 
_pdbx_struct_conn_angle.ptnr3_auth_asym_id 
_pdbx_struct_conn_angle.ptnr3_auth_comp_id 
_pdbx_struct_conn_angle.ptnr3_auth_seq_id 
_pdbx_struct_conn_angle.ptnr3_PDB_ins_code 
_pdbx_struct_conn_angle.ptnr3_symmetry 
_pdbx_struct_conn_angle.value 
_pdbx_struct_conn_angle.value_esd 
1  SG  ? A CYS 9  ? A CYS 311 ? 1_555 ZN ? B ZN . ? A ZN 401 ? 1_555 SG  ? A CYS 12 ? A CYS 314 ? 1_555 109.2 ? 
2  SG  ? A CYS 9  ? A CYS 311 ? 1_555 ZN ? B ZN . ? A ZN 401 ? 1_555 SG  ? A CYS 36 ? A CYS 338 ? 1_555 116.3 ? 
3  SG  ? A CYS 12 ? A CYS 314 ? 1_555 ZN ? B ZN . ? A ZN 401 ? 1_555 SG  ? A CYS 36 ? A CYS 338 ? 1_555 113.9 ? 
4  SG  ? A CYS 9  ? A CYS 311 ? 1_555 ZN ? B ZN . ? A ZN 401 ? 1_555 SG  ? A CYS 39 ? A CYS 341 ? 1_555 110.0 ? 
5  SG  ? A CYS 12 ? A CYS 314 ? 1_555 ZN ? B ZN . ? A ZN 401 ? 1_555 SG  ? A CYS 39 ? A CYS 341 ? 1_555 108.0 ? 
6  SG  ? A CYS 36 ? A CYS 338 ? 1_555 ZN ? B ZN . ? A ZN 401 ? 1_555 SG  ? A CYS 39 ? A CYS 341 ? 1_555 98.9  ? 
7  SG  ? A CYS 24 ? A CYS 326 ? 1_555 ZN ? C ZN . ? A ZN 402 ? 1_555 SG  ? A CYS 27 ? A CYS 329 ? 1_555 122.7 ? 
8  SG  ? A CYS 24 ? A CYS 326 ? 1_555 ZN ? C ZN . ? A ZN 402 ? 1_555 ND1 ? A HIS 54 ? A HIS 356 ? 1_555 105.1 ? 
9  SG  ? A CYS 27 ? A CYS 329 ? 1_555 ZN ? C ZN . ? A ZN 402 ? 1_555 ND1 ? A HIS 54 ? A HIS 356 ? 1_555 116.4 ? 
10 SG  ? A CYS 24 ? A CYS 326 ? 1_555 ZN ? C ZN . ? A ZN 402 ? 1_555 ND1 ? A HIS 58 ? A HIS 360 ? 1_555 101.4 ? 
11 SG  ? A CYS 27 ? A CYS 329 ? 1_555 ZN ? C ZN . ? A ZN 402 ? 1_555 ND1 ? A HIS 58 ? A HIS 360 ? 1_555 105.2 ? 
12 ND1 ? A HIS 54 ? A HIS 356 ? 1_555 ZN ? C ZN . ? A ZN 402 ? 1_555 ND1 ? A HIS 58 ? A HIS 360 ? 1_555 103.3 ? 
# 
_struct_mon_prot_cis.pdbx_id                1 
_struct_mon_prot_cis.label_comp_id          TYR 
_struct_mon_prot_cis.label_seq_id           15 
_struct_mon_prot_cis.label_asym_id          A 
_struct_mon_prot_cis.label_alt_id           . 
_struct_mon_prot_cis.pdbx_PDB_ins_code      ? 
_struct_mon_prot_cis.auth_comp_id           TYR 
_struct_mon_prot_cis.auth_seq_id            317 
_struct_mon_prot_cis.auth_asym_id           A 
_struct_mon_prot_cis.pdbx_label_comp_id_2   PRO 
_struct_mon_prot_cis.pdbx_label_seq_id_2    16 
_struct_mon_prot_cis.pdbx_label_asym_id_2   A 
_struct_mon_prot_cis.pdbx_PDB_ins_code_2    ? 
_struct_mon_prot_cis.pdbx_auth_comp_id_2    PRO 
_struct_mon_prot_cis.pdbx_auth_seq_id_2     318 
_struct_mon_prot_cis.pdbx_auth_asym_id_2    A 
_struct_mon_prot_cis.pdbx_PDB_model_num     1 
_struct_mon_prot_cis.pdbx_omega_angle       -16.24 
# 
loop_
_struct_sheet.id 
_struct_sheet.type 
_struct_sheet.number_strands 
_struct_sheet.details 
AA1 ? 2 ? 
AA2 ? 3 ? 
# 
loop_
_struct_sheet_order.sheet_id 
_struct_sheet_order.range_id_1 
_struct_sheet_order.range_id_2 
_struct_sheet_order.offset 
_struct_sheet_order.sense 
AA1 1 2 ? anti-parallel 
AA2 1 2 ? anti-parallel 
AA2 2 3 ? anti-parallel 
# 
loop_
_struct_sheet_range.sheet_id 
_struct_sheet_range.id 
_struct_sheet_range.beg_label_comp_id 
_struct_sheet_range.beg_label_asym_id 
_struct_sheet_range.beg_label_seq_id 
_struct_sheet_range.pdbx_beg_PDB_ins_code 
_struct_sheet_range.end_label_comp_id 
_struct_sheet_range.end_label_asym_id 
_struct_sheet_range.end_label_seq_id 
_struct_sheet_range.pdbx_end_PDB_ins_code 
_struct_sheet_range.beg_auth_comp_id 
_struct_sheet_range.beg_auth_asym_id 
_struct_sheet_range.beg_auth_seq_id 
_struct_sheet_range.end_auth_comp_id 
_struct_sheet_range.end_auth_asym_id 
_struct_sheet_range.end_auth_seq_id 
AA1 1 VAL A 3  ? HIS A 4  ? VAL A 305 HIS A 306 
AA1 2 ILE A 17 ? ILE A 18 ? ILE A 319 ILE A 320 
AA2 1 ASP A 34 ? CYS A 36 ? ASP A 336 CYS A 338 
AA2 2 ARG A 21 ? CYS A 24 ? ARG A 323 CYS A 326 
AA2 3 LEU A 60 ? LEU A 62 ? LEU A 362 LEU A 364 
# 
loop_
_pdbx_struct_sheet_hbond.sheet_id 
_pdbx_struct_sheet_hbond.range_id_1 
_pdbx_struct_sheet_hbond.range_id_2 
_pdbx_struct_sheet_hbond.range_1_label_atom_id 
_pdbx_struct_sheet_hbond.range_1_label_comp_id 
_pdbx_struct_sheet_hbond.range_1_label_asym_id 
_pdbx_struct_sheet_hbond.range_1_label_seq_id 
_pdbx_struct_sheet_hbond.range_1_PDB_ins_code 
_pdbx_struct_sheet_hbond.range_1_auth_atom_id 
_pdbx_struct_sheet_hbond.range_1_auth_comp_id 
_pdbx_struct_sheet_hbond.range_1_auth_asym_id 
_pdbx_struct_sheet_hbond.range_1_auth_seq_id 
_pdbx_struct_sheet_hbond.range_2_label_atom_id 
_pdbx_struct_sheet_hbond.range_2_label_comp_id 
_pdbx_struct_sheet_hbond.range_2_label_asym_id 
_pdbx_struct_sheet_hbond.range_2_label_seq_id 
_pdbx_struct_sheet_hbond.range_2_PDB_ins_code 
_pdbx_struct_sheet_hbond.range_2_auth_atom_id 
_pdbx_struct_sheet_hbond.range_2_auth_comp_id 
_pdbx_struct_sheet_hbond.range_2_auth_asym_id 
_pdbx_struct_sheet_hbond.range_2_auth_seq_id 
AA1 1 2 N HIS A 4  ? N HIS A 306 O ILE A 17 ? O ILE A 319 
AA2 1 2 O LEU A 35 ? O LEU A 337 N TYR A 22 ? N TYR A 324 
AA2 2 3 N ARG A 23 ? N ARG A 325 O GLU A 61 ? O GLU A 363 
# 
_pdbx_entry_details.entry_id                   8ZG8 
_pdbx_entry_details.nonpolymer_details         ? 
_pdbx_entry_details.sequence_details           ? 
_pdbx_entry_details.compound_details           ? 
_pdbx_entry_details.source_details             ? 
_pdbx_entry_details.has_ligand_of_interest     Y 
_pdbx_entry_details.has_protein_modification   N 
# 
_pdbx_struct_special_symmetry.id              1 
_pdbx_struct_special_symmetry.PDB_model_num   1 
_pdbx_struct_special_symmetry.auth_asym_id    A 
_pdbx_struct_special_symmetry.auth_comp_id    HOH 
_pdbx_struct_special_symmetry.auth_seq_id     514 
_pdbx_struct_special_symmetry.PDB_ins_code    ? 
_pdbx_struct_special_symmetry.label_asym_id   D 
_pdbx_struct_special_symmetry.label_comp_id   HOH 
_pdbx_struct_special_symmetry.label_seq_id    . 
# 
loop_
_pdbx_refine_tls.id 
_pdbx_refine_tls.pdbx_refine_id 
_pdbx_refine_tls.details 
_pdbx_refine_tls.method 
_pdbx_refine_tls.origin_x 
_pdbx_refine_tls.origin_y 
_pdbx_refine_tls.origin_z 
_pdbx_refine_tls.T[1][1] 
_pdbx_refine_tls.T[1][1]_esd 
_pdbx_refine_tls.T[1][2] 
_pdbx_refine_tls.T[1][2]_esd 
_pdbx_refine_tls.T[1][3] 
_pdbx_refine_tls.T[1][3]_esd 
_pdbx_refine_tls.T[2][2] 
_pdbx_refine_tls.T[2][2]_esd 
_pdbx_refine_tls.T[2][3] 
_pdbx_refine_tls.T[2][3]_esd 
_pdbx_refine_tls.T[3][3] 
_pdbx_refine_tls.T[3][3]_esd 
_pdbx_refine_tls.L[1][1] 
_pdbx_refine_tls.L[1][1]_esd 
_pdbx_refine_tls.L[1][2] 
_pdbx_refine_tls.L[1][2]_esd 
_pdbx_refine_tls.L[1][3] 
_pdbx_refine_tls.L[1][3]_esd 
_pdbx_refine_tls.L[2][2] 
_pdbx_refine_tls.L[2][2]_esd 
_pdbx_refine_tls.L[2][3] 
_pdbx_refine_tls.L[2][3]_esd 
_pdbx_refine_tls.L[3][3] 
_pdbx_refine_tls.L[3][3]_esd 
_pdbx_refine_tls.S[1][1] 
_pdbx_refine_tls.S[1][1]_esd 
_pdbx_refine_tls.S[1][2] 
_pdbx_refine_tls.S[1][2]_esd 
_pdbx_refine_tls.S[1][3] 
_pdbx_refine_tls.S[1][3]_esd 
_pdbx_refine_tls.S[2][1] 
_pdbx_refine_tls.S[2][1]_esd 
_pdbx_refine_tls.S[2][2] 
_pdbx_refine_tls.S[2][2]_esd 
_pdbx_refine_tls.S[2][3] 
_pdbx_refine_tls.S[2][3]_esd 
_pdbx_refine_tls.S[3][1] 
_pdbx_refine_tls.S[3][1]_esd 
_pdbx_refine_tls.S[3][2] 
_pdbx_refine_tls.S[3][2]_esd 
_pdbx_refine_tls.S[3][3] 
_pdbx_refine_tls.S[3][3]_esd 
1 'X-RAY DIFFRACTION' ? refined 4.28234805611  4.5854178354  1.5254546183  0.233379582027 ? 0.037159720098  ? -0.027086473289 ? 0.288800023236 ? 0.019160189209  ? 0.290998675339 ? 2.72683019170 ? 0.990007173290 ? 2.227366048004 ? 5.459480613581 ? 0.622179132004  ? 3.02034733896 ? 0.034675468384 ? 0.079400607932  ? -0.072111002762 ? -0.017181229597 ? 0.008323710419  ? 0.287059520262 ? -0.125887186965 ? -0.015866657231 ? -0.028280932760 ? 
2 'X-RAY DIFFRACTION' ? refined -2.23923348943 -0.8419909723 0.3393334354  0.28899188852  ? 0.073197693425  ? -0.051052825584 ? 0.31631699917  ? 0.014317108365  ? 0.371278979577 ? 6.34670585114 ? 1.556356221970 ? 3.629177415203 ? 8.26977372424  ? -0.373248788880 ? 5.4761128726  ? 0.259155534790 ? -0.141475240999 ? -0.499288452948 ? 0.297600606171  ? -0.035607361010 ? 0.661149630714 ? -0.016406698066 ? -0.449645726832 ? -0.139715987584 ? 
3 'X-RAY DIFFRACTION' ? refined -0.23557333232 -6.9070400755 -5.293665028  0.822119018023 ? 0.014244718708  ? -0.266816904195 ? 0.72334909040  ? -0.145632377314 ? 1.132124320284 ? 0.25504224581 ? -0.39550997390 ? 0.96553600355  ? 3.657648800821 ? -3.872978263708 ? 5.87486650354 ? 0.024137820762 ? -0.1459148596   ? -0.631263377390 ? -0.592603197868 ? -0.251619495940 ? 0.141854651171 ? -0.194999181475 ? -0.769855301000 ? 0.262348208945  ? 
4 'X-RAY DIFFRACTION' ? refined -7.6307348600  -1.266585293  -0.0349519610 0.435321030620 ? -0.042691655759 ? -0.219766809002 ? 0.456512636785 ? 0.122425091182  ? 0.790531080165 ? 2.53890336490 ? 1.14405113225  ? -2.14190636099 ? 8.47035145635  ? -1.730541341232 ? 4.21259637383 ? 0.117279486056 ? -0.56540474891  ? -0.87167235887  ? -0.298671245199 ? 0.212237335288  ? 1.285523677538 ? 0.343451391410  ? -0.967790737122 ? -0.356146089894 ? 
# 
loop_
_pdbx_refine_tls_group.id 
_pdbx_refine_tls_group.pdbx_refine_id 
_pdbx_refine_tls_group.refine_tls_id 
_pdbx_refine_tls_group.beg_label_asym_id 
_pdbx_refine_tls_group.beg_label_seq_id 
_pdbx_refine_tls_group.beg_auth_asym_id 
_pdbx_refine_tls_group.beg_auth_seq_id 
_pdbx_refine_tls_group.beg_PDB_ins_code 
_pdbx_refine_tls_group.end_label_asym_id 
_pdbx_refine_tls_group.end_label_seq_id 
_pdbx_refine_tls_group.end_auth_asym_id 
_pdbx_refine_tls_group.end_auth_seq_id 
_pdbx_refine_tls_group.end_PDB_ins_code 
_pdbx_refine_tls_group.selection 
_pdbx_refine_tls_group.selection_details 
1 'X-RAY DIFFRACTION' 1 A 1  A 303 ? A 24 A 326 ? ? 
;chain 'A' and (resid 303 through 326 )
;
2 'X-RAY DIFFRACTION' 2 A 25 A 327 ? A 38 A 342 ? ? 
;chain 'A' and (resid 327 through 342 )
;
3 'X-RAY DIFFRACTION' 3 A 39 A 343 ? A 47 A 354 ? ? 
;chain 'A' and (resid 343 through 354 )
;
4 'X-RAY DIFFRACTION' 4 A 48 A 355 ? A 59 A 366 ? ? 
;chain 'A' and (resid 355 through 366 )
;
# 
loop_
_pdbx_unobs_or_zero_occ_residues.id 
_pdbx_unobs_or_zero_occ_residues.PDB_model_num 
_pdbx_unobs_or_zero_occ_residues.polymer_flag 
_pdbx_unobs_or_zero_occ_residues.occupancy_flag 
_pdbx_unobs_or_zero_occ_residues.auth_asym_id 
_pdbx_unobs_or_zero_occ_residues.auth_comp_id 
_pdbx_unobs_or_zero_occ_residues.auth_seq_id 
_pdbx_unobs_or_zero_occ_residues.PDB_ins_code 
_pdbx_unobs_or_zero_occ_residues.label_asym_id 
_pdbx_unobs_or_zero_occ_residues.label_comp_id 
_pdbx_unobs_or_zero_occ_residues.label_seq_id 
1 1 Y 1 A LYS 330 ? A LYS 28 
2 1 Y 1 A GLU 331 ? A GLU 29 
3 1 Y 1 A PRO 345 ? A PRO 43 
4 1 Y 1 A VAL 348 ? A VAL 46 
5 1 Y 1 A ASN 353 ? A ASN 51 
# 
loop_
_chem_comp_atom.comp_id 
_chem_comp_atom.atom_id 
_chem_comp_atom.type_symbol 
_chem_comp_atom.pdbx_aromatic_flag 
_chem_comp_atom.pdbx_stereo_config 
_chem_comp_atom.pdbx_ordinal 
ALA N    N  N N 1   
ALA CA   C  N S 2   
ALA C    C  N N 3   
ALA O    O  N N 4   
ALA CB   C  N N 5   
ALA OXT  O  N N 6   
ALA H    H  N N 7   
ALA H2   H  N N 8   
ALA HA   H  N N 9   
ALA HB1  H  N N 10  
ALA HB2  H  N N 11  
ALA HB3  H  N N 12  
ALA HXT  H  N N 13  
ARG N    N  N N 14  
ARG CA   C  N S 15  
ARG C    C  N N 16  
ARG O    O  N N 17  
ARG CB   C  N N 18  
ARG CG   C  N N 19  
ARG CD   C  N N 20  
ARG NE   N  N N 21  
ARG CZ   C  N N 22  
ARG NH1  N  N N 23  
ARG NH2  N  N N 24  
ARG OXT  O  N N 25  
ARG H    H  N N 26  
ARG H2   H  N N 27  
ARG HA   H  N N 28  
ARG HB2  H  N N 29  
ARG HB3  H  N N 30  
ARG HG2  H  N N 31  
ARG HG3  H  N N 32  
ARG HD2  H  N N 33  
ARG HD3  H  N N 34  
ARG HE   H  N N 35  
ARG HH11 H  N N 36  
ARG HH12 H  N N 37  
ARG HH21 H  N N 38  
ARG HH22 H  N N 39  
ARG HXT  H  N N 40  
ASN N    N  N N 41  
ASN CA   C  N S 42  
ASN C    C  N N 43  
ASN O    O  N N 44  
ASN CB   C  N N 45  
ASN CG   C  N N 46  
ASN OD1  O  N N 47  
ASN ND2  N  N N 48  
ASN OXT  O  N N 49  
ASN H    H  N N 50  
ASN H2   H  N N 51  
ASN HA   H  N N 52  
ASN HB2  H  N N 53  
ASN HB3  H  N N 54  
ASN HD21 H  N N 55  
ASN HD22 H  N N 56  
ASN HXT  H  N N 57  
ASP N    N  N N 58  
ASP CA   C  N S 59  
ASP C    C  N N 60  
ASP O    O  N N 61  
ASP CB   C  N N 62  
ASP CG   C  N N 63  
ASP OD1  O  N N 64  
ASP OD2  O  N N 65  
ASP OXT  O  N N 66  
ASP H    H  N N 67  
ASP H2   H  N N 68  
ASP HA   H  N N 69  
ASP HB2  H  N N 70  
ASP HB3  H  N N 71  
ASP HD2  H  N N 72  
ASP HXT  H  N N 73  
CYS N    N  N N 74  
CYS CA   C  N R 75  
CYS C    C  N N 76  
CYS O    O  N N 77  
CYS CB   C  N N 78  
CYS SG   S  N N 79  
CYS OXT  O  N N 80  
CYS H    H  N N 81  
CYS H2   H  N N 82  
CYS HA   H  N N 83  
CYS HB2  H  N N 84  
CYS HB3  H  N N 85  
CYS HG   H  N N 86  
CYS HXT  H  N N 87  
GLN N    N  N N 88  
GLN CA   C  N S 89  
GLN C    C  N N 90  
GLN O    O  N N 91  
GLN CB   C  N N 92  
GLN CG   C  N N 93  
GLN CD   C  N N 94  
GLN OE1  O  N N 95  
GLN NE2  N  N N 96  
GLN OXT  O  N N 97  
GLN H    H  N N 98  
GLN H2   H  N N 99  
GLN HA   H  N N 100 
GLN HB2  H  N N 101 
GLN HB3  H  N N 102 
GLN HG2  H  N N 103 
GLN HG3  H  N N 104 
GLN HE21 H  N N 105 
GLN HE22 H  N N 106 
GLN HXT  H  N N 107 
GLU N    N  N N 108 
GLU CA   C  N S 109 
GLU C    C  N N 110 
GLU O    O  N N 111 
GLU CB   C  N N 112 
GLU CG   C  N N 113 
GLU CD   C  N N 114 
GLU OE1  O  N N 115 
GLU OE2  O  N N 116 
GLU OXT  O  N N 117 
GLU H    H  N N 118 
GLU H2   H  N N 119 
GLU HA   H  N N 120 
GLU HB2  H  N N 121 
GLU HB3  H  N N 122 
GLU HG2  H  N N 123 
GLU HG3  H  N N 124 
GLU HE2  H  N N 125 
GLU HXT  H  N N 126 
GLY N    N  N N 127 
GLY CA   C  N N 128 
GLY C    C  N N 129 
GLY O    O  N N 130 
GLY OXT  O  N N 131 
GLY H    H  N N 132 
GLY H2   H  N N 133 
GLY HA2  H  N N 134 
GLY HA3  H  N N 135 
GLY HXT  H  N N 136 
HIS N    N  N N 137 
HIS CA   C  N S 138 
HIS C    C  N N 139 
HIS O    O  N N 140 
HIS CB   C  N N 141 
HIS CG   C  Y N 142 
HIS ND1  N  Y N 143 
HIS CD2  C  Y N 144 
HIS CE1  C  Y N 145 
HIS NE2  N  Y N 146 
HIS OXT  O  N N 147 
HIS H    H  N N 148 
HIS H2   H  N N 149 
HIS HA   H  N N 150 
HIS HB2  H  N N 151 
HIS HB3  H  N N 152 
HIS HD1  H  N N 153 
HIS HD2  H  N N 154 
HIS HE1  H  N N 155 
HIS HE2  H  N N 156 
HIS HXT  H  N N 157 
HOH O    O  N N 158 
HOH H1   H  N N 159 
HOH H2   H  N N 160 
ILE N    N  N N 161 
ILE CA   C  N S 162 
ILE C    C  N N 163 
ILE O    O  N N 164 
ILE CB   C  N S 165 
ILE CG1  C  N N 166 
ILE CG2  C  N N 167 
ILE CD1  C  N N 168 
ILE OXT  O  N N 169 
ILE H    H  N N 170 
ILE H2   H  N N 171 
ILE HA   H  N N 172 
ILE HB   H  N N 173 
ILE HG12 H  N N 174 
ILE HG13 H  N N 175 
ILE HG21 H  N N 176 
ILE HG22 H  N N 177 
ILE HG23 H  N N 178 
ILE HD11 H  N N 179 
ILE HD12 H  N N 180 
ILE HD13 H  N N 181 
ILE HXT  H  N N 182 
LEU N    N  N N 183 
LEU CA   C  N S 184 
LEU C    C  N N 185 
LEU O    O  N N 186 
LEU CB   C  N N 187 
LEU CG   C  N N 188 
LEU CD1  C  N N 189 
LEU CD2  C  N N 190 
LEU OXT  O  N N 191 
LEU H    H  N N 192 
LEU H2   H  N N 193 
LEU HA   H  N N 194 
LEU HB2  H  N N 195 
LEU HB3  H  N N 196 
LEU HG   H  N N 197 
LEU HD11 H  N N 198 
LEU HD12 H  N N 199 
LEU HD13 H  N N 200 
LEU HD21 H  N N 201 
LEU HD22 H  N N 202 
LEU HD23 H  N N 203 
LEU HXT  H  N N 204 
LYS N    N  N N 205 
LYS CA   C  N S 206 
LYS C    C  N N 207 
LYS O    O  N N 208 
LYS CB   C  N N 209 
LYS CG   C  N N 210 
LYS CD   C  N N 211 
LYS CE   C  N N 212 
LYS NZ   N  N N 213 
LYS OXT  O  N N 214 
LYS H    H  N N 215 
LYS H2   H  N N 216 
LYS HA   H  N N 217 
LYS HB2  H  N N 218 
LYS HB3  H  N N 219 
LYS HG2  H  N N 220 
LYS HG3  H  N N 221 
LYS HD2  H  N N 222 
LYS HD3  H  N N 223 
LYS HE2  H  N N 224 
LYS HE3  H  N N 225 
LYS HZ1  H  N N 226 
LYS HZ2  H  N N 227 
LYS HZ3  H  N N 228 
LYS HXT  H  N N 229 
PHE N    N  N N 230 
PHE CA   C  N S 231 
PHE C    C  N N 232 
PHE O    O  N N 233 
PHE CB   C  N N 234 
PHE CG   C  Y N 235 
PHE CD1  C  Y N 236 
PHE CD2  C  Y N 237 
PHE CE1  C  Y N 238 
PHE CE2  C  Y N 239 
PHE CZ   C  Y N 240 
PHE OXT  O  N N 241 
PHE H    H  N N 242 
PHE H2   H  N N 243 
PHE HA   H  N N 244 
PHE HB2  H  N N 245 
PHE HB3  H  N N 246 
PHE HD1  H  N N 247 
PHE HD2  H  N N 248 
PHE HE1  H  N N 249 
PHE HE2  H  N N 250 
PHE HZ   H  N N 251 
PHE HXT  H  N N 252 
PRO N    N  N N 253 
PRO CA   C  N S 254 
PRO C    C  N N 255 
PRO O    O  N N 256 
PRO CB   C  N N 257 
PRO CG   C  N N 258 
PRO CD   C  N N 259 
PRO OXT  O  N N 260 
PRO H    H  N N 261 
PRO HA   H  N N 262 
PRO HB2  H  N N 263 
PRO HB3  H  N N 264 
PRO HG2  H  N N 265 
PRO HG3  H  N N 266 
PRO HD2  H  N N 267 
PRO HD3  H  N N 268 
PRO HXT  H  N N 269 
SER N    N  N N 270 
SER CA   C  N S 271 
SER C    C  N N 272 
SER O    O  N N 273 
SER CB   C  N N 274 
SER OG   O  N N 275 
SER OXT  O  N N 276 
SER H    H  N N 277 
SER H2   H  N N 278 
SER HA   H  N N 279 
SER HB2  H  N N 280 
SER HB3  H  N N 281 
SER HG   H  N N 282 
SER HXT  H  N N 283 
THR N    N  N N 284 
THR CA   C  N S 285 
THR C    C  N N 286 
THR O    O  N N 287 
THR CB   C  N R 288 
THR OG1  O  N N 289 
THR CG2  C  N N 290 
THR OXT  O  N N 291 
THR H    H  N N 292 
THR H2   H  N N 293 
THR HA   H  N N 294 
THR HB   H  N N 295 
THR HG1  H  N N 296 
THR HG21 H  N N 297 
THR HG22 H  N N 298 
THR HG23 H  N N 299 
THR HXT  H  N N 300 
TYR N    N  N N 301 
TYR CA   C  N S 302 
TYR C    C  N N 303 
TYR O    O  N N 304 
TYR CB   C  N N 305 
TYR CG   C  Y N 306 
TYR CD1  C  Y N 307 
TYR CD2  C  Y N 308 
TYR CE1  C  Y N 309 
TYR CE2  C  Y N 310 
TYR CZ   C  Y N 311 
TYR OH   O  N N 312 
TYR OXT  O  N N 313 
TYR H    H  N N 314 
TYR H2   H  N N 315 
TYR HA   H  N N 316 
TYR HB2  H  N N 317 
TYR HB3  H  N N 318 
TYR HD1  H  N N 319 
TYR HD2  H  N N 320 
TYR HE1  H  N N 321 
TYR HE2  H  N N 322 
TYR HH   H  N N 323 
TYR HXT  H  N N 324 
VAL N    N  N N 325 
VAL CA   C  N S 326 
VAL C    C  N N 327 
VAL O    O  N N 328 
VAL CB   C  N N 329 
VAL CG1  C  N N 330 
VAL CG2  C  N N 331 
VAL OXT  O  N N 332 
VAL H    H  N N 333 
VAL H2   H  N N 334 
VAL HA   H  N N 335 
VAL HB   H  N N 336 
VAL HG11 H  N N 337 
VAL HG12 H  N N 338 
VAL HG13 H  N N 339 
VAL HG21 H  N N 340 
VAL HG22 H  N N 341 
VAL HG23 H  N N 342 
VAL HXT  H  N N 343 
ZN  ZN   ZN N N 344 
# 
loop_
_chem_comp_bond.comp_id 
_chem_comp_bond.atom_id_1 
_chem_comp_bond.atom_id_2 
_chem_comp_bond.value_order 
_chem_comp_bond.pdbx_aromatic_flag 
_chem_comp_bond.pdbx_stereo_config 
_chem_comp_bond.pdbx_ordinal 
ALA N   CA   sing N N 1   
ALA N   H    sing N N 2   
ALA N   H2   sing N N 3   
ALA CA  C    sing N N 4   
ALA CA  CB   sing N N 5   
ALA CA  HA   sing N N 6   
ALA C   O    doub N N 7   
ALA C   OXT  sing N N 8   
ALA CB  HB1  sing N N 9   
ALA CB  HB2  sing N N 10  
ALA CB  HB3  sing N N 11  
ALA OXT HXT  sing N N 12  
ARG N   CA   sing N N 13  
ARG N   H    sing N N 14  
ARG N   H2   sing N N 15  
ARG CA  C    sing N N 16  
ARG CA  CB   sing N N 17  
ARG CA  HA   sing N N 18  
ARG C   O    doub N N 19  
ARG C   OXT  sing N N 20  
ARG CB  CG   sing N N 21  
ARG CB  HB2  sing N N 22  
ARG CB  HB3  sing N N 23  
ARG CG  CD   sing N N 24  
ARG CG  HG2  sing N N 25  
ARG CG  HG3  sing N N 26  
ARG CD  NE   sing N N 27  
ARG CD  HD2  sing N N 28  
ARG CD  HD3  sing N N 29  
ARG NE  CZ   sing N N 30  
ARG NE  HE   sing N N 31  
ARG CZ  NH1  sing N N 32  
ARG CZ  NH2  doub N N 33  
ARG NH1 HH11 sing N N 34  
ARG NH1 HH12 sing N N 35  
ARG NH2 HH21 sing N N 36  
ARG NH2 HH22 sing N N 37  
ARG OXT HXT  sing N N 38  
ASN N   CA   sing N N 39  
ASN N   H    sing N N 40  
ASN N   H2   sing N N 41  
ASN CA  C    sing N N 42  
ASN CA  CB   sing N N 43  
ASN CA  HA   sing N N 44  
ASN C   O    doub N N 45  
ASN C   OXT  sing N N 46  
ASN CB  CG   sing N N 47  
ASN CB  HB2  sing N N 48  
ASN CB  HB3  sing N N 49  
ASN CG  OD1  doub N N 50  
ASN CG  ND2  sing N N 51  
ASN ND2 HD21 sing N N 52  
ASN ND2 HD22 sing N N 53  
ASN OXT HXT  sing N N 54  
ASP N   CA   sing N N 55  
ASP N   H    sing N N 56  
ASP N   H2   sing N N 57  
ASP CA  C    sing N N 58  
ASP CA  CB   sing N N 59  
ASP CA  HA   sing N N 60  
ASP C   O    doub N N 61  
ASP C   OXT  sing N N 62  
ASP CB  CG   sing N N 63  
ASP CB  HB2  sing N N 64  
ASP CB  HB3  sing N N 65  
ASP CG  OD1  doub N N 66  
ASP CG  OD2  sing N N 67  
ASP OD2 HD2  sing N N 68  
ASP OXT HXT  sing N N 69  
CYS N   CA   sing N N 70  
CYS N   H    sing N N 71  
CYS N   H2   sing N N 72  
CYS CA  C    sing N N 73  
CYS CA  CB   sing N N 74  
CYS CA  HA   sing N N 75  
CYS C   O    doub N N 76  
CYS C   OXT  sing N N 77  
CYS CB  SG   sing N N 78  
CYS CB  HB2  sing N N 79  
CYS CB  HB3  sing N N 80  
CYS SG  HG   sing N N 81  
CYS OXT HXT  sing N N 82  
GLN N   CA   sing N N 83  
GLN N   H    sing N N 84  
GLN N   H2   sing N N 85  
GLN CA  C    sing N N 86  
GLN CA  CB   sing N N 87  
GLN CA  HA   sing N N 88  
GLN C   O    doub N N 89  
GLN C   OXT  sing N N 90  
GLN CB  CG   sing N N 91  
GLN CB  HB2  sing N N 92  
GLN CB  HB3  sing N N 93  
GLN CG  CD   sing N N 94  
GLN CG  HG2  sing N N 95  
GLN CG  HG3  sing N N 96  
GLN CD  OE1  doub N N 97  
GLN CD  NE2  sing N N 98  
GLN NE2 HE21 sing N N 99  
GLN NE2 HE22 sing N N 100 
GLN OXT HXT  sing N N 101 
GLU N   CA   sing N N 102 
GLU N   H    sing N N 103 
GLU N   H2   sing N N 104 
GLU CA  C    sing N N 105 
GLU CA  CB   sing N N 106 
GLU CA  HA   sing N N 107 
GLU C   O    doub N N 108 
GLU C   OXT  sing N N 109 
GLU CB  CG   sing N N 110 
GLU CB  HB2  sing N N 111 
GLU CB  HB3  sing N N 112 
GLU CG  CD   sing N N 113 
GLU CG  HG2  sing N N 114 
GLU CG  HG3  sing N N 115 
GLU CD  OE1  doub N N 116 
GLU CD  OE2  sing N N 117 
GLU OE2 HE2  sing N N 118 
GLU OXT HXT  sing N N 119 
GLY N   CA   sing N N 120 
GLY N   H    sing N N 121 
GLY N   H2   sing N N 122 
GLY CA  C    sing N N 123 
GLY CA  HA2  sing N N 124 
GLY CA  HA3  sing N N 125 
GLY C   O    doub N N 126 
GLY C   OXT  sing N N 127 
GLY OXT HXT  sing N N 128 
HIS N   CA   sing N N 129 
HIS N   H    sing N N 130 
HIS N   H2   sing N N 131 
HIS CA  C    sing N N 132 
HIS CA  CB   sing N N 133 
HIS CA  HA   sing N N 134 
HIS C   O    doub N N 135 
HIS C   OXT  sing N N 136 
HIS CB  CG   sing N N 137 
HIS CB  HB2  sing N N 138 
HIS CB  HB3  sing N N 139 
HIS CG  ND1  sing Y N 140 
HIS CG  CD2  doub Y N 141 
HIS ND1 CE1  doub Y N 142 
HIS ND1 HD1  sing N N 143 
HIS CD2 NE2  sing Y N 144 
HIS CD2 HD2  sing N N 145 
HIS CE1 NE2  sing Y N 146 
HIS CE1 HE1  sing N N 147 
HIS NE2 HE2  sing N N 148 
HIS OXT HXT  sing N N 149 
HOH O   H1   sing N N 150 
HOH O   H2   sing N N 151 
ILE N   CA   sing N N 152 
ILE N   H    sing N N 153 
ILE N   H2   sing N N 154 
ILE CA  C    sing N N 155 
ILE CA  CB   sing N N 156 
ILE CA  HA   sing N N 157 
ILE C   O    doub N N 158 
ILE C   OXT  sing N N 159 
ILE CB  CG1  sing N N 160 
ILE CB  CG2  sing N N 161 
ILE CB  HB   sing N N 162 
ILE CG1 CD1  sing N N 163 
ILE CG1 HG12 sing N N 164 
ILE CG1 HG13 sing N N 165 
ILE CG2 HG21 sing N N 166 
ILE CG2 HG22 sing N N 167 
ILE CG2 HG23 sing N N 168 
ILE CD1 HD11 sing N N 169 
ILE CD1 HD12 sing N N 170 
ILE CD1 HD13 sing N N 171 
ILE OXT HXT  sing N N 172 
LEU N   CA   sing N N 173 
LEU N   H    sing N N 174 
LEU N   H2   sing N N 175 
LEU CA  C    sing N N 176 
LEU CA  CB   sing N N 177 
LEU CA  HA   sing N N 178 
LEU C   O    doub N N 179 
LEU C   OXT  sing N N 180 
LEU CB  CG   sing N N 181 
LEU CB  HB2  sing N N 182 
LEU CB  HB3  sing N N 183 
LEU CG  CD1  sing N N 184 
LEU CG  CD2  sing N N 185 
LEU CG  HG   sing N N 186 
LEU CD1 HD11 sing N N 187 
LEU CD1 HD12 sing N N 188 
LEU CD1 HD13 sing N N 189 
LEU CD2 HD21 sing N N 190 
LEU CD2 HD22 sing N N 191 
LEU CD2 HD23 sing N N 192 
LEU OXT HXT  sing N N 193 
LYS N   CA   sing N N 194 
LYS N   H    sing N N 195 
LYS N   H2   sing N N 196 
LYS CA  C    sing N N 197 
LYS CA  CB   sing N N 198 
LYS CA  HA   sing N N 199 
LYS C   O    doub N N 200 
LYS C   OXT  sing N N 201 
LYS CB  CG   sing N N 202 
LYS CB  HB2  sing N N 203 
LYS CB  HB3  sing N N 204 
LYS CG  CD   sing N N 205 
LYS CG  HG2  sing N N 206 
LYS CG  HG3  sing N N 207 
LYS CD  CE   sing N N 208 
LYS CD  HD2  sing N N 209 
LYS CD  HD3  sing N N 210 
LYS CE  NZ   sing N N 211 
LYS CE  HE2  sing N N 212 
LYS CE  HE3  sing N N 213 
LYS NZ  HZ1  sing N N 214 
LYS NZ  HZ2  sing N N 215 
LYS NZ  HZ3  sing N N 216 
LYS OXT HXT  sing N N 217 
PHE N   CA   sing N N 218 
PHE N   H    sing N N 219 
PHE N   H2   sing N N 220 
PHE CA  C    sing N N 221 
PHE CA  CB   sing N N 222 
PHE CA  HA   sing N N 223 
PHE C   O    doub N N 224 
PHE C   OXT  sing N N 225 
PHE CB  CG   sing N N 226 
PHE CB  HB2  sing N N 227 
PHE CB  HB3  sing N N 228 
PHE CG  CD1  doub Y N 229 
PHE CG  CD2  sing Y N 230 
PHE CD1 CE1  sing Y N 231 
PHE CD1 HD1  sing N N 232 
PHE CD2 CE2  doub Y N 233 
PHE CD2 HD2  sing N N 234 
PHE CE1 CZ   doub Y N 235 
PHE CE1 HE1  sing N N 236 
PHE CE2 CZ   sing Y N 237 
PHE CE2 HE2  sing N N 238 
PHE CZ  HZ   sing N N 239 
PHE OXT HXT  sing N N 240 
PRO N   CA   sing N N 241 
PRO N   CD   sing N N 242 
PRO N   H    sing N N 243 
PRO CA  C    sing N N 244 
PRO CA  CB   sing N N 245 
PRO CA  HA   sing N N 246 
PRO C   O    doub N N 247 
PRO C   OXT  sing N N 248 
PRO CB  CG   sing N N 249 
PRO CB  HB2  sing N N 250 
PRO CB  HB3  sing N N 251 
PRO CG  CD   sing N N 252 
PRO CG  HG2  sing N N 253 
PRO CG  HG3  sing N N 254 
PRO CD  HD2  sing N N 255 
PRO CD  HD3  sing N N 256 
PRO OXT HXT  sing N N 257 
SER N   CA   sing N N 258 
SER N   H    sing N N 259 
SER N   H2   sing N N 260 
SER CA  C    sing N N 261 
SER CA  CB   sing N N 262 
SER CA  HA   sing N N 263 
SER C   O    doub N N 264 
SER C   OXT  sing N N 265 
SER CB  OG   sing N N 266 
SER CB  HB2  sing N N 267 
SER CB  HB3  sing N N 268 
SER OG  HG   sing N N 269 
SER OXT HXT  sing N N 270 
THR N   CA   sing N N 271 
THR N   H    sing N N 272 
THR N   H2   sing N N 273 
THR CA  C    sing N N 274 
THR CA  CB   sing N N 275 
THR CA  HA   sing N N 276 
THR C   O    doub N N 277 
THR C   OXT  sing N N 278 
THR CB  OG1  sing N N 279 
THR CB  CG2  sing N N 280 
THR CB  HB   sing N N 281 
THR OG1 HG1  sing N N 282 
THR CG2 HG21 sing N N 283 
THR CG2 HG22 sing N N 284 
THR CG2 HG23 sing N N 285 
THR OXT HXT  sing N N 286 
TYR N   CA   sing N N 287 
TYR N   H    sing N N 288 
TYR N   H2   sing N N 289 
TYR CA  C    sing N N 290 
TYR CA  CB   sing N N 291 
TYR CA  HA   sing N N 292 
TYR C   O    doub N N 293 
TYR C   OXT  sing N N 294 
TYR CB  CG   sing N N 295 
TYR CB  HB2  sing N N 296 
TYR CB  HB3  sing N N 297 
TYR CG  CD1  doub Y N 298 
TYR CG  CD2  sing Y N 299 
TYR CD1 CE1  sing Y N 300 
TYR CD1 HD1  sing N N 301 
TYR CD2 CE2  doub Y N 302 
TYR CD2 HD2  sing N N 303 
TYR CE1 CZ   doub Y N 304 
TYR CE1 HE1  sing N N 305 
TYR CE2 CZ   sing Y N 306 
TYR CE2 HE2  sing N N 307 
TYR CZ  OH   sing N N 308 
TYR OH  HH   sing N N 309 
TYR OXT HXT  sing N N 310 
VAL N   CA   sing N N 311 
VAL N   H    sing N N 312 
VAL N   H2   sing N N 313 
VAL CA  C    sing N N 314 
VAL CA  CB   sing N N 315 
VAL CA  HA   sing N N 316 
VAL C   O    doub N N 317 
VAL C   OXT  sing N N 318 
VAL CB  CG1  sing N N 319 
VAL CB  CG2  sing N N 320 
VAL CB  HB   sing N N 321 
VAL CG1 HG11 sing N N 322 
VAL CG1 HG12 sing N N 323 
VAL CG1 HG13 sing N N 324 
VAL CG2 HG21 sing N N 325 
VAL CG2 HG22 sing N N 326 
VAL CG2 HG23 sing N N 327 
VAL OXT HXT  sing N N 328 
# 
loop_
_pdbx_audit_support.funding_organization 
_pdbx_audit_support.country 
_pdbx_audit_support.grant_number 
_pdbx_audit_support.ordinal 
'National Research Foundation (NRF, Korea)' 'Korea, Republic Of' 2020R1A2C3008285 1 
'National Research Foundation (NRF, Korea)' 'Korea, Republic Of' 2021M3A9I4030068 2 
'National Research Foundation (NRF, Korea)' 'Korea, Republic Of' 2022M3A9G8082638 3 
# 
_atom_sites.entry_id                    8ZG8 
_atom_sites.Cartn_transf_matrix[1][1]   ? 
_atom_sites.Cartn_transf_matrix[1][2]   ? 
_atom_sites.Cartn_transf_matrix[1][3]   ? 
_atom_sites.Cartn_transf_matrix[2][1]   ? 
_atom_sites.Cartn_transf_matrix[2][2]   ? 
_atom_sites.Cartn_transf_matrix[2][3]   ? 
_atom_sites.Cartn_transf_matrix[3][1]   ? 
_atom_sites.Cartn_transf_matrix[3][2]   ? 
_atom_sites.Cartn_transf_matrix[3][3]   ? 
_atom_sites.Cartn_transf_vector[1]      ? 
_atom_sites.Cartn_transf_vector[2]      ? 
_atom_sites.Cartn_transf_vector[3]      ? 
_atom_sites.Cartn_transform_axes        ? 
_atom_sites.fract_transf_matrix[1][1]   -0.00118026 
_atom_sites.fract_transf_matrix[1][2]   0.00430424 
_atom_sites.fract_transf_matrix[1][3]   -0.01410941 
_atom_sites.fract_transf_matrix[2][1]   0.01103272 
_atom_sites.fract_transf_matrix[2][2]   -0.00266356 
_atom_sites.fract_transf_matrix[2][3]   -0.00949554 
_atom_sites.fract_transf_matrix[3][1]   -0.00587159 
_atom_sites.fract_transf_matrix[3][2]   -0.01248918 
_atom_sites.fract_transf_matrix[3][3]   -0.00331881 
_atom_sites.fract_transf_vector[1]      0.396673 
_atom_sites.fract_transf_vector[2]      0.569102 
_atom_sites.fract_transf_vector[3]      0.568511 
_atom_sites.solution_primary            ? 
_atom_sites.solution_secondary          ? 
_atom_sites.solution_hydrogens          ? 
_atom_sites.special_details             ? 
# 
loop_
_atom_type.symbol 
C  
H  
N  
O  
S  
ZN 
# 
loop_
_atom_site.group_PDB 
_atom_site.id 
_atom_site.type_symbol 
_atom_site.label_atom_id 
_atom_site.label_alt_id 
_atom_site.label_comp_id 
_atom_site.label_asym_id 
_atom_site.label_entity_id 
_atom_site.label_seq_id 
_atom_site.pdbx_PDB_ins_code 
_atom_site.Cartn_x 
_atom_site.Cartn_y 
_atom_site.Cartn_z 
_atom_site.occupancy 
_atom_site.B_iso_or_equiv 
_atom_site.pdbx_formal_charge 
_atom_site.auth_seq_id 
_atom_site.auth_comp_id 
_atom_site.auth_asym_id 
_atom_site.auth_atom_id 
_atom_site.pdbx_PDB_model_num 
ATOM   1   N  N    . SER A 1 1  ? 8.71455   16.86428  -0.98917  1.000 47.53648  ? 303 SER A N    1 
ATOM   2   C  CA   . SER A 1 1  ? 8.27114   15.46887  -1.24892  1.000 38.14829  ? 303 SER A CA   1 
ATOM   3   C  C    . SER A 1 1  ? 7.40159   14.94945  -0.19262  1.000 36.41222  ? 303 SER A C    1 
ATOM   4   O  O    . SER A 1 1  ? 7.64808   15.20988  0.96083   1.000 31.63550  ? 303 SER A O    1 
ATOM   5   C  CB   . SER A 1 1  ? 9.50948   14.53177  -1.49350  1.000 43.70221  ? 303 SER A CB   1 
ATOM   6   O  OG   . SER A 1 1  ? 10.34500  15.05646  -2.51169  1.000 48.63796  ? 303 SER A OG   1 
ATOM   7   H  HA   . SER A 1 1  ? 7.73675   15.46252  -2.05841  1.000 45.77795  ? 303 SER A HA   1 
ATOM   8   H  HB2  . SER A 1 1  ? 10.01953  14.46129  -0.67144  1.000 52.44266  ? 303 SER A HB2  1 
ATOM   9   H  HB3  . SER A 1 1  ? 9.19386   13.65543  -1.76426  1.000 52.44266  ? 303 SER A HB3  1 
ATOM   10  H  HG   . SER A 1 1  ? 11.07835  14.64694  -2.52099  1.000 58.36556  ? 303 SER A HG   1 
ATOM   11  N  N    . ASN A 1 2  ? 6.38657   14.14817  -0.54594  1.000 29.26790  ? 304 ASN A N    1 
ATOM   12  C  CA   . ASN A 1 2  ? 5.50964   13.60397  0.49221   1.000 34.72786  ? 304 ASN A CA   1 
ATOM   13  C  C    . ASN A 1 2  ? 6.10537   12.32226  1.05376   1.000 29.41691  ? 304 ASN A C    1 
ATOM   14  O  O    . ASN A 1 2  ? 6.11165   11.31641  0.35989   1.000 32.66850  ? 304 ASN A O    1 
ATOM   15  C  CB   . ASN A 1 2  ? 4.12491   13.34859  -0.11011  1.000 29.83629  ? 304 ASN A CB   1 
ATOM   16  C  CG   . ASN A 1 2  ? 3.05744   13.06999  0.92579   1.000 35.81422  ? 304 ASN A CG   1 
ATOM   17  O  OD1  . ASN A 1 2  ? 3.26712   13.15011  2.13137   1.000 41.48984  ? 304 ASN A OD1  1 
ATOM   18  N  ND2  . ASN A 1 2  ? 1.85717   12.70367  0.41918   1.000 38.88107  ? 304 ASN A ND2  1 
ATOM   19  H  H    . ASN A 1 2  ? 6.19516   13.91560  -1.35146  1.000 35.12148  ? 304 ASN A H    1 
ATOM   20  H  HA   . ASN A 1 2  ? 5.43682   14.23624  1.22422   1.000 41.67343  ? 304 ASN A HA   1 
ATOM   21  H  HB2  . ASN A 1 2  ? 3.85288   14.13213  -0.61306  1.000 35.80355  ? 304 ASN A HB2  1 
ATOM   22  H  HB3  . ASN A 1 2  ? 4.17621   12.57851  -0.69770  1.000 35.80355  ? 304 ASN A HB3  1 
ATOM   23  H  HD21 . ASN A 1 2  ? 1.20213   12.52934  0.94847   1.000 46.65728  ? 304 ASN A HD21 1 
ATOM   24  H  HD22 . ASN A 1 2  ? 1.74946   12.64521  -0.43204  1.000 46.65728  ? 304 ASN A HD22 1 
ATOM   25  N  N    . VAL A 1 3  ? 6.60368   12.31938  2.29161   1.000 25.76141  ? 305 VAL A N    1 
ATOM   26  C  CA   . VAL A 1 3  ? 7.24018   11.13633  2.87478   1.000 29.91441  ? 305 VAL A CA   1 
ATOM   27  C  C    . VAL A 1 3  ? 6.35096   10.53006  3.93568   1.000 29.39769  ? 305 VAL A C    1 
ATOM   28  O  O    . VAL A 1 3  ? 6.00448   11.17556  4.91721   1.000 28.23622  ? 305 VAL A O    1 
ATOM   29  C  CB   . VAL A 1 3  ? 8.62087   11.45770  3.46746   1.000 26.53558  ? 305 VAL A CB   1 
ATOM   30  C  CG1  . VAL A 1 3  ? 9.24396   10.21641  4.05034   1.000 24.52824  ? 305 VAL A CG1  1 
ATOM   31  C  CG2  . VAL A 1 3  ? 9.49388   12.00690  2.39764   1.000 33.37133  ? 305 VAL A CG2  1 
ATOM   32  H  H    . VAL A 1 3  ? 6.58441   12.99878  2.81854   1.000 30.91369  ? 305 VAL A H    1 
ATOM   33  H  HA   . VAL A 1 3  ? 7.33383   10.48445  2.16262   1.000 35.89729  ? 305 VAL A HA   1 
ATOM   34  H  HB   . VAL A 1 3  ? 8.52600   12.11209  4.17716   1.000 31.84269  ? 305 VAL A HB   1 
ATOM   35  H  HG11 . VAL A 1 3  ? 10.14384  10.42417  4.34691   1.000 29.43389  ? 305 VAL A HG11 1 
ATOM   36  H  HG12 . VAL A 1 3  ? 8.70869   9.91748   4.80202   1.000 29.43389  ? 305 VAL A HG12 1 
ATOM   37  H  HG13 . VAL A 1 3  ? 9.27127   9.52683   3.36869   1.000 29.43389  ? 305 VAL A HG13 1 
ATOM   38  H  HG21 . VAL A 1 3  ? 9.34747   11.50390  1.58128   1.000 40.04560  ? 305 VAL A HG21 1 
ATOM   39  H  HG22 . VAL A 1 3  ? 9.27049   12.94010  2.25574   1.000 40.04560  ? 305 VAL A HG22 1 
ATOM   40  H  HG23 . VAL A 1 3  ? 10.42027  11.92684  2.67385   1.000 40.04560  ? 305 VAL A HG23 1 
ATOM   41  N  N    . HIS A 1 4  ? 5.93650   9.26214   3.71981   1.000 28.90469  ? 306 HIS A N    1 
ATOM   42  C  CA   . HIS A 1 4  ? 5.02029   8.61234   4.65319   1.000 25.38999  ? 306 HIS A CA   1 
ATOM   43  C  C    . HIS A 1 4  ? 5.81671   7.84407   5.68943   1.000 27.52590  ? 306 HIS A C    1 
ATOM   44  O  O    . HIS A 1 4  ? 5.89398   6.61657   5.69595   1.000 27.58483  ? 306 HIS A O    1 
ATOM   45  C  CB   . HIS A 1 4  ? 4.03336   7.69579   3.89063   1.000 30.45416  ? 306 HIS A CB   1 
ATOM   46  C  CG   . HIS A 1 4  ? 3.17456   8.43261   2.91305   1.000 27.38038  ? 306 HIS A CG   1 
ATOM   47  N  ND1  . HIS A 1 4  ? 1.92457   8.91477   3.22443   1.000 28.01309  ? 306 HIS A ND1  1 
ATOM   48  C  CD2  . HIS A 1 4  ? 3.41940   8.83232   1.64454   1.000 30.10025  ? 306 HIS A CD2  1 
ATOM   49  C  CE1  . HIS A 1 4  ? 1.41831   9.54342   2.17592   1.000 33.68006  ? 306 HIS A CE1  1 
ATOM   50  N  NE2  . HIS A 1 4  ? 2.30709   9.50396   1.20606   1.000 32.39523  ? 306 HIS A NE2  1 
ATOM   51  H  H    . HIS A 1 4  ? 6.17322   8.77664   3.05060   1.000 34.68563  ? 306 HIS A H    1 
ATOM   52  H  HA   . HIS A 1 4  ? 4.51468   9.29728   5.11808   1.000 30.46798  ? 306 HIS A HA   1 
ATOM   53  H  HB2  . HIS A 1 4  ? 4.53968   7.02998   3.39946   1.000 36.54499  ? 306 HIS A HB2  1 
ATOM   54  H  HB3  . HIS A 1 4  ? 3.44930   7.26178   4.53205   1.000 36.54499  ? 306 HIS A HB3  1 
ATOM   55  H  HD1  . HIS A 1 4  ? 1.53224   8.82189   3.98407   1.000 33.61571  ? 306 HIS A HD1  1 
ATOM   56  H  HD2  . HIS A 1 4  ? 4.19802   8.67991   1.15933   1.000 36.12030  ? 306 HIS A HD2  1 
ATOM   57  H  HE1  . HIS A 1 4  ? 0.58000   9.94366   2.13196   1.000 40.41607  ? 306 HIS A HE1  1 
ATOM   58  H  HE2  . HIS A 1 4  ? 2.20644   9.84474   0.42289   1.000 38.87427  ? 306 HIS A HE2  1 
ATOM   59  N  N    . PHE A 1 5  ? 6.37368   8.59683   6.66762   1.000 26.98656  ? 307 PHE A N    1 
ATOM   60  C  CA   . PHE A 1 5  ? 7.08265   7.93271   7.74218   1.000 27.78427  ? 307 PHE A CA   1 
ATOM   61  C  C    . PHE A 1 5  ? 6.19102   6.84139   8.31643   1.000 28.49059  ? 307 PHE A C    1 
ATOM   62  O  O    . PHE A 1 5  ? 4.98595   7.03157   8.57004   1.000 27.63546  ? 307 PHE A O    1 
ATOM   63  C  CB   . PHE A 1 5  ? 7.50707   8.95743   8.84170   1.000 26.93355  ? 307 PHE A CB   1 
ATOM   64  C  CG   . PHE A 1 5  ? 8.51277   9.95020   8.35039   1.000 28.35840  ? 307 PHE A CG   1 
ATOM   65  C  CD1  . PHE A 1 5  ? 9.87265   9.58015   8.19693   1.000 33.56249  ? 307 PHE A CD1  1 
ATOM   66  C  CD2  . PHE A 1 5  ? 8.12368   11.25310  8.08297   1.000 37.49663  ? 307 PHE A CD2  1 
ATOM   67  C  CE1  . PHE A 1 5  ? 10.83017  10.53264  7.72176   1.000 29.57253  ? 307 PHE A CE1  1 
ATOM   68  C  CE2  . PHE A 1 5  ? 9.04625   12.18723  7.62305   1.000 33.26769  ? 307 PHE A CE2  1 
ATOM   69  C  CZ   . PHE A 1 5  ? 10.40288  11.81586  7.45234   1.000 28.88578  ? 307 PHE A CZ   1 
ATOM   70  H  H    . PHE A 1 5  ? 6.34668   9.45515   6.71423   1.000 32.38387  ? 307 PHE A H    1 
ATOM   71  H  HA   . PHE A 1 5  ? 7.90164   7.53053   7.41295   1.000 33.34113  ? 307 PHE A HA   1 
ATOM   72  H  HB2  . PHE A 1 5  ? 6.72297   9.44573   9.13776   1.000 32.32026  ? 307 PHE A HB2  1 
ATOM   73  H  HB3  . PHE A 1 5  ? 7.89935   8.47638   9.58708   1.000 32.32026  ? 307 PHE A HB3  1 
ATOM   74  H  HD1  . PHE A 1 5  ? 10.14382  8.71540   8.40569   1.000 40.27499  ? 307 PHE A HD1  1 
ATOM   75  H  HD2  . PHE A 1 5  ? 7.23788   11.50524  8.21212   1.000 44.99596  ? 307 PHE A HD2  1 
ATOM   76  H  HE1  . PHE A 1 5  ? 11.71977  10.29155  7.59767   1.000 35.48704  ? 307 PHE A HE1  1 
ATOM   77  H  HE2  . PHE A 1 5  ? 8.77285   13.05445  7.42788   1.000 39.92123  ? 307 PHE A HE2  1 
ATOM   78  H  HZ   . PHE A 1 5  ? 11.01571  12.44833  7.15346   1.000 34.66294  ? 307 PHE A HZ   1 
ATOM   79  N  N    . GLY A 1 6  ? 6.80810   5.71721   8.58220   1.000 27.24566  ? 308 GLY A N    1 
ATOM   80  C  CA   . GLY A 1 6  ? 6.11657   4.62461   9.20026   1.000 30.32534  ? 308 GLY A CA   1 
ATOM   81  C  C    . GLY A 1 6  ? 5.47219   3.65500   8.22719   1.000 32.07910  ? 308 GLY A C    1 
ATOM   82  O  O    . GLY A 1 6  ? 5.01543   2.57626   8.65009   1.000 31.99863  ? 308 GLY A O    1 
ATOM   83  H  H    . GLY A 1 6  ? 7.63684   5.56399   8.41098   1.000 32.69479  ? 308 GLY A H    1 
ATOM   84  H  HA2  . GLY A 1 6  ? 6.74546   4.12543   9.74451   1.000 36.39041  ? 308 GLY A HA2  1 
ATOM   85  H  HA3  . GLY A 1 6  ? 5.41800   4.98075   9.77128   1.000 36.39041  ? 308 GLY A HA3  1 
ATOM   86  N  N    . ALA A 1 7  ? 5.29498   4.04080   6.96760   1.000 26.63859  ? 309 ALA A N    1 
ATOM   87  C  CA   . ALA A 1 7  ? 4.58518   3.20068   6.00574   1.000 26.53015  ? 309 ALA A CA   1 
ATOM   88  C  C    . ALA A 1 7  ? 5.51450   2.65302   4.92413   1.000 32.67226  ? 309 ALA A C    1 
ATOM   89  O  O    . ALA A 1 7  ? 6.23697   3.40191   4.26238   1.000 28.86717  ? 309 ALA A O    1 
ATOM   90  C  CB   . ALA A 1 7  ? 3.43355   3.94491   5.37228   1.000 25.75791  ? 309 ALA A CB   1 
ATOM   91  H  H    . ALA A 1 7  ? 5.57721   4.78652   6.64534   1.000 31.96630  ? 309 ALA A H    1 
ATOM   92  H  HA   . ALA A 1 7  ? 4.24090   2.43387   6.48985   1.000 31.83618  ? 309 ALA A HA   1 
ATOM   93  H  HB1  . ALA A 1 7  ? 3.77872   4.72041   4.90285   1.000 30.90949  ? 309 ALA A HB1  1 
ATOM   94  H  HB2  . ALA A 1 7  ? 2.98113   3.35523   4.74898   1.000 30.90949  ? 309 ALA A HB2  1 
ATOM   95  H  HB3  . ALA A 1 7  ? 2.81844   4.22591   6.06768   1.000 30.90949  ? 309 ALA A HB3  1 
ATOM   96  N  N    . GLY A 1 8  ? 5.46546   1.33483   4.73209   1.000 27.76584  ? 310 GLY A N    1 
ATOM   97  C  CA   . GLY A 1 8  ? 6.18959   0.73400   3.63576   1.000 24.02407  ? 310 GLY A CA   1 
ATOM   98  C  C    . GLY A 1 8  ? 5.23391   0.10349   2.63603   1.000 25.52170  ? 310 GLY A C    1 
ATOM   99  O  O    . GLY A 1 8  ? 4.09417   -0.27140  2.98681   1.000 26.81722  ? 310 GLY A O    1 
ATOM   100 H  H    . GLY A 1 8  ? 5.02375   0.78189   5.22070   1.000 33.31901  ? 310 GLY A H    1 
ATOM   101 H  HA2  . GLY A 1 8  ? 6.71501   1.41096   3.18129   1.000 28.82889  ? 310 GLY A HA2  1 
ATOM   102 H  HA3  . GLY A 1 8  ? 6.78475   0.04715   3.97476   1.000 28.82889  ? 310 GLY A HA3  1 
ATOM   103 N  N    . CYS A 1 9  ? 5.70806   -0.05191  1.40147   1.000 25.72272  ? 311 CYS A N    1 
ATOM   104 C  CA   . CYS A 1 9  ? 4.88109   -0.61271  0.34115   1.000 22.82677  ? 311 CYS A CA   1 
ATOM   105 C  C    . CYS A 1 9  ? 4.85152   -2.13928  0.48388   1.000 24.56557  ? 311 CYS A C    1 
ATOM   106 O  O    . CYS A 1 9  ? 5.90328   -2.74490  0.50547   1.000 26.24508  ? 311 CYS A O    1 
ATOM   107 C  CB   . CYS A 1 9  ? 5.45328   -0.29137  -1.01760  1.000 24.95023  ? 311 CYS A CB   1 
ATOM   108 S  SG   . CYS A 1 9  ? 4.36007   -1.02023  -2.32550  1.000 28.34750  ? 311 CYS A SG   1 
ATOM   109 H  H    . CYS A 1 9  ? 6.50429   0.16002   1.15509   1.000 30.86727  ? 311 CYS A H    1 
ATOM   110 H  HA   . CYS A 1 9  ? 3.98995   -0.23758  0.41886   1.000 27.39212  ? 311 CYS A HA   1 
ATOM   111 H  HB2  . CYS A 1 9  ? 5.49297   0.67015   -1.13929  1.000 29.94028  ? 311 CYS A HB2  1 
ATOM   112 H  HB3  . CYS A 1 9  ? 6.34123   -0.67310  -1.09974  1.000 29.94028  ? 311 CYS A HB3  1 
ATOM   113 N  N    . ASP A 1 10 ? 3.65816   -2.72992  0.61854   1.000 25.82632  ? 312 ASP A N    1 
ATOM   114 C  CA   . ASP A 1 10 ? 3.55697   -4.18510  0.85394   1.000 28.75890  ? 312 ASP A CA   1 
ATOM   115 C  C    . ASP A 1 10 ? 3.59381   -4.96574  -0.44926  1.000 33.29782  ? 312 ASP A C    1 
ATOM   116 O  O    . ASP A 1 10 ? 3.46871   -6.22110  -0.42970  1.000 31.24329  ? 312 ASP A O    1 
ATOM   117 C  CB   . ASP A 1 10 ? 2.28367   -4.49411  1.65483   1.000 30.84215  ? 312 ASP A CB   1 
ATOM   118 C  CG   . ASP A 1 10 ? 2.39847   -3.94637  3.06869   1.000 33.93498  ? 312 ASP A CG   1 
ATOM   119 O  OD1  . ASP A 1 10 ? 3.28883   -4.33026  3.81005   1.000 32.59023  ? 312 ASP A OD1  1 
ATOM   120 O  OD2  . ASP A 1 10 ? 1.63295   -3.10166  3.47782   1.000 31.50863  ? 312 ASP A OD2  1 
ATOM   121 H  H    . ASP A 1 10 ? 2.90286   -2.32057  0.57893   1.000 30.99159  ? 312 ASP A H    1 
ATOM   122 H  HA   . ASP A 1 10 ? 4.30128   -4.49003  1.39608   1.000 34.51068  ? 312 ASP A HA   1 
ATOM   123 H  HB2  . ASP A 1 10 ? 1.52004   -4.07979  1.22343   1.000 37.01058  ? 312 ASP A HB2  1 
ATOM   124 H  HB3  . ASP A 1 10 ? 2.15611   -5.45441  1.70432   1.000 37.01058  ? 312 ASP A HB3  1 
ATOM   125 N  N    . SER A 1 11 ? 3.81965   -4.26076  -1.56400  1.000 31.62262  ? 313 SER A N    1 
ATOM   126 C  CA   . SER A 1 11 ? 4.09293   -4.90476  -2.84747  1.000 32.46501  ? 313 SER A CA   1 
ATOM   127 C  C    . SER A 1 11 ? 5.59664   -4.96032  -3.10143  1.000 34.39844  ? 313 SER A C    1 
ATOM   128 O  O    . SER A 1 11 ? 6.15021   -6.02948  -3.28499  1.000 33.00267  ? 313 SER A O    1 
ATOM   129 C  CB   . SER A 1 11 ? 3.40643   -4.18774  -4.01819  1.000 33.70914  ? 313 SER A CB   1 
ATOM   130 O  OG   . SER A 1 11 ? 3.67277   -4.89316  -5.19157  1.000 36.00179  ? 313 SER A OG   1 
ATOM   131 H  H    . SER A 1 11 ? 3.81916   -3.40148  -1.59917  1.000 37.94714  ? 313 SER A H    1 
ATOM   132 H  HA   . SER A 1 11 ? 3.72002   -5.79956  -2.81334  1.000 38.95801  ? 313 SER A HA   1 
ATOM   133 H  HB2  . SER A 1 11 ? 2.44883   -4.16132  -3.86582  1.000 40.45097  ? 313 SER A HB2  1 
ATOM   134 H  HB3  . SER A 1 11 ? 3.75505   -3.28587  -4.09561  1.000 40.45097  ? 313 SER A HB3  1 
ATOM   135 H  HG   . SER A 1 11 ? 3.30372   -4.51467  -5.84438  1.000 43.20215  ? 313 SER A HG   1 
ATOM   136 N  N    . CYS A 1 12 ? 6.27126   -3.79966  -3.11653  1.000 31.04547  ? 314 CYS A N    1 
ATOM   137 C  CA   . CYS A 1 12 ? 7.68947   -3.72953  -3.47935  1.000 35.65730  ? 314 CYS A CA   1 
ATOM   138 C  C    . CYS A 1 12 ? 8.64123   -3.51262  -2.30963  1.000 29.35071  ? 314 CYS A C    1 
ATOM   139 O  O    . CYS A 1 12 ? 9.86678   -3.60430  -2.50167  1.000 29.17698  ? 314 CYS A O    1 
ATOM   140 C  CB   . CYS A 1 12 ? 7.91532   -2.62460  -4.51706  1.000 29.25247  ? 314 CYS A CB   1 
ATOM   141 S  SG   . CYS A 1 12 ? 7.79836   -0.86519  -3.80392  1.000 28.72024  ? 314 CYS A SG   1 
ATOM   142 H  H    . CYS A 1 12 ? 5.92466   -3.03778  -2.91902  1.000 37.25457  ? 314 CYS A H    1 
ATOM   143 H  HA   . CYS A 1 12 ? 7.92711   -4.58228  -3.87588  1.000 42.78876  ? 314 CYS A HA   1 
ATOM   144 H  HB2  . CYS A 1 12 ? 8.80107   -2.73130  -4.89783  1.000 35.10296  ? 314 CYS A HB2  1 
ATOM   145 H  HB3  . CYS A 1 12 ? 7.24339   -2.70765  -5.21167  1.000 35.10296  ? 314 CYS A HB3  1 
ATOM   146 N  N    . GLY A 1 13 ? 8.15344   -3.17861  -1.11863  1.000 30.48735  ? 315 GLY A N    1 
ATOM   147 C  CA   . GLY A 1 13 ? 9.05629   -3.05329  0.01753   1.000 29.89213  ? 315 GLY A CA   1 
ATOM   148 C  C    . GLY A 1 13 ? 9.73026   -1.71002  0.21350   1.000 28.38792  ? 315 GLY A C    1 
ATOM   149 O  O    . GLY A 1 13 ? 10.55148  -1.58442  1.13078   1.000 30.03097  ? 315 GLY A O    1 
ATOM   150 H  H    . GLY A 1 13 ? 7.32474   -3.02372  -0.94873  1.000 36.58482  ? 315 GLY A H    1 
ATOM   151 H  HA2  . GLY A 1 13 ? 8.55379   -3.24274  0.82531   1.000 35.87056  ? 315 GLY A HA2  1 
ATOM   152 H  HA3  . GLY A 1 13 ? 9.75864   -3.71518  -0.08002  1.000 35.87056  ? 315 GLY A HA3  1 
ATOM   153 N  N    . VAL A 1 14 ? 9.37864   -0.70277  -0.58580  1.000 30.63106  ? 316 VAL A N    1 
ATOM   154 C  CA   . VAL A 1 14 ? 9.97742   0.61610   -0.41031  1.000 30.85353  ? 316 VAL A CA   1 
ATOM   155 C  C    . VAL A 1 14 ? 9.47064   1.17004   0.92082   1.000 25.04756  ? 316 VAL A C    1 
ATOM   156 O  O    . VAL A 1 14 ? 8.28474   1.07275   1.26279   1.000 25.15032  ? 316 VAL A O    1 
ATOM   157 C  CB   . VAL A 1 14 ? 9.65853   1.50228   -1.63058  1.000 31.96860  ? 316 VAL A CB   1 
ATOM   158 C  CG1  . VAL A 1 14 ? 8.24427   1.98160   -1.66431  1.000 30.43455  ? 316 VAL A CG1  1 
ATOM   159 C  CG2  . VAL A 1 14 ? 10.65786  2.63224   -1.69002  1.000 33.71451  ? 316 VAL A CG2  1 
ATOM   160 H  H    . VAL A 1 14 ? 8.80602   -0.75747  -1.22510  1.000 36.75728  ? 316 VAL A H    1 
ATOM   161 H  HA   . VAL A 1 14 ? 10.94515  0.57387   -0.35903  1.000 37.02423  ? 316 VAL A HA   1 
ATOM   162 H  HB   . VAL A 1 14 ? 9.74229   0.96584   -2.43439  1.000 38.36232  ? 316 VAL A HB   1 
ATOM   163 H  HG11 . VAL A 1 14 ? 7.70193   1.40497   -1.10372  1.000 36.52146  ? 316 VAL A HG11 1 
ATOM   164 H  HG12 . VAL A 1 14 ? 8.21143   2.89222   -1.33176  1.000 36.52146  ? 316 VAL A HG12 1 
ATOM   165 H  HG13 . VAL A 1 14 ? 7.92240   1.95164   -2.57887  1.000 36.52146  ? 316 VAL A HG13 1 
ATOM   166 H  HG21 . VAL A 1 14 ? 11.07299  2.73283   -0.81914  1.000 40.45741  ? 316 VAL A HG21 1 
ATOM   167 H  HG22 . VAL A 1 14 ? 11.33181  2.42310   -2.35555  1.000 40.45741  ? 316 VAL A HG22 1 
ATOM   168 H  HG23 . VAL A 1 14 ? 10.19590  3.44993   -1.93269  1.000 40.45741  ? 316 VAL A HG23 1 
ATOM   169 N  N    . TYR A 1 15 ? 10.40231  1.69630   1.70542   1.000 24.61586  ? 317 TYR A N    1 
ATOM   170 C  CA   . TYR A 1 15 ? 10.09572  2.20153   3.00988   1.000 26.06802  ? 317 TYR A CA   1 
ATOM   171 C  C    . TYR A 1 15 ? 11.02235  3.40183   3.28037   1.000 24.70298  ? 317 TYR A C    1 
ATOM   172 O  O    . TYR A 1 15 ? 12.22604  3.24139   3.17855   1.000 26.31246  ? 317 TYR A O    1 
ATOM   173 C  CB   . TYR A 1 15 ? 10.35093  1.12464   4.10695   1.000 25.51901  ? 317 TYR A CB   1 
ATOM   174 C  CG   . TYR A 1 15 ? 10.09476  1.73199   5.46783   1.000 24.05769  ? 317 TYR A CG   1 
ATOM   175 C  CD1  . TYR A 1 15 ? 8.80130   1.72596   5.98075   1.000 26.18488  ? 317 TYR A CD1  1 
ATOM   176 C  CD2  . TYR A 1 15 ? 11.13861  2.25410   6.29606   1.000 27.23260  ? 317 TYR A CD2  1 
ATOM   177 C  CE1  . TYR A 1 15 ? 8.52174   2.27136   7.20301   1.000 30.51631  ? 317 TYR A CE1  1 
ATOM   178 C  CE2  . TYR A 1 15 ? 10.85630  2.84990   7.52821   1.000 32.52237  ? 317 TYR A CE2  1 
ATOM   179 C  CZ   . TYR A 1 15 ? 9.55765   2.82752   7.98102   1.000 29.88400  ? 317 TYR A CZ   1 
ATOM   180 O  OH   . TYR A 1 15 ? 9.20012   3.41118   9.18074   1.000 33.35313  ? 317 TYR A OH   1 
ATOM   181 H  H    . TYR A 1 15 ? 11.23172  1.76789   1.48963   1.000 29.53903  ? 317 TYR A H    1 
ATOM   182 H  HA   . TYR A 1 15 ? 9.16983   2.48962   3.03498   1.000 31.28162  ? 317 TYR A HA   1 
ATOM   183 H  HB2  . TYR A 1 15 ? 9.74977   0.37434   3.97825   1.000 30.62282  ? 317 TYR A HB2  1 
ATOM   184 H  HB3  . TYR A 1 15 ? 11.27185  0.82295   4.06454   1.000 30.62282  ? 317 TYR A HB3  1 
ATOM   185 H  HD1  . TYR A 1 15 ? 8.11458   1.34409   5.48326   1.000 31.42185  ? 317 TYR A HD1  1 
ATOM   186 H  HD2  . TYR A 1 15 ? 12.02125  2.19577   6.00893   1.000 32.67911  ? 317 TYR A HD2  1 
ATOM   187 H  HE1  . TYR A 1 15 ? 7.64790   2.27546   7.52128   1.000 36.61957  ? 317 TYR A HE1  1 
ATOM   188 H  HE2  . TYR A 1 15 ? 11.52921  3.25125   8.02922   1.000 39.02684  ? 317 TYR A HE2  1 
ATOM   189 H  HH   . TYR A 1 15 ? 9.84673   3.84797   9.49171   1.000 40.02376  ? 317 TYR A HH   1 
ATOM   190 N  N    . PRO A 1 16 ? 10.49495  4.56421   3.70417   1.000 25.79435  ? 318 PRO A N    1 
ATOM   191 C  CA   . PRO A 1 16 ? 9.09163   4.98651   3.65448   1.000 27.00384  ? 318 PRO A CA   1 
ATOM   192 C  C    . PRO A 1 16 ? 8.61331   5.16028   2.20755   1.000 27.56758  ? 318 PRO A C    1 
ATOM   193 O  O    . PRO A 1 16 ? 9.38598   5.39746   1.29822   1.000 28.62752  ? 318 PRO A O    1 
ATOM   194 C  CB   . PRO A 1 16 ? 9.09857   6.33363   4.43205   1.000 31.16158  ? 318 PRO A CB   1 
ATOM   195 C  CG   . PRO A 1 16 ? 10.53285  6.89351   4.20890   1.000 37.76762  ? 318 PRO A CG   1 
ATOM   196 C  CD   . PRO A 1 16 ? 11.38119  5.64256   4.21700   1.000 35.79370  ? 318 PRO A CD   1 
ATOM   197 H  HA   . PRO A 1 16 ? 8.50514   4.36856   4.11824   1.000 32.40460  ? 318 PRO A HA   1 
ATOM   198 H  HB2  . PRO A 1 16 ? 8.42812   6.93258   4.06783   1.000 37.39390  ? 318 PRO A HB2  1 
ATOM   199 H  HB3  . PRO A 1 16 ? 8.92650   6.17631   5.37361   1.000 37.39390  ? 318 PRO A HB3  1 
ATOM   200 H  HG2  . PRO A 1 16 ? 10.58905  7.35532   3.35775   1.000 45.32114  ? 318 PRO A HG2  1 
ATOM   201 H  HG3  . PRO A 1 16 ? 10.77924  7.49447   4.92932   1.000 45.32114  ? 318 PRO A HG3  1 
ATOM   202 H  HD2  . PRO A 1 16 ? 12.15013  5.75240   3.63599   1.000 42.95244  ? 318 PRO A HD2  1 
ATOM   203 H  HD3  . PRO A 1 16 ? 11.67349  5.43876   5.11918   1.000 42.95244  ? 318 PRO A HD3  1 
ATOM   204 N  N    . ILE A 1 17 ? 7.30056   5.06196   2.02219   1.000 24.67023  ? 319 ILE A N    1 
ATOM   205 C  CA   . ILE A 1 17 ? 6.70397   5.43103   0.75749   1.000 25.99379  ? 319 ILE A CA   1 
ATOM   206 C  C    . ILE A 1 17 ? 6.87966   6.92477   0.54691   1.000 28.84905  ? 319 ILE A C    1 
ATOM   207 O  O    . ILE A 1 17 ? 6.56093   7.72016   1.44135   1.000 27.28764  ? 319 ILE A O    1 
ATOM   208 C  CB   . ILE A 1 17 ? 5.21829   5.06892   0.72830   1.000 25.58885  ? 319 ILE A CB   1 
ATOM   209 C  CG1  . ILE A 1 17 ? 5.11045   3.51381   0.78123   1.000 25.33063  ? 319 ILE A CG1  1 
ATOM   210 C  CG2  . ILE A 1 17 ? 4.63422   5.60215   -0.52225  1.000 25.58436  ? 319 ILE A CG2  1 
ATOM   211 C  CD1  . ILE A 1 17 ? 3.66446   3.07537   1.03377   1.000 28.36993  ? 319 ILE A CD1  1 
ATOM   212 H  H    . ILE A 1 17 ? 6.74105   4.78505   2.61369   1.000 29.60427  ? 319 ILE A H    1 
ATOM   213 H  HA   . ILE A 1 17 ? 7.15523   4.94651   0.04862   1.000 31.19255  ? 319 ILE A HA   1 
ATOM   214 H  HB   . ILE A 1 17 ? 4.73915   5.44870   1.48136   1.000 30.70662  ? 319 ILE A HB   1 
ATOM   215 H  HG12 . ILE A 1 17 ? 5.40229   3.14081   -0.06529  1.000 30.39675  ? 319 ILE A HG12 1 
ATOM   216 H  HG13 . ILE A 1 17 ? 5.66530   3.17590   1.50156   1.000 30.39675  ? 319 ILE A HG13 1 
ATOM   217 H  HG21 . ILE A 1 17 ? 3.76300   5.19888   -0.66096  1.000 30.70124  ? 319 ILE A HG21 1 
ATOM   218 H  HG22 . ILE A 1 17 ? 4.54437   6.56476   -0.44348  1.000 30.70124  ? 319 ILE A HG22 1 
ATOM   219 H  HG23 . ILE A 1 17 ? 5.22132   5.38425   -1.26302  1.000 30.70124  ? 319 ILE A HG23 1 
ATOM   220 H  HD11 . ILE A 1 17 ? 3.65206   2.12532   1.22909   1.000 34.04392  ? 319 ILE A HD11 1 
ATOM   221 H  HD12 . ILE A 1 17 ? 3.31076   3.57271   1.78773   1.000 34.04392  ? 319 ILE A HD12 1 
ATOM   222 H  HD13 . ILE A 1 17 ? 3.13632   3.25693   0.24068   1.000 34.04392  ? 319 ILE A HD13 1 
ATOM   223 N  N    . ILE A 1 18 ? 7.38378   7.28980   -0.62987  1.000 30.08815  ? 320 ILE A N    1 
ATOM   224 C  CA   . ILE A 1 18 ? 7.52902   8.69870   -1.03211  1.000 25.56522  ? 320 ILE A CA   1 
ATOM   225 C  C    . ILE A 1 18 ? 6.58917   8.93686   -2.19370  1.000 29.27956  ? 320 ILE A C    1 
ATOM   226 O  O    . ILE A 1 18 ? 6.57375   8.15829   -3.17310  1.000 29.42733  ? 320 ILE A O    1 
ATOM   227 C  CB   . ILE A 1 18 ? 8.98436   9.05257   -1.35987  1.000 28.25492  ? 320 ILE A CB   1 
ATOM   228 C  CG1  . ILE A 1 18 ? 9.81371   8.82119   -0.10570  1.000 26.06430  ? 320 ILE A CG1  1 
ATOM   229 C  CG2  . ILE A 1 18 ? 9.11706   10.55920  -1.81807  1.000 34.58047  ? 320 ILE A CG2  1 
ATOM   230 C  CD1  . ILE A 1 18 ? 11.31234  9.10704   -0.22785  1.000 33.42637  ? 320 ILE A CD1  1 
ATOM   231 H  H    . ILE A 1 18 ? 7.65501   6.73297   -1.22652  1.000 36.10578  ? 320 ILE A H    1 
ATOM   232 H  HA   . ILE A 1 18 ? 7.26062   9.28553   -0.30788  1.000 30.67826  ? 320 ILE A HA   1 
ATOM   233 H  HB   . ILE A 1 18 ? 9.29454   8.49389   -2.08963  1.000 33.90590  ? 320 ILE A HB   1 
ATOM   234 H  HG12 . ILE A 1 18 ? 9.46908   9.39594   0.59559   1.000 31.27716  ? 320 ILE A HG12 1 
ATOM   235 H  HG13 . ILE A 1 18 ? 9.72002   7.89074   0.15195   1.000 31.27716  ? 320 ILE A HG13 1 
ATOM   236 H  HG21 . ILE A 1 18 ? 8.54484   10.70693  -2.58725  1.000 41.49656  ? 320 ILE A HG21 1 
ATOM   237 H  HG22 . ILE A 1 18 ? 8.84500   11.13657  -1.08764  1.000 41.49656  ? 320 ILE A HG22 1 
ATOM   238 H  HG23 . ILE A 1 18 ? 10.04092  10.73732  -2.05402  1.000 41.49656  ? 320 ILE A HG23 1 
ATOM   239 H  HD11 . ILE A 1 18 ? 11.44319  10.06067  -0.34768  1.000 40.11164  ? 320 ILE A HD11 1 
ATOM   240 H  HD12 . ILE A 1 18 ? 11.75728  8.81127   0.58173   1.000 40.11164  ? 320 ILE A HD12 1 
ATOM   241 H  HD13 . ILE A 1 18 ? 11.66420  8.62613   -0.99325  1.000 40.11164  ? 320 ILE A HD13 1 
ATOM   242 N  N    . GLY A 1 19 ? 5.78953   9.99366   -2.07916  1.000 28.81254  ? 321 GLY A N    1 
ATOM   243 C  CA   . GLY A 1 19 ? 4.82109   10.32459  -3.09932  1.000 30.47262  ? 321 GLY A CA   1 
ATOM   244 C  C    . GLY A 1 19 ? 3.47298   9.86242   -2.62583  1.000 33.73144  ? 321 GLY A C    1 
ATOM   245 O  O    . GLY A 1 19 ? 3.20490   9.87664   -1.43543  1.000 34.74687  ? 321 GLY A O    1 
ATOM   246 H  H    . GLY A 1 19 ? 5.79370   10.53551  -1.41134  1.000 34.57504  ? 321 GLY A H    1 
ATOM   247 H  HA2  . GLY A 1 19 ? 4.80157   11.28284  -3.24854  1.000 36.56714  ? 321 GLY A HA2  1 
ATOM   248 H  HA3  . GLY A 1 19 ? 5.04245   9.87970   -3.93237  1.000 36.56714  ? 321 GLY A HA3  1 
ATOM   249 N  N    . ASP A 1 20 ? 2.61583   9.41639   -3.53884  1.000 32.68536  ? 322 ASP A N    1 
ATOM   250 C  CA   . ASP A 1 20 ? 1.28999   8.94527   -3.11722  1.000 31.37645  ? 322 ASP A CA   1 
ATOM   251 C  C    . ASP A 1 20 ? 1.35582   7.61774   -2.39007  1.000 30.68105  ? 322 ASP A C    1 
ATOM   252 O  O    . ASP A 1 20 ? 2.07077   6.71411   -2.80262  1.000 32.04680  ? 322 ASP A O    1 
ATOM   253 C  CB   . ASP A 1 20 ? 0.35553   8.77334   -4.29207  1.000 28.81786  ? 322 ASP A CB   1 
ATOM   254 C  CG   . ASP A 1 20 ? -0.02990  10.08835  -4.95036  1.000 44.49121  ? 322 ASP A CG   1 
ATOM   255 O  OD1  . ASP A 1 20 ? 0.05883   11.15060  -4.29462  1.000 36.05790  ? 322 ASP A OD1  1 
ATOM   256 O  OD2  . ASP A 1 20 ? -0.50439  10.01399  -6.12182  1.000 43.79876  ? 322 ASP A OD2  1 
ATOM   257 H  H    . ASP A 1 20 ? 2.76782   9.37529   -4.38430  1.000 39.22244  ? 322 ASP A H    1 
ATOM   258 H  HA   . ASP A 1 20 ? 0.93864   9.62303   -2.51881  1.000 37.65174  ? 322 ASP A HA   1 
ATOM   259 H  HB2  . ASP A 1 20 ? 0.79021   8.22163   -4.96106  1.000 34.58143  ? 322 ASP A HB2  1 
ATOM   260 H  HB3  . ASP A 1 20 ? -0.45848  8.34386   -3.98575  1.000 34.58143  ? 322 ASP A HB3  1 
ATOM   261 N  N    . ARG A 1 21 ? 0.54900   7.49535   -1.34508  1.000 30.08575  ? 323 ARG A N    1 
ATOM   262 C  CA   . ARG A 1 21 ? 0.38894   6.24427   -0.62214  1.000 29.76084  ? 323 ARG A CA   1 
ATOM   263 C  C    . ARG A 1 21 ? -1.06856  5.82296   -0.70375  1.000 29.15711  ? 323 ARG A C    1 
ATOM   264 O  O    . ARG A 1 21 ? -1.94651  6.61497   -0.39037  1.000 29.21343  ? 323 ARG A O    1 
ATOM   265 C  CB   . ARG A 1 21 ? 0.76865   6.38842   0.84716   1.000 34.64698  ? 323 ARG A CB   1 
ATOM   266 C  CG   . ARG A 1 21 ? 0.41947   5.12484   1.58991   1.000 32.72608  ? 323 ARG A CG   1 
ATOM   267 C  CD   . ARG A 1 21 ? 1.14232   5.00670   2.82501   1.000 43.18050  ? 323 ARG A CD   1 
ATOM   268 N  NE   . ARG A 1 21 ? 0.64684   5.86564   3.85194   1.000 41.49627  ? 323 ARG A NE   1 
ATOM   269 C  CZ   . ARG A 1 21 ? 0.01214   5.46674   4.94786   1.000 43.53256  ? 323 ARG A CZ   1 
ATOM   270 N  NH1  . ARG A 1 21 ? -0.22151  4.22968   5.15014   1.000 39.06262  ? 323 ARG A NH1  1 
ATOM   271 N  NH2  . ARG A 1 21 ? -0.36935  6.34377   5.86631   1.000 43.60648  ? 323 ARG A NH2  1 
ATOM   272 H  H    . ARG A 1 21 ? 0.07330   8.13866   -1.02968  1.000 36.10290  ? 323 ARG A H    1 
ATOM   273 H  HA   . ARG A 1 21 ? 0.95730   5.57089   -1.02763  1.000 35.71301  ? 323 ARG A HA   1 
ATOM   274 H  HB2  . ARG A 1 21 ? 1.72304   6.54342   0.92470   1.000 41.57638  ? 323 ARG A HB2  1 
ATOM   275 H  HB3  . ARG A 1 21 ? 0.27942   7.12794   1.24042   1.000 41.57638  ? 323 ARG A HB3  1 
ATOM   276 H  HG2  . ARG A 1 21 ? -0.52890  5.12628   1.79364   1.000 39.27130  ? 323 ARG A HG2  1 
ATOM   277 H  HG3  . ARG A 1 21 ? 0.63881   4.35874   1.03683   1.000 39.27130  ? 323 ARG A HG3  1 
ATOM   278 H  HD2  . ARG A 1 21 ? 1.07448   4.09277   3.14286   1.000 51.81660  ? 323 ARG A HD2  1 
ATOM   279 H  HD3  . ARG A 1 21 ? 2.07188   5.23536   2.66841   1.000 51.81660  ? 323 ARG A HD3  1 
ATOM   280 H  HE   . ARG A 1 21 ? 0.76953   6.71103   3.75259   1.000 49.79552  ? 323 ARG A HE   1 
ATOM   281 H  HH11 . ARG A 1 21 ? 0.03266   3.64420   4.57377   1.000 46.87514  ? 323 ARG A HH11 1 
ATOM   282 H  HH12 . ARG A 1 21 ? -0.63328  3.98080   5.86296   1.000 46.87514  ? 323 ARG A HH12 1 
ATOM   283 H  HH21 . ARG A 1 21 ? -0.20625  7.18086   5.75551   1.000 52.32777  ? 323 ARG A HH21 1 
ATOM   284 H  HH22 . ARG A 1 21 ? -0.77988  6.07549   6.57277   1.000 52.32777  ? 323 ARG A HH22 1 
ATOM   285 N  N    . TYR A 1 22 ? -1.31981  4.54825   -1.02283  1.000 30.00935  ? 324 TYR A N    1 
ATOM   286 C  CA   . TYR A 1 22 ? -2.68715  3.99102   -1.01342  1.000 32.56445  ? 324 TYR A CA   1 
ATOM   287 C  C    . TYR A 1 22 ? -2.77938  3.03558   0.14886   1.000 29.17467  ? 324 TYR A C    1 
ATOM   288 O  O    . TYR A 1 22 ? -1.92975  2.17260   0.29707   1.000 34.25777  ? 324 TYR A O    1 
ATOM   289 C  CB   . TYR A 1 22 ? -3.04792  3.27712   -2.32205  1.000 28.34427  ? 324 TYR A CB   1 
ATOM   290 C  CG   . TYR A 1 22 ? -3.11339  4.28725   -3.43297  1.000 30.15176  ? 324 TYR A CG   1 
ATOM   291 C  CD1  . TYR A 1 22 ? -1.94371  4.75777   -4.03609  1.000 28.44472  ? 324 TYR A CD1  1 
ATOM   292 C  CD2  . TYR A 1 22 ? -4.32649  4.79129   -3.86253  1.000 38.44535  ? 324 TYR A CD2  1 
ATOM   293 C  CE1  . TYR A 1 22 ? -2.00814  5.66197   -5.04149  1.000 32.17631  ? 324 TYR A CE1  1 
ATOM   294 C  CE2  . TYR A 1 22 ? -4.38457  5.73454   -4.88493  1.000 42.29387  ? 324 TYR A CE2  1 
ATOM   295 C  CZ   . TYR A 1 22 ? -3.20010  6.17221   -5.43409  1.000 36.34458  ? 324 TYR A CZ   1 
ATOM   296 O  OH   . TYR A 1 22 ? -3.20098  7.09393   -6.45325  1.000 41.36547  ? 324 TYR A OH   1 
ATOM   297 H  H    . TYR A 1 22 ? -0.71441  3.98113   -1.24970  1.000 36.01122  ? 324 TYR A H    1 
ATOM   298 H  HA   . TYR A 1 22 ? -3.33044  4.70950   -0.90916  1.000 39.07733  ? 324 TYR A HA   1 
ATOM   299 H  HB2  . TYR A 1 22 ? -2.36961  2.61732   -2.53525  1.000 34.01312  ? 324 TYR A HB2  1 
ATOM   300 H  HB3  . TYR A 1 22 ? -3.91313  2.84729   -2.23519  1.000 34.01312  ? 324 TYR A HB3  1 
ATOM   301 H  HD1  . TYR A 1 22 ? -1.11653  4.44796   -3.74510  1.000 34.13367  ? 324 TYR A HD1  1 
ATOM   302 H  HD2  . TYR A 1 22 ? -5.11341  4.49684   -3.46385  1.000 46.13442  ? 324 TYR A HD2  1 
ATOM   303 H  HE1  . TYR A 1 22 ? -1.22731  5.93527   -5.46638  1.000 38.61158  ? 324 TYR A HE1  1 
ATOM   304 H  HE2  . TYR A 1 22 ? -5.20105  6.06014   -5.18867  1.000 50.75265  ? 324 TYR A HE2  1 
ATOM   305 H  HH   . TYR A 1 22 ? -3.99049  7.28900   -6.66352  1.000 49.63856  ? 324 TYR A HH   1 
ATOM   306 N  N    . ARG A 1 23 ? -3.78864  3.21798   0.97257   1.000 31.48328  ? 325 ARG A N    1 
ATOM   307 C  CA   . ARG A 1 23 ? -3.92722  2.47817   2.21058   1.000 34.45227  ? 325 ARG A CA   1 
ATOM   308 C  C    . ARG A 1 23 ? -5.17358  1.58776   2.14552   1.000 35.88059  ? 325 ARG A C    1 
ATOM   309 O  O    . ARG A 1 23 ? -6.23004  2.05850   1.72910   1.000 36.91918  ? 325 ARG A O    1 
ATOM   310 C  CB   . ARG A 1 23 ? -4.14321  3.46289   3.37557   1.000 42.11956  ? 325 ARG A CB   1 
ATOM   311 C  CG   . ARG A 1 23 ? -4.23577  2.71624   4.67430   1.000 57.58502  ? 325 ARG A CG   1 
ATOM   312 C  CD   . ARG A 1 23 ? -4.42459  3.74701   5.72769   1.000 69.79332  ? 325 ARG A CD   1 
ATOM   313 N  NE   . ARG A 1 23 ? -3.36481  4.14264   6.56534   1.000 83.09536  ? 325 ARG A NE   1 
ATOM   314 C  CZ   . ARG A 1 23 ? -3.34578  3.92664   7.86802   1.000 89.53435  ? 325 ARG A CZ   1 
ATOM   315 N  NH1  . ARG A 1 23 ? -4.35094  3.31578   8.46655   1.000 131.80316 ? 325 ARG A NH1  1 
ATOM   316 N  NH2  . ARG A 1 23 ? -2.29006  4.33924   8.55386   1.000 117.24234 ? 325 ARG A NH2  1 
ATOM   317 H  H    . ARG A 1 23 ? -4.42451  3.78013   0.83376   1.000 37.77994  ? 325 ARG A H    1 
ATOM   318 H  HA   . ARG A 1 23 ? -3.13798  1.93021   2.34376   1.000 41.34272  ? 325 ARG A HA   1 
ATOM   319 H  HB2  . ARG A 1 23 ? -3.39579  4.07931   3.42359   1.000 50.54347  ? 325 ARG A HB2  1 
ATOM   320 H  HB3  . ARG A 1 23 ? -4.96909  3.95289   3.23876   1.000 50.54347  ? 325 ARG A HB3  1 
ATOM   321 H  HG2  . ARG A 1 23 ? -4.99444  2.11184   4.66782   1.000 69.10203  ? 325 ARG A HG2  1 
ATOM   322 H  HG3  . ARG A 1 23 ? -3.41877  2.22135   4.84309   1.000 69.10203  ? 325 ARG A HG3  1 
ATOM   323 H  HD2  . ARG A 1 23 ? -4.72174  4.55550   5.28168   1.000 83.75199  ? 325 ARG A HD2  1 
ATOM   324 H  HD3  . ARG A 1 23 ? -5.11940  3.42078   6.32075   1.000 83.75199  ? 325 ARG A HD3  1 
ATOM   325 H  HE   . ARG A 1 23 ? -2.69394  4.54656   6.20983   1.000 99.71444  ? 325 ARG A HE   1 
ATOM   326 H  HH11 . ARG A 1 23 ? -5.02914  3.05307   8.00761   1.000 158.16379 ? 325 ARG A HH11 1 
ATOM   327 H  HH12 . ARG A 1 23 ? -4.32775  3.18046   9.31552   1.000 158.16379 ? 325 ARG A HH12 1 
ATOM   328 H  HH21 . ARG A 1 23 ? -1.64250  4.73518   8.14950   1.000 140.69081 ? 325 ARG A HH21 1 
ATOM   329 H  HH22 . ARG A 1 23 ? -2.25229  4.21112   9.40342   1.000 140.69081 ? 325 ARG A HH22 1 
ATOM   330 N  N    . CYS A 1 24 ? -5.05393  0.29797   2.49182   1.000 32.35126  ? 326 CYS A N    1 
ATOM   331 C  CA   . CYS A 1 24 ? -6.21036  -0.59928  2.38882   1.000 32.44185  ? 326 CYS A CA   1 
ATOM   332 C  C    . CYS A 1 24 ? -7.27013  -0.25728  3.43473   1.000 48.39522  ? 326 CYS A C    1 
ATOM   333 O  O    . CYS A 1 24 ? -6.96149  -0.13680  4.62529   1.000 44.20812  ? 326 CYS A O    1 
ATOM   334 C  CB   . CYS A 1 24 ? -5.80264  -2.05765  2.55785   1.000 38.60870  ? 326 CYS A CB   1 
ATOM   335 S  SG   . CYS A 1 24 ? -7.25251  -3.10518  2.25282   1.000 45.20212  ? 326 CYS A SG   1 
ATOM   336 H  H    . CYS A 1 24 ? -4.33307  -0.07095  2.78137   1.000 38.82151  ? 326 CYS A H    1 
ATOM   337 H  HA   . CYS A 1 24 ? -6.58916  -0.48329  1.50339   1.000 38.93023  ? 326 CYS A HA   1 
ATOM   338 H  HB2  . CYS A 1 24 ? -5.10788  -2.28339  1.91968   1.000 46.33044  ? 326 CYS A HB2  1 
ATOM   339 H  HB3  . CYS A 1 24 ? -5.48520  -2.21016  3.46165   1.000 46.33044  ? 326 CYS A HB3  1 
ATOM   340 N  N    . LYS A 1 25 ? -8.52282  -0.13609  2.99408   1.000 47.35362  ? 327 LYS A N    1 
ATOM   341 C  CA   . LYS A 1 25 ? -9.61741  0.17621   3.90231   1.000 59.95401  ? 327 LYS A CA   1 
ATOM   342 C  C    . LYS A 1 25 ? -10.09576 -1.06059  4.65621   1.000 57.70772  ? 327 LYS A C    1 
ATOM   343 O  O    . LYS A 1 25 ? -10.53263 -0.95195  5.80428   1.000 59.88578  ? 327 LYS A O    1 
ATOM   344 C  CB   . LYS A 1 25 ? -10.77493 0.80219   3.12451   1.000 67.71296  ? 327 LYS A CB   1 
ATOM   345 C  CG   . LYS A 1 25 ? -10.50884 2.21378   2.62425   1.000 70.78297  ? 327 LYS A CG   1 
ATOM   346 C  CD   . LYS A 1 25 ? -10.87966 3.27764   3.66017   1.000 70.86887  ? 327 LYS A CD   1 
ATOM   347 C  CE   . LYS A 1 25 ? -10.34745 4.65419   3.25286   1.000 59.64004  ? 327 LYS A CE   1 
ATOM   348 N  NZ   . LYS A 1 25 ? -11.33597 5.75308   3.33270   1.000 67.01844  ? 327 LYS A NZ   1 
ATOM   349 H  H    . LYS A 1 25 ? -8.76271  -0.23037  2.17361   1.000 56.82435  ? 327 LYS A H    1 
ATOM   350 H  HA   . LYS A 1 25 ? -9.31297  0.82498   4.55601   1.000 71.94481  ? 327 LYS A HA   1 
ATOM   351 H  HB2  . LYS A 1 25 ? -10.96281 0.24786   2.35100   1.000 81.25555  ? 327 LYS A HB2  1 
ATOM   352 H  HB3  . LYS A 1 25 ? -11.55234 0.83829   3.70350   1.000 81.25555  ? 327 LYS A HB3  1 
ATOM   353 H  HG2  . LYS A 1 25 ? -9.56484  2.30675   2.42153   1.000 84.93956  ? 327 LYS A HG2  1 
ATOM   354 H  HG3  . LYS A 1 25 ? -11.03681 2.37328   1.82631   1.000 84.93956  ? 327 LYS A HG3  1 
ATOM   355 H  HD2  . LYS A 1 25 ? -11.84522 3.33236   3.73505   1.000 85.04264  ? 327 LYS A HD2  1 
ATOM   356 H  HD3  . LYS A 1 25 ? -10.49325 3.04130   4.51792   1.000 85.04264  ? 327 LYS A HD3  1 
ATOM   357 H  HE2  . LYS A 1 25 ? -9.60904  4.88452   3.83818   1.000 71.56805  ? 327 LYS A HE2  1 
ATOM   358 H  HE3  . LYS A 1 25 ? -10.04001 4.60611   2.33413   1.000 71.56805  ? 327 LYS A HE3  1 
ATOM   359 H  HZ1  . LYS A 1 25 ? -10.96644 6.51536   3.05981   1.000 80.42212  ? 327 LYS A HZ1  1 
ATOM   360 H  HZ2  . LYS A 1 25 ? -12.03670 5.57034   2.81532   1.000 80.42212  ? 327 LYS A HZ2  1 
ATOM   361 H  HZ3  . LYS A 1 25 ? -11.61461 5.85146   4.17220   1.000 80.42212  ? 327 LYS A HZ3  1 
ATOM   362 N  N    . ASP A 1 26 ? -10.04627 -2.22659  4.01066   1.000 61.08061  ? 328 ASP A N    1 
ATOM   363 C  CA   . ASP A 1 26 ? -10.53296 -3.48187  4.58878   1.000 66.46532  ? 328 ASP A CA   1 
ATOM   364 C  C    . ASP A 1 26 ? -9.57383  -4.00505  5.65715   1.000 69.73888  ? 328 ASP A C    1 
ATOM   365 O  O    . ASP A 1 26 ? -9.98338  -4.25328  6.80038   1.000 61.38094  ? 328 ASP A O    1 
ATOM   366 C  CB   . ASP A 1 26 ? -10.78893 -4.45383  3.43885   1.000 63.89619  ? 328 ASP A CB   1 
ATOM   367 C  CG   . ASP A 1 26 ? -11.71906 -3.82746  2.37303   1.000 66.54124  ? 328 ASP A CG   1 
ATOM   368 O  OD1  . ASP A 1 26 ? -12.72822 -3.23537  2.77964   1.000 68.87689  ? 328 ASP A OD1  1 
ATOM   369 O  OD2  . ASP A 1 26 ? -11.43392 -3.85402  1.16372   1.000 69.92282  ? 328 ASP A OD2  1 
ATOM   370 H  H    . ASP A 1 26 ? -9.72813  -2.32181  3.21736   1.000 73.29673  ? 328 ASP A H    1 
ATOM   371 H  HA   . ASP A 1 26 ? -11.37607 -3.36311  5.05350   1.000 79.75838  ? 328 ASP A HA   1 
ATOM   372 H  HB2  . ASP A 1 26 ? -9.94630  -4.68046  3.01515   1.000 76.67543  ? 328 ASP A HB2  1 
ATOM   373 H  HB3  . ASP A 1 26 ? -11.21332 -5.25528  3.78305   1.000 76.67543  ? 328 ASP A HB3  1 
ATOM   374 N  N    . CYS A 1 27 ? -8.29909  -4.21639  5.29754   1.000 69.59659  ? 329 CYS A N    1 
ATOM   375 C  CA   . CYS A 1 27 ? -7.26038  -4.48176  6.30305   1.000 58.63603  ? 329 CYS A CA   1 
ATOM   376 C  C    . CYS A 1 27 ? -7.30880  -3.35480  7.34186   1.000 56.36977  ? 329 CYS A C    1 
ATOM   377 O  O    . CYS A 1 27 ? -6.67679  -3.43154  8.39544   1.000 76.45420  ? 329 CYS A O    1 
ATOM   378 C  CB   . CYS A 1 27 ? -5.87313  -4.60774  5.66571   1.000 49.85972  ? 329 CYS A CB   1 
ATOM   379 S  SG   . CYS A 1 27 ? -5.68298  -6.06765  4.54448   1.000 45.93345  ? 329 CYS A SG   1 
ATOM   380 H  H    . CYS A 1 27 ? -8.01417  -4.21117  4.48612   1.000 83.51591  ? 329 CYS A H    1 
ATOM   381 H  HA   . CYS A 1 27 ? -7.41369  -5.33324  6.74167   1.000 70.36324  ? 329 CYS A HA   1 
ATOM   382 H  HB2  . CYS A 1 27 ? -5.69893  -3.80993  5.14221   1.000 59.83166  ? 329 CYS A HB2  1 
ATOM   383 H  HB3  . CYS A 1 27 ? -5.21385  -4.69144  6.37227   1.000 59.83166  ? 329 CYS A HB3  1 
ATOM   384 N  N    . GLU A 1 30 ? -6.69417  -3.95039  11.39775  1.000 74.69230  ? 332 GLU A N    1 
ATOM   385 C  CA   . GLU A 1 30 ? -5.77865  -4.98975  11.83547  1.000 89.01488  ? 332 GLU A CA   1 
ATOM   386 C  C    . GLU A 1 30 ? -4.26846  -4.79680  11.57973  1.000 104.99643 ? 332 GLU A C    1 
ATOM   387 O  O    . GLU A 1 30 ? -3.62968  -4.01022  12.29573  1.000 94.50471  ? 332 GLU A O    1 
ATOM   388 C  CB   . GLU A 1 30 ? -6.17799  -6.35442  11.27495  1.000 86.13090  ? 332 GLU A CB   1 
ATOM   389 C  CG   . GLU A 1 30 ? -7.46856  -7.07687  11.74735  1.000 94.11752  ? 332 GLU A CG   1 
ATOM   390 C  CD   . GLU A 1 30 ? -8.80199  -6.41161  11.40245  1.000 114.06613 ? 332 GLU A CD   1 
ATOM   391 O  OE1  . GLU A 1 30 ? -9.84348  -7.09248  11.21122  1.000 115.24580 ? 332 GLU A OE1  1 
ATOM   392 O  OE2  . GLU A 1 30 ? -8.83993  -5.16200  11.56192  1.000 101.71618 ? 332 GLU A OE2  1 
ATOM   393 H  HA   . GLU A 1 30 ? -5.86908  -4.94867  12.80037  1.000 106.81786 ? 332 GLU A HA   1 
ATOM   394 H  HB2  . GLU A 1 30 ? -6.27264  -6.24810  10.31545  1.000 103.35708 ? 332 GLU A HB2  1 
ATOM   395 H  HB3  . GLU A 1 30 ? -5.44910  -6.96369  11.47093  1.000 103.35708 ? 332 GLU A HB3  1 
ATOM   396 H  HG2  . GLU A 1 30 ? -7.48193  -7.95972  11.34574  1.000 112.94102 ? 332 GLU A HG2  1 
ATOM   397 H  HG3  . GLU A 1 30 ? -7.43305  -7.15251  12.71374  1.000 112.94102 ? 332 GLU A HG3  1 
ATOM   398 N  N    . ILE A 1 31 ? -3.70101  -5.53437  10.60819  1.000 100.76636 ? 333 ILE A N    1 
ATOM   399 C  CA   . ILE A 1 31 ? -2.27623  -5.35889  10.33179  1.000 92.51567  ? 333 ILE A CA   1 
ATOM   400 C  C    . ILE A 1 31 ? -2.05359  -4.10630  9.49847   1.000 72.58460  ? 333 ILE A C    1 
ATOM   401 O  O    . ILE A 1 31 ? -1.18196  -3.28055  9.78056   1.000 70.06251  ? 333 ILE A O    1 
ATOM   402 C  CB   . ILE A 1 31 ? -1.67927  -6.59800  9.57590   1.000 94.49468  ? 333 ILE A CB   1 
ATOM   403 C  CG1  . ILE A 1 31 ? -1.73340  -7.92398  10.39217  1.000 91.87727  ? 333 ILE A CG1  1 
ATOM   404 C  CG2  . ILE A 1 31 ? -0.39252  -6.17063  8.73493   1.000 89.32569  ? 333 ILE A CG2  1 
ATOM   405 C  CD1  . ILE A 1 31 ? -1.21244  -9.16000  9.56244   1.000 69.39646  ? 333 ILE A CD1  1 
ATOM   406 H  H    . ILE A 1 31 ? -4.10601  -6.11527  10.12021  1.000 120.91963 ? 333 ILE A H    1 
ATOM   407 H  HA   . ILE A 1 31 ? -1.82683  -5.27522  11.18733  1.000 111.01881 ? 333 ILE A HA   1 
ATOM   408 H  HB   . ILE A 1 31 ? -2.26529  -6.90306  8.86567   1.000 113.39362 ? 333 ILE A HB   1 
ATOM   409 H  HG12 . ILE A 1 31 ? -1.17684  -7.83375  11.18148  1.000 110.25273 ? 333 ILE A HG12 1 
ATOM   410 H  HG13 . ILE A 1 31 ? -2.65135  -8.09964  10.65180  1.000 110.25273 ? 333 ILE A HG13 1 
ATOM   411 H  HG21 . ILE A 1 31 ? -0.00934  -6.95978  8.32104   1.000 107.19083 ? 333 ILE A HG21 1 
ATOM   412 H  HG22 . ILE A 1 31 ? -0.65831  -5.53500  8.05212   1.000 107.19083 ? 333 ILE A HG22 1 
ATOM   413 H  HG23 . ILE A 1 31 ? 0.25417   -5.76333  9.33226   1.000 107.19083 ? 333 ILE A HG23 1 
ATOM   414 H  HD11 . ILE A 1 31 ? -1.71851  -9.22234  8.73727   1.000 83.27575  ? 333 ILE A HD11 1 
ATOM   415 H  HD12 . ILE A 1 31 ? -1.33457  -9.96666  10.08711  1.000 83.27575  ? 333 ILE A HD12 1 
ATOM   416 H  HD13 . ILE A 1 31 ? -0.27132  -9.03345  9.36452   1.000 83.27575  ? 333 ILE A HD13 1 
ATOM   417 N  N    . GLY A 1 32 ? -2.85740  -3.92560  8.48097   1.000 77.48676  ? 334 GLY A N    1 
ATOM   418 C  CA   . GLY A 1 32 ? -2.68249  -2.79827  7.60225   1.000 47.27984  ? 334 GLY A CA   1 
ATOM   419 C  C    . GLY A 1 32 ? -1.98788  -3.26385  6.34018   1.000 36.64355  ? 334 GLY A C    1 
ATOM   420 O  O    . GLY A 1 32 ? -1.20569  -4.21947  6.34132   1.000 41.00390  ? 334 GLY A O    1 
ATOM   421 H  H    . GLY A 1 32 ? -3.51378  -4.44229  8.27649   1.000 92.98412  ? 334 GLY A H    1 
ATOM   422 H  HA2  . GLY A 1 32 ? -3.54403  -2.41683  7.37169   1.000 56.73581  ? 334 GLY A HA2  1 
ATOM   423 H  HA3  . GLY A 1 32 ? -2.14141  -2.11851  8.03361   1.000 56.73581  ? 334 GLY A HA3  1 
ATOM   424 N  N    . TYR A 1 33 ? -2.25474  -2.57337  5.25087   1.000 34.29251  ? 335 TYR A N    1 
ATOM   425 C  CA   . TYR A 1 33 ? -1.67834  -2.92661  3.97161   1.000 31.71051  ? 335 TYR A CA   1 
ATOM   426 C  C    . TYR A 1 33 ? -1.59603  -1.63507  3.18022   1.000 27.48812  ? 335 TYR A C    1 
ATOM   427 O  O    . TYR A 1 33 ? -2.59925  -0.94185  3.05910   1.000 30.18922  ? 335 TYR A O    1 
ATOM   428 C  CB   . TYR A 1 33 ? -2.52579  -3.97716  3.27829   1.000 36.93870  ? 335 TYR A CB   1 
ATOM   429 C  CG   . TYR A 1 33 ? -1.95314  -4.47096  1.96713   1.000 36.15237  ? 335 TYR A CG   1 
ATOM   430 C  CD1  . TYR A 1 33 ? -2.19901  -3.78029  0.77217   1.000 36.39559  ? 335 TYR A CD1  1 
ATOM   431 C  CD2  . TYR A 1 33 ? -1.14837  -5.59903  1.93221   1.000 31.73323  ? 335 TYR A CD2  1 
ATOM   432 C  CE1  . TYR A 1 33 ? -1.67788  -4.21739  -0.43839  1.000 38.43839  ? 335 TYR A CE1  1 
ATOM   433 C  CE2  . TYR A 1 33 ? -0.59870  -6.06756  0.73323   1.000 37.99626  ? 335 TYR A CE2  1 
ATOM   434 C  CZ   . TYR A 1 33 ? -0.88581  -5.37492  -0.45580  1.000 41.14755  ? 335 TYR A CZ   1 
ATOM   435 O  OH   . TYR A 1 33 ? -0.35339  -5.82668  -1.65148  1.000 36.40494  ? 335 TYR A OH   1 
ATOM   436 H  H    . TYR A 1 33 ? -2.77297  -1.88750  5.22576   1.000 41.15101  ? 335 TYR A H    1 
ATOM   437 H  HA   . TYR A 1 33 ? -0.78724  -3.30084  4.05411   1.000 38.05261  ? 335 TYR A HA   1 
ATOM   438 H  HB2  . TYR A 1 33 ? -2.61403  -4.74264  3.86749   1.000 44.32645  ? 335 TYR A HB2  1 
ATOM   439 H  HB3  . TYR A 1 33 ? -3.39941  -3.59829  3.09351   1.000 44.32645  ? 335 TYR A HB3  1 
ATOM   440 H  HD1  . TYR A 1 33 ? -2.72291  -3.01212  0.79065   1.000 43.67471  ? 335 TYR A HD1  1 
ATOM   441 H  HD2  . TYR A 1 33 ? -0.96966  -6.05470  2.72299   1.000 38.07987  ? 335 TYR A HD2  1 
ATOM   442 H  HE1  . TYR A 1 33 ? -1.85099  -3.75077  -1.22401  1.000 46.12607  ? 335 TYR A HE1  1 
ATOM   443 H  HE2  . TYR A 1 33 ? -0.05464  -6.82174  0.72345   1.000 45.59551  ? 335 TYR A HE2  1 
ATOM   444 H  HH   . TYR A 1 33 ? 0.24030   -6.40194  -1.50248  1.000 43.68593  ? 335 TYR A HH   1 
ATOM   445 N  N    . ASP A 1 34 ? -0.43478  -1.34197  2.63772   1.000 26.43171  ? 336 ASP A N    1 
ATOM   446 C  CA   . ASP A 1 34 ? -0.18026  -0.08097  1.93781   1.000 27.97738  ? 336 ASP A CA   1 
ATOM   447 C  C    . ASP A 1 34 ? 0.47472   -0.37233  0.60808   1.000 27.02616  ? 336 ASP A C    1 
ATOM   448 O  O    . ASP A 1 34 ? 1.22948   -1.34169  0.50322   1.000 31.21710  ? 336 ASP A O    1 
ATOM   449 C  CB   . ASP A 1 34 ? 0.81474   0.81779   2.69908   1.000 32.48910  ? 336 ASP A CB   1 
ATOM   450 C  CG   . ASP A 1 34 ? 0.37108   1.14130   4.03340   1.000 34.37780  ? 336 ASP A CG   1 
ATOM   451 O  OD1  . ASP A 1 34 ? -0.52594  1.99745   4.17085   1.000 31.98204  ? 336 ASP A OD1  1 
ATOM   452 O  OD2  . ASP A 1 34 ? 0.95418   0.60535   4.98252   1.000 38.00929  ? 336 ASP A OD2  1 
ATOM   453 H  H    . ASP A 1 34 ? 0.24720   -1.86554  2.65686   1.000 31.71805  ? 336 ASP A H    1 
ATOM   454 H  HA   . ASP A 1 34 ? -1.02985  0.37343   1.82554   1.000 33.57286  ? 336 ASP A HA   1 
ATOM   455 H  HB2  . ASP A 1 34 ? 1.66556   0.35736   2.76986   1.000 38.98692  ? 336 ASP A HB2  1 
ATOM   456 H  HB3  . ASP A 1 34 ? 0.92671   1.64861   2.21112   1.000 38.98692  ? 336 ASP A HB3  1 
ATOM   457 N  N    . LEU A 1 35 ? 0.21797   0.47908   -0.38632  1.000 25.95904  ? 337 LEU A N    1 
ATOM   458 C  CA   . LEU A 1 35 ? 0.90381   0.44718   -1.66229  1.000 24.83220  ? 337 LEU A CA   1 
ATOM   459 C  C    . LEU A 1 35 ? 1.43028   1.83846   -2.06374  1.000 31.93225  ? 337 LEU A C    1 
ATOM   460 O  O    . LEU A 1 35 ? 0.74340   2.83777   -1.87246  1.000 28.68845  ? 337 LEU A O    1 
ATOM   461 C  CB   . LEU A 1 35 ? -0.06240  -0.01174  -2.76517  1.000 27.61404  ? 337 LEU A CB   1 
ATOM   462 C  CG   . LEU A 1 35 ? -0.54767  -1.46760  -2.61223  1.000 30.47502  ? 337 LEU A CG   1 
ATOM   463 C  CD1  . LEU A 1 35 ? -1.71336  -1.77141  -3.62652  1.000 35.20361  ? 337 LEU A CD1  1 
ATOM   464 C  CD2  . LEU A 1 35 ? 0.64096   -2.45619  -2.79189  1.000 33.80752  ? 337 LEU A CD2  1 
ATOM   465 H  H    . LEU A 1 35 ? -0.37142  1.10335   -0.33644  1.000 31.15084  ? 337 LEU A H    1 
ATOM   466 H  HA   . LEU A 1 35 ? 1.66410   -0.14966  -1.58071  1.000 29.79865  ? 337 LEU A HA   1 
ATOM   467 H  HB2  . LEU A 1 35 ? -0.84372  0.56291   -2.75126  1.000 33.13685  ? 337 LEU A HB2  1 
ATOM   468 H  HB3  . LEU A 1 35 ? 0.38776   0.06102   -3.62130  1.000 33.13685  ? 337 LEU A HB3  1 
ATOM   469 H  HG   . LEU A 1 35 ? -0.90237  -1.59805  -1.71888  1.000 36.57002  ? 337 LEU A HG   1 
ATOM   470 H  HD11 . LEU A 1 35 ? -2.02140  -2.68106  -3.49035  1.000 42.24433  ? 337 LEU A HD11 1 
ATOM   471 H  HD12 . LEU A 1 35 ? -2.44014  -1.14885  -3.46805  1.000 42.24433  ? 337 LEU A HD12 1 
ATOM   472 H  HD13 . LEU A 1 35 ? -1.37984  -1.66709  -4.53139  1.000 42.24433  ? 337 LEU A HD13 1 
ATOM   473 H  HD21 . LEU A 1 35 ? 0.29510   -3.36141  -2.83485  1.000 40.56903  ? 337 LEU A HD21 1 
ATOM   474 H  HD22 . LEU A 1 35 ? 1.10879   -2.24148  -3.61405  1.000 40.56903  ? 337 LEU A HD22 1 
ATOM   475 H  HD23 . LEU A 1 35 ? 1.24253   -2.36743  -2.03615  1.000 40.56903  ? 337 LEU A HD23 1 
ATOM   476 N  N    . CYS A 1 36 ? 2.61531   1.87247   -2.68695  1.000 28.24202  ? 338 CYS A N    1 
ATOM   477 C  CA   . CYS A 1 36 ? 3.11144   3.08329   -3.35922  1.000 25.10797  ? 338 CYS A CA   1 
ATOM   478 C  C    . CYS A 1 36 ? 2.40082   3.29422   -4.70115  1.000 29.55469  ? 338 CYS A C    1 
ATOM   479 O  O    . CYS A 1 36 ? 1.66815   2.42597   -5.24548  1.000 32.45263  ? 338 CYS A O    1 
ATOM   480 C  CB   . CYS A 1 36 ? 4.64829   2.97609   -3.56948  1.000 29.50783  ? 338 CYS A CB   1 
ATOM   481 S  SG   . CYS A 1 36 ? 5.17371   1.80012   -4.91307  1.000 31.14460  ? 338 CYS A SG   1 
ATOM   482 H  H    . CYS A 1 36 ? 3.15462   1.20435   -2.73558  1.000 33.89043  ? 338 CYS A H    1 
ATOM   483 H  HA   . CYS A 1 36 ? 2.92647   3.85692   -2.80408  1.000 30.12956  ? 338 CYS A HA   1 
ATOM   484 H  HB2  . CYS A 1 36 ? 4.98893   3.85431   -3.80101  1.000 35.40940  ? 338 CYS A HB2  1 
ATOM   485 H  HB3  . CYS A 1 36 ? 5.05141   2.67160   -2.74143  1.000 35.40940  ? 338 CYS A HB3  1 
ATOM   486 N  N    . LYS A 1 37 ? 2.62937   4.47459   -5.28144  1.000 30.58502  ? 339 LYS A N    1 
ATOM   487 C  CA   . LYS A 1 37 ? 1.90679   4.81574   -6.48338  1.000 32.31739  ? 339 LYS A CA   1 
ATOM   488 C  C    . LYS A 1 37 ? 2.22574   3.85782   -7.59880  1.000 36.23208  ? 339 LYS A C    1 
ATOM   489 O  O    . LYS A 1 37 ? 1.32529   3.47212   -8.34732  1.000 35.24950  ? 339 LYS A O    1 
ATOM   490 C  CB   . LYS A 1 37 ? 2.19913   6.26393   -6.94562  1.000 34.21215  ? 339 LYS A CB   1 
ATOM   491 C  CG   . LYS A 1 37 ? 1.44642   6.57471   -8.15755  1.000 37.03325  ? 339 LYS A CG   1 
ATOM   492 C  CD   . LYS A 1 37 ? 1.67364   7.97189   -8.79516  1.000 60.65729  ? 339 LYS A CD   1 
ATOM   493 C  CE   . LYS A 1 37 ? 3.11381   7.81197   -9.51480  1.000 80.98027  ? 339 LYS A CE   1 
ATOM   494 N  NZ   . LYS A 1 37 ? 3.25797   9.03577   -10.47522 1.000 73.97017  ? 339 LYS A NZ   1 
ATOM   495 H  H    . LYS A 1 37 ? 3.18223   5.07051   -5.00070  1.000 36.70202  ? 339 LYS A H    1 
ATOM   496 H  HA   . LYS A 1 37 ? 0.96138   4.76459   -6.27248  1.000 38.78087  ? 339 LYS A HA   1 
ATOM   497 H  HB2  . LYS A 1 37 ? 1.93632   6.88604   -6.24935  1.000 41.05459  ? 339 LYS A HB2  1 
ATOM   498 H  HB3  . LYS A 1 37 ? 3.14559   6.35906   -7.13555  1.000 41.05459  ? 339 LYS A HB3  1 
ATOM   499 H  HG2  . LYS A 1 37 ? 1.67992   5.91755   -8.83172  1.000 44.43990  ? 339 LYS A HG2  1 
ATOM   500 H  HG3  . LYS A 1 37 ? 0.50153   6.51285   -7.94717  1.000 44.43990  ? 339 LYS A HG3  1 
ATOM   501 H  HD2  . LYS A 1 37 ? 0.98767   8.17728   -9.44950  1.000 72.78875  ? 339 LYS A HD2  1 
ATOM   502 H  HD3  . LYS A 1 37 ? 1.70660   8.66724   -8.11966  1.000 72.78875  ? 339 LYS A HD3  1 
ATOM   503 H  HE2  . LYS A 1 37 ? 3.82713   7.82601   -8.85763  1.000 97.17633  ? 339 LYS A HE2  1 
ATOM   504 H  HE3  . LYS A 1 37 ? 3.15014   6.98859   -10.02632 1.000 97.17633  ? 339 LYS A HE3  1 
ATOM   505 H  HZ1  . LYS A 1 37 ? 3.94786   8.91258   -11.02382 1.000 88.76421  ? 339 LYS A HZ1  1 
ATOM   506 H  HZ2  . LYS A 1 37 ? 2.51741   9.13158   -10.95946 1.000 88.76421  ? 339 LYS A HZ2  1 
ATOM   507 H  HZ3  . LYS A 1 37 ? 3.39289   9.77848   -10.00375 1.000 88.76421  ? 339 LYS A HZ3  1 
ATOM   508 N  N    . ASP A 1 38 ? 3.51322   3.50512   -7.75423  1.000 36.53203  ? 340 ASP A N    1 
ATOM   509 C  CA   . ASP A 1 38 ? 3.92036   2.60540   -8.85340  1.000 34.86175  ? 340 ASP A CA   1 
ATOM   510 C  C    . ASP A 1 38 ? 3.28711   1.23038   -8.74943  1.000 38.42759  ? 340 ASP A C    1 
ATOM   511 O  O    . ASP A 1 38 ? 2.81891   0.68474   -9.75662  1.000 48.71115  ? 340 ASP A O    1 
ATOM   512 C  CB   . ASP A 1 38 ? 5.43861   2.44648   -8.87972  1.000 38.33178  ? 340 ASP A CB   1 
ATOM   513 C  CG   . ASP A 1 38 ? 6.16105   3.71894   -9.30653  1.000 52.66563  ? 340 ASP A CG   1 
ATOM   514 O  OD1  . ASP A 1 38 ? 5.49614   4.58107   -9.93364  1.000 56.20618  ? 340 ASP A OD1  1 
ATOM   515 O  OD2  . ASP A 1 38 ? 7.38135   3.83306   -9.03571  1.000 59.31756  ? 340 ASP A OD2  1 
ATOM   516 H  H    . ASP A 1 38 ? 4.15875   3.76579   -7.24931  1.000 43.83844  ? 340 ASP A H    1 
ATOM   517 H  HA   . ASP A 1 38 ? 3.62317   3.01801   -9.67943  1.000 41.83410  ? 340 ASP A HA   1 
ATOM   518 H  HB2  . ASP A 1 38 ? 5.74671   2.21130   -7.99052  1.000 45.99813  ? 340 ASP A HB2  1 
ATOM   519 H  HB3  . ASP A 1 38 ? 5.67158   1.74501   -9.50787  1.000 45.99813  ? 340 ASP A HB3  1 
ATOM   520 N  N    . CYS A 1 39 ? 3.22126   0.67957   -7.55480  1.000 35.64363  ? 341 CYS A N    1 
ATOM   521 C  CA   . CYS A 1 39 ? 2.61139   -0.62816  -7.34247  1.000 37.88638  ? 341 CYS A CA   1 
ATOM   522 C  C    . CYS A 1 39 ? 1.11151   -0.51143  -7.48005  1.000 49.70302  ? 341 CYS A C    1 
ATOM   523 O  O    . CYS A 1 39 ? 0.46912   -1.42608  -7.96715  1.000 43.20740  ? 341 CYS A O    1 
ATOM   524 C  CB   . CYS A 1 39 ? 3.03544   -1.19384  -6.00108  1.000 35.09155  ? 341 CYS A CB   1 
ATOM   525 S  SG   . CYS A 1 39 ? 4.83152   -1.55805  -6.04828  1.000 32.08238  ? 341 CYS A SG   1 
ATOM   526 H  H    . CYS A 1 39 ? 3.52435   1.04126   -6.83583  1.000 42.77235  ? 341 CYS A H    1 
ATOM   527 H  HA   . CYS A 1 39 ? 2.92282   -1.26376  -8.00573  1.000 45.46365  ? 341 CYS A HA   1 
ATOM   528 H  HB2  . CYS A 1 39 ? 2.86246   -0.54598  -5.30018  1.000 42.10986  ? 341 CYS A HB2  1 
ATOM   529 H  HB3  . CYS A 1 39 ? 2.55095   -2.01467  -5.82106  1.000 42.10986  ? 341 CYS A HB3  1 
ATOM   530 N  N    . TYR A 1 40 ? 0.51935   0.57708   -6.98103  1.000 36.58850  ? 342 TYR A N    1 
ATOM   531 C  CA   . TYR A 1 40 ? -0.93488  0.63511   -7.05774  1.000 37.40818  ? 342 TYR A CA   1 
ATOM   532 C  C    . TYR A 1 40 ? -1.41390  0.77367   -8.50068  1.000 55.91174  ? 342 TYR A C    1 
ATOM   533 O  O    . TYR A 1 40 ? -2.42632  0.14792   -8.86804  1.000 48.32809  ? 342 TYR A O    1 
ATOM   534 C  CB   . TYR A 1 40 ? -1.49483  1.80920   -6.20912  1.000 35.55891  ? 342 TYR A CB   1 
ATOM   535 C  CG   . TYR A 1 40 ? -3.00098  2.08334   -6.33621  1.000 36.49620  ? 342 TYR A CG   1 
ATOM   536 C  CD1  . TYR A 1 40 ? -3.87747  1.42940   -5.47586  1.000 34.93009  ? 342 TYR A CD1  1 
ATOM   537 C  CD2  . TYR A 1 40 ? -3.53908  3.05302   -7.21254  1.000 35.82165  ? 342 TYR A CD2  1 
ATOM   538 C  CE1  . TYR A 1 40 ? -5.23423  1.64004   -5.52936  1.000 34.61312  ? 342 TYR A CE1  1 
ATOM   539 C  CE2  . TYR A 1 40 ? -4.92470  3.30115   -7.26558  1.000 39.30419  ? 342 TYR A CE2  1 
ATOM   540 C  CZ   . TYR A 1 40 ? -5.76621  2.60144   -6.40405  1.000 34.74636  ? 342 TYR A CZ   1 
ATOM   541 O  OH   . TYR A 1 40 ? -7.12934  2.79520   -6.41692  1.000 45.59278  ? 342 TYR A OH   1 
ATOM   542 H  H    . TYR A 1 40 ? 0.91338   1.24955   -6.61755  1.000 43.90620  ? 342 TYR A H    1 
ATOM   543 H  HA   . TYR A 1 40 ? -1.28474  -0.19017  -6.68704  1.000 44.88982  ? 342 TYR A HA   1 
ATOM   544 H  HB2  . TYR A 1 40 ? -1.31770  1.61777   -5.27484  1.000 42.67069  ? 342 TYR A HB2  1 
ATOM   545 H  HB3  . TYR A 1 40 ? -1.03397  2.62036   -6.47473  1.000 42.67069  ? 342 TYR A HB3  1 
ATOM   546 H  HD1  . TYR A 1 40 ? -3.53604  0.83414   -4.84817  1.000 41.91611  ? 342 TYR A HD1  1 
ATOM   547 H  HD2  . TYR A 1 40 ? -2.96758  3.53633   -7.76453  1.000 42.98598  ? 342 TYR A HD2  1 
ATOM   548 H  HE1  . TYR A 1 40 ? -5.80208  1.14437   -4.98459  1.000 41.53575  ? 342 TYR A HE1  1 
ATOM   549 H  HE2  . TYR A 1 40 ? -5.27160  3.92143   -7.86543  1.000 47.16503  ? 342 TYR A HE2  1 
ATOM   550 H  HH   . TYR A 1 40 ? -7.50089  2.25795   -5.88879  1.000 54.71134  ? 342 TYR A HH   1 
ATOM   551 N  N    . GLU A 1 41 ? -0.58439  1.35427   -9.37565  1.000 70.87923  ? 343 GLU A N    1 
ATOM   552 C  CA   . GLU A 1 41 ? -0.97394  1.65884   -10.74923 1.000 71.47228  ? 343 GLU A CA   1 
ATOM   553 C  C    . GLU A 1 41 ? -0.54745  0.60003   -11.75330 1.000 71.58024  ? 343 GLU A C    1 
ATOM   554 O  O    . GLU A 1 41 ? -0.48589  0.89222   -12.95227 1.000 75.34990  ? 343 GLU A O    1 
ATOM   555 C  CB   . GLU A 1 41 ? -0.43288  3.03841   -11.17331 1.000 71.35009  ? 343 GLU A CB   1 
ATOM   556 C  CG   . GLU A 1 41 ? -1.03232  4.20606   -10.40286 1.000 72.07300  ? 343 GLU A CG   1 
ATOM   557 C  CD   . GLU A 1 41 ? -0.65424  5.56652   -10.97448 1.000 74.20735  ? 343 GLU A CD   1 
ATOM   558 O  OE1  . GLU A 1 41 ? -1.18046  6.58810   -10.46694 1.000 73.34295  ? 343 GLU A OE1  1 
ATOM   559 O  OE2  . GLU A 1 41 ? 0.17099   5.61486   -11.91710 1.000 76.09748  ? 343 GLU A OE2  1 
ATOM   560 H  H    . GLU A 1 41 ? 0.22323   1.58370   -9.18935  1.000 85.05508  ? 343 GLU A H    1 
ATOM   561 H  HA   . GLU A 1 41 ? -1.94306  1.69498   -10.76919 1.000 85.76674  ? 343 GLU A HA   1 
ATOM   562 H  HB2  . GLU A 1 41 ? 0.52643   3.05276   -11.03037 1.000 85.62011  ? 343 GLU A HB2  1 
ATOM   563 H  HB3  . GLU A 1 41 ? -0.63029  3.17351   -12.11335 1.000 85.62011  ? 343 GLU A HB3  1 
ATOM   564 H  HG2  . GLU A 1 41 ? -1.99930  4.13285   -10.42488 1.000 86.48760  ? 343 GLU A HG2  1 
ATOM   565 H  HG3  . GLU A 1 41 ? -0.71777  4.17122   -9.48594  1.000 86.48760  ? 343 GLU A HG3  1 
ATOM   566 N  N    . THR A 1 42 ? -0.25337  -0.61335  -11.28301 1.000 75.51893  ? 344 THR A N    1 
ATOM   567 C  CA   . THR A 1 42 ? 0.12664   -1.76211  -12.11324 1.000 76.32201  ? 344 THR A CA   1 
ATOM   568 C  C    . THR A 1 42 ? -0.48916  -3.04018  -11.54574 1.000 72.15571  ? 344 THR A C    1 
ATOM   569 O  O    . THR A 1 42 ? -1.61637  -3.01894  -11.04260 1.000 74.17700  ? 344 THR A O    1 
ATOM   570 C  CB   . THR A 1 42 ? 1.64746   -1.91257  -12.16262 1.000 73.05681  ? 344 THR A CB   1 
ATOM   571 O  OG1  . THR A 1 42 ? 2.13098   -2.13003  -10.83414 1.000 69.99182  ? 344 THR A OG1  1 
ATOM   572 C  CG2  . THR A 1 42 ? 2.27984   -0.62971  -12.71875 1.000 74.39800  ? 344 THR A CG2  1 
ATOM   573 H  H    . THR A 1 42 ? -0.26670  -0.80869  -10.44559 1.000 90.62271  ? 344 THR A H    1 
ATOM   574 H  HA   . THR A 1 42 ? -0.19487  -1.64354  -13.02070 1.000 91.58641  ? 344 THR A HA   1 
ATOM   575 H  HB   . THR A 1 42 ? 1.89453   -2.65717  -12.73308 1.000 87.66818  ? 344 THR A HB   1 
ATOM   576 H  HG1  . THR A 1 42 ? 1.95061   -1.46723  -10.35066 1.000 83.99019  ? 344 THR A HG1  1 
ATOM   577 H  HG21 . THR A 1 42 ? 1.88609   -0.41120  -13.57788 1.000 89.27760  ? 344 THR A HG21 1 
ATOM   578 H  HG22 . THR A 1 42 ? 2.12836   0.10724   -12.10648 1.000 89.27760  ? 344 THR A HG22 1 
ATOM   579 H  HG23 . THR A 1 42 ? 3.23519   -0.75313  -12.83256 1.000 89.27760  ? 344 THR A HG23 1 
ATOM   580 N  N    . SER A 1 44 ? -0.83754  -3.63096  -8.05844  1.000 79.69276  ? 346 SER A N    1 
ATOM   581 C  CA   . SER A 1 44 ? -0.33075  -4.39683  -6.93690  1.000 70.35443  ? 346 SER A CA   1 
ATOM   582 C  C    . SER A 1 44 ? 0.55844   -5.42066  -7.56248  1.000 83.27429  ? 346 SER A C    1 
ATOM   583 O  O    . SER A 1 44 ? 1.09910   -5.16534  -8.66073  1.000 92.69804  ? 346 SER A O    1 
ATOM   584 C  CB   . SER A 1 44 ? -1.45143  -5.04834  -6.14691  1.000 74.78538  ? 346 SER A CB   1 
ATOM   585 O  OG   . SER A 1 44 ? -0.96584  -5.38994  -4.85753  1.000 82.40215  ? 346 SER A OG   1 
ATOM   586 H  H    . SER A 1 44 ? -0.27946  -3.07670  -8.40445  1.000 95.63131  ? 346 SER A H    1 
ATOM   587 H  HA   . SER A 1 44 ? 0.13690   -3.85142  -6.28519  1.000 84.42532  ? 346 SER A HA   1 
ATOM   588 H  HB2  . SER A 1 44 ? -2.19032  -4.42595  -6.05998  1.000 89.74246  ? 346 SER A HB2  1 
ATOM   589 H  HB3  . SER A 1 44 ? -1.74594  -5.85108  -6.60491  1.000 89.74246  ? 346 SER A HB3  1 
ATOM   590 H  HG   . SER A 1 44 ? -1.50236  -5.91294  -4.47775  1.000 98.88258  ? 346 SER A HG   1 
ATOM   591 N  N    . LYS A 1 45 ? 0.66753   -6.59157  -6.90001  1.000 82.56222  ? 347 LYS A N    1 
ATOM   592 C  CA   . LYS A 1 45 ? 1.51027   -7.65955  -7.41409  1.000 88.35097  ? 347 LYS A CA   1 
ATOM   593 C  C    . LYS A 1 45 ? 0.80834   -9.02590  -7.63525  1.000 99.91342  ? 347 LYS A C    1 
ATOM   594 O  O    . LYS A 1 45 ? -0.11152  -9.40518  -6.91351  1.000 112.97516 ? 347 LYS A O    1 
ATOM   595 C  CB   . LYS A 1 45 ? 2.72516   -7.94344  -6.50093  1.000 77.29956  ? 347 LYS A CB   1 
ATOM   596 C  CG   . LYS A 1 45 ? 3.87486   -7.16108  -6.83986  1.000 87.49734  ? 347 LYS A CG   1 
ATOM   597 C  CD   . LYS A 1 45 ? 4.32941   -7.75122  -8.11748  1.000 93.18198  ? 347 LYS A CD   1 
ATOM   598 C  CE   . LYS A 1 45 ? 5.06297   -6.75967  -8.90412  1.000 116.28802 ? 347 LYS A CE   1 
ATOM   599 N  NZ   . LYS A 1 45 ? 6.14782   -6.10927  -8.11160  1.000 94.14756  ? 347 LYS A NZ   1 
ATOM   600 H  H    . LYS A 1 45 ? 0.26457   -6.77657  -6.16312  1.000 99.07466  ? 347 LYS A H    1 
ATOM   601 H  HA   . LYS A 1 45 ? 1.78980   -7.31867  -8.27812  1.000 106.02116 ? 347 LYS A HA   1 
ATOM   602 H  HB2  . LYS A 1 45 ? 2.48400   -7.73931  -5.58383  1.000 92.75947  ? 347 LYS A HB2  1 
ATOM   603 H  HB3  . LYS A 1 45 ? 2.96631   -8.87965  -6.58004  1.000 92.75947  ? 347 LYS A HB3  1 
ATOM   604 H  HG2  . LYS A 1 45 ? 3.64065   -6.22792  -6.96335  1.000 104.99681 ? 347 LYS A HG2  1 
ATOM   605 H  HG3  . LYS A 1 45 ? 4.56676   -7.24298  -6.16499  1.000 104.99681 ? 347 LYS A HG3  1 
ATOM   606 H  HD2  . LYS A 1 45 ? 4.91784   -8.50130  -7.93852  1.000 111.81838 ? 347 LYS A HD2  1 
ATOM   607 H  HD3  . LYS A 1 45 ? 3.56146   -8.04713  -8.63089  1.000 111.81838 ? 347 LYS A HD3  1 
ATOM   608 H  HE2  . LYS A 1 45 ? 5.46732   -7.19573  -9.67045  1.000 139.54562 ? 347 LYS A HE2  1 
ATOM   609 H  HE3  . LYS A 1 45 ? 4.44905   -6.06972  -9.20071  1.000 139.54562 ? 347 LYS A HE3  1 
ATOM   610 H  HZ1  . LYS A 1 45 ? 6.64528   -5.59522  -8.64111  1.000 112.97707 ? 347 LYS A HZ1  1 
ATOM   611 H  HZ2  . LYS A 1 45 ? 6.66712   -6.72935  -7.74024  1.000 112.97707 ? 347 LYS A HZ2  1 
ATOM   612 H  HZ3  . LYS A 1 45 ? 5.79475   -5.60530  -7.46858  1.000 112.97707 ? 347 LYS A HZ3  1 
ATOM   613 N  N    . PRO A 1 47 ? 1.98194   -11.75014 -6.47852  1.000 74.26167  ? 349 PRO A N    1 
ATOM   614 C  CA   . PRO A 1 47 ? 2.32310   -12.04664 -5.06957  1.000 76.65812  ? 349 PRO A CA   1 
ATOM   615 C  C    . PRO A 1 47 ? 2.04322   -10.93425 -4.06966  1.000 70.50799  ? 349 PRO A C    1 
ATOM   616 O  O    . PRO A 1 47 ? 2.19900   -11.13155 -2.87316  1.000 69.85453  ? 349 PRO A O    1 
ATOM   617 C  CB   . PRO A 1 47 ? 3.82960   -12.25539 -5.10315  1.000 74.57408  ? 349 PRO A CB   1 
ATOM   618 C  CG   . PRO A 1 47 ? 4.30651   -11.49670 -6.36259  1.000 80.87350  ? 349 PRO A CG   1 
ATOM   619 C  CD   . PRO A 1 47 ? 3.17674   -11.65723 -7.34571  1.000 91.11269  ? 349 PRO A CD   1 
ATOM   620 H  HA   . PRO A 1 47 ? 1.83483   -12.84530 -4.81533  1.000 91.98975  ? 349 PRO A HA   1 
ATOM   621 H  HB2  . PRO A 1 47 ? 4.23259   -11.88655 -4.30162  1.000 89.48890  ? 349 PRO A HB2  1 
ATOM   622 H  HB3  . PRO A 1 47 ? 4.03097   -13.20188 -5.17033  1.000 89.48890  ? 349 PRO A HB3  1 
ATOM   623 H  HG2  . PRO A 1 47 ? 4.45550   -10.56167 -6.15182  1.000 97.04820  ? 349 PRO A HG2  1 
ATOM   624 H  HG3  . PRO A 1 47 ? 5.12351   -11.89459 -6.70182  1.000 97.04820  ? 349 PRO A HG3  1 
ATOM   625 H  HD2  . PRO A 1 47 ? 3.11809   -10.88742 -7.93295  1.000 109.33523 ? 349 PRO A HD2  1 
ATOM   626 H  HD3  . PRO A 1 47 ? 3.28704   -12.46629 -7.86931  1.000 109.33523 ? 349 PRO A HD3  1 
ATOM   627 N  N    . GLY A 1 48 ? 1.71410   -9.75847  -4.59541  1.000 70.22015  ? 350 GLY A N    1 
ATOM   628 C  CA   . GLY A 1 48 ? 1.27945   -8.65162  -3.75553  1.000 72.11195  ? 350 GLY A CA   1 
ATOM   629 C  C    . GLY A 1 48 ? 0.05972   -9.00153  -2.92969  1.000 94.38073  ? 350 GLY A C    1 
ATOM   630 O  O    . GLY A 1 48 ? -0.24011  -8.30231  -1.95469  1.000 87.26712  ? 350 GLY A O    1 
ATOM   631 H  H    . GLY A 1 48 ? 1.73416   -9.57656  -5.43571  1.000 84.26419  ? 350 GLY A H    1 
ATOM   632 H  HA2  . GLY A 1 48 ? 1.99779   -8.40530  -3.15202  1.000 86.53434  ? 350 GLY A HA2  1 
ATOM   633 H  HA3  . GLY A 1 48 ? 1.06223   -7.88990  -4.31543  1.000 86.53434  ? 350 GLY A HA3  1 
ATOM   634 N  N    . ARG A 1 49 ? -0.64820  -10.07967 -3.29617  1.000 84.59389  ? 351 ARG A N    1 
ATOM   635 C  CA   . ARG A 1 49 ? -1.78491  -10.57119 -2.53275  1.000 84.41431  ? 351 ARG A CA   1 
ATOM   636 C  C    . ARG A 1 49 ? -1.36072  -11.78181 -1.70337  1.000 85.49839  ? 351 ARG A C    1 
ATOM   637 O  O    . ARG A 1 49 ? -0.41344  -12.49426 -2.04745  1.000 75.22696  ? 351 ARG A O    1 
ATOM   638 C  CB   . ARG A 1 49 ? -2.96043  -10.95821 -3.43414  1.000 84.33002  ? 351 ARG A CB   1 
ATOM   639 C  CG   . ARG A 1 49 ? -3.15111  -10.13813 -4.68961  1.000 75.10060  ? 351 ARG A CG   1 
ATOM   640 C  CD   . ARG A 1 49 ? -3.91597  -8.86893  -4.41797  1.000 75.21852  ? 351 ARG A CD   1 
ATOM   641 N  NE   . ARG A 1 49 ? -3.99241  -8.10109  -5.65465  1.000 89.59749  ? 351 ARG A NE   1 
ATOM   642 C  CZ   . ARG A 1 49 ? -4.79201  -7.06195  -5.84589  1.000 112.71031 ? 351 ARG A CZ   1 
ATOM   643 N  NH1  . ARG A 1 49 ? -4.79232  -6.43348  -7.01315  1.000 122.86026 ? 351 ARG A NH1  1 
ATOM   644 N  NH2  . ARG A 1 49 ? -5.57152  -6.63691  -4.86577  1.000 107.36451 ? 351 ARG A NH2  1 
ATOM   645 H  H    . ARG A 1 49 ? -0.47944  -10.54667 -3.99834  1.000 101.51267 ? 351 ARG A H    1 
ATOM   646 H  HA   . ARG A 1 49 ? -2.09354  -9.86660  -1.94181  1.000 101.29717 ? 351 ARG A HA   1 
ATOM   647 H  HB2  . ARG A 1 49 ? -2.83490  -11.87876 -3.71297  1.000 101.19602 ? 351 ARG A HB2  1 
ATOM   648 H  HB3  . ARG A 1 49 ? -3.77616  -10.87693 -2.91562  1.000 101.19602 ? 351 ARG A HB3  1 
ATOM   649 H  HG2  . ARG A 1 49 ? -2.28318  -9.89827  -5.05026  1.000 90.12072  ? 351 ARG A HG2  1 
ATOM   650 H  HG3  . ARG A 1 49 ? -3.64813  -10.65887 -5.33977  1.000 90.12072  ? 351 ARG A HG3  1 
ATOM   651 H  HD2  . ARG A 1 49 ? -4.81436  -9.07972  -4.11903  1.000 90.26222  ? 351 ARG A HD2  1 
ATOM   652 H  HD3  . ARG A 1 49 ? -3.45742  -8.34206  -3.74490  1.000 90.26222  ? 351 ARG A HD3  1 
ATOM   653 H  HE   . ARG A 1 49 ? -3.48309  -8.33909  -6.30546  1.000 107.51698 ? 351 ARG A HE   1 
ATOM   654 H  HH11 . ARG A 1 49 ? -4.27389  -6.70032  -7.64532  1.000 147.43232 ? 351 ARG A HH11 1 
ATOM   655 H  HH12 . ARG A 1 49 ? -5.31093  -5.75895  -7.13821  1.000 147.43232 ? 351 ARG A HH12 1 
ATOM   656 H  HH21 . ARG A 1 49 ? -5.55973  -7.03502  -4.10355  1.000 128.83742 ? 351 ARG A HH21 1 
ATOM   657 H  HH22 . ARG A 1 49 ? -6.09023  -5.96241  -4.99061  1.000 128.83742 ? 351 ARG A HH22 1 
ATOM   658 N  N    . PHE A 1 50 ? -2.05555  -11.99478 -0.59138  1.000 73.02971  ? 352 PHE A N    1 
ATOM   659 C  CA   . PHE A 1 50 ? -1.76428  -13.12580 0.26728   1.000 73.05586  ? 352 PHE A CA   1 
ATOM   660 C  C    . PHE A 1 50 ? -2.98200  -13.46847 1.13235   1.000 74.52129  ? 352 PHE A C    1 
ATOM   661 O  O    . PHE A 1 50 ? -4.13780  -13.32867 0.69978   1.000 76.30221  ? 352 PHE A O    1 
ATOM   662 C  CB   . PHE A 1 50 ? -0.53762  -12.83679 1.12507   1.000 71.17215  ? 352 PHE A CB   1 
ATOM   663 H  H    . PHE A 1 50 ? -2.69987  -11.49629 -0.31578  1.000 87.63566  ? 352 PHE A H    1 
ATOM   664 H  HA   . PHE A 1 50 ? -1.55895  -13.90325 -0.27524  1.000 87.66703  ? 352 PHE A HA   1 
ATOM   665 H  HB2  . PHE A 1 50 ? -0.38373  -13.58787 1.71929   1.000 85.40658  ? 352 PHE A HB2  1 
ATOM   666 H  HB3  . PHE A 1 50 ? 0.23014   -12.71054 0.54584   1.000 85.40658  ? 352 PHE A HB3  1 
ATOM   667 C  CA   . GLN A 1 52 ? -2.50227  -13.43353 4.13928   1.000 72.99369  ? 354 GLN A CA   1 
ATOM   668 C  C    . GLN A 1 52 ? -3.88894  -12.78361 4.15599   1.000 74.74932  ? 354 GLN A C    1 
ATOM   669 O  O    . GLN A 1 52 ? -4.87646  -13.40529 3.73330   1.000 84.43211  ? 354 GLN A O    1 
ATOM   670 C  CB   . GLN A 1 52 ? -1.38103  -12.40803 3.94597   1.000 71.15680  ? 354 GLN A CB   1 
ATOM   671 C  CG   . GLN A 1 52 ? -0.91086  -11.78844 5.21696   1.000 70.29616  ? 354 GLN A CG   1 
ATOM   672 C  CD   . GLN A 1 52 ? 0.16023   -10.71113 4.96696   1.000 69.62678  ? 354 GLN A CD   1 
ATOM   673 O  OE1  . GLN A 1 52 ? 0.76542   -10.63714 3.88182   1.000 68.47267  ? 354 GLN A OE1  1 
ATOM   674 N  NE2  . GLN A 1 52 ? 0.33238   -9.82951  5.94619   1.000 68.81264  ? 354 GLN A NE2  1 
ATOM   675 H  HA   . GLN A 1 52 ? -2.36509  -13.87209 4.99354   1.000 87.59243  ? 354 GLN A HA   1 
ATOM   676 H  HB2  . GLN A 1 52 ? -0.62236  -12.84927 3.53288   1.000 85.38816  ? 354 GLN A HB2  1 
ATOM   677 H  HB3  . GLN A 1 52 ? -1.70440  -11.69666 3.37126   1.000 85.38816  ? 354 GLN A HB3  1 
ATOM   678 H  HG2  . GLN A 1 52 ? -1.66243  -11.37112 5.66627   1.000 84.35539  ? 354 GLN A HG2  1 
ATOM   679 H  HG3  . GLN A 1 52 ? -0.52504  -12.47475 5.78353   1.000 84.35539  ? 354 GLN A HG3  1 
ATOM   680 H  HE21 . GLN A 1 52 ? -0.14069  -9.88440  6.66228   1.000 82.57517  ? 354 GLN A HE21 1 
ATOM   681 H  HE22 . GLN A 1 52 ? 0.91687   -9.20406  5.86385   1.000 82.57517  ? 354 GLN A HE22 1 
ATOM   682 N  N    . GLN A 1 53 ? -3.96372  -11.53849 4.63581   1.000 64.20003  ? 355 GLN A N    1 
ATOM   683 C  CA   . GLN A 1 53 ? -5.24656  -10.92743 4.93044   1.000 74.85165  ? 355 GLN A CA   1 
ATOM   684 C  C    . GLN A 1 53 ? -5.81023  -10.08336 3.80444   1.000 66.85174  ? 355 GLN A C    1 
ATOM   685 O  O    . GLN A 1 53 ? -7.02639  -9.92354  3.74036   1.000 66.86807  ? 355 GLN A O    1 
ATOM   686 C  CB   . GLN A 1 53 ? -5.07769  -10.05844 6.18688   1.000 77.81454  ? 355 GLN A CB   1 
ATOM   687 C  CG   . GLN A 1 53 ? -4.63892  -10.86198 7.40016   1.000 76.86569  ? 355 GLN A CG   1 
ATOM   688 C  CD   . GLN A 1 53 ? -4.50057  -10.05246 8.67470   1.000 75.99519  ? 355 GLN A CD   1 
ATOM   689 O  OE1  . GLN A 1 53 ? -4.25381  -8.84533  8.64301   1.000 87.93751  ? 355 GLN A OE1  1 
ATOM   690 N  NE2  . GLN A 1 53 ? -4.69762  -10.71227 9.80737   1.000 71.22497  ? 355 GLN A NE2  1 
ATOM   691 H  H    . GLN A 1 53 ? -3.28488  -11.03539 4.79602   1.000 77.04004  ? 355 GLN A H    1 
ATOM   692 H  HA   . GLN A 1 53 ? -5.90291  -11.62214 5.09623   1.000 89.82198  ? 355 GLN A HA   1 
ATOM   693 H  HB2  . GLN A 1 53 ? -4.40445  -9.38163  6.01486   1.000 93.37745  ? 355 GLN A HB2  1 
ATOM   694 H  HB3  . GLN A 1 53 ? -5.92594  -9.63698  6.39597   1.000 93.37745  ? 355 GLN A HB3  1 
ATOM   695 H  HG2  . GLN A 1 53 ? -5.29546  -11.55676 7.56488   1.000 92.23882  ? 355 GLN A HG2  1 
ATOM   696 H  HG3  . GLN A 1 53 ? -3.77477  -11.26013 7.21140   1.000 92.23882  ? 355 GLN A HG3  1 
ATOM   697 H  HE21 . GLN A 1 53 ? -4.89126  -11.54998 9.78893   1.000 85.46997  ? 355 GLN A HE21 1 
ATOM   698 H  HE22 . GLN A 1 53 ? -4.63181  -10.30263 10.56068  1.000 85.46997  ? 355 GLN A HE22 1 
ATOM   699 N  N    . HIS A 1 54 ? -4.98676  -9.69535  2.83909   1.000 59.64348  ? 356 HIS A N    1 
ATOM   700 C  CA   . HIS A 1 54 ? -5.36076  -8.76730  1.77773   1.000 52.33219  ? 356 HIS A CA   1 
ATOM   701 C  C    . HIS A 1 54 ? -5.65417  -9.51897  0.48327   1.000 67.37228  ? 356 HIS A C    1 
ATOM   702 O  O    . HIS A 1 54 ? -4.75604  -10.10377 -0.12377  1.000 62.02883  ? 356 HIS A O    1 
ATOM   703 C  CB   . HIS A 1 54 ? -4.23106  -7.74105  1.60059   1.000 48.85008  ? 356 HIS A CB   1 
ATOM   704 C  CG   . HIS A 1 54 ? -4.56242  -6.66713  0.63213   1.000 46.96820  ? 356 HIS A CG   1 
ATOM   705 N  ND1  . HIS A 1 54 ? -5.40638  -5.64040  0.94723   1.000 46.55480  ? 356 HIS A ND1  1 
ATOM   706 C  CD2  . HIS A 1 54 ? -4.18431  -6.48240  -0.65012  1.000 45.87515  ? 356 HIS A CD2  1 
ATOM   707 C  CE1  . HIS A 1 54 ? -5.46981  -4.81230  -0.08199  1.000 47.53719  ? 356 HIS A CE1  1 
ATOM   708 N  NE2  . HIS A 1 54 ? -4.80283  -5.34756  -1.08724  1.000 44.76292  ? 356 HIS A NE2  1 
ATOM   709 H  H    . HIS A 1 54 ? -4.17321  -9.96647  2.77421   1.000 71.57217  ? 356 HIS A H    1 
ATOM   710 H  HA   . HIS A 1 54 ? -6.18670  -8.31654  2.01339   1.000 62.79863  ? 356 HIS A HA   1 
ATOM   711 H  HB2  . HIS A 1 54 ? -4.04846  -7.32424  2.45723   1.000 58.62010  ? 356 HIS A HB2  1 
ATOM   712 H  HB3  . HIS A 1 54 ? -3.43874  -8.19884  1.27878   1.000 58.62010  ? 356 HIS A HB3  1 
ATOM   713 H  HD2  . HIS A 1 54 ? -3.61136  -7.02520  -1.14205  1.000 55.05018  ? 356 HIS A HD2  1 
ATOM   714 H  HE1  . HIS A 1 54 ? -5.90932  -3.99282  -0.09514  1.000 57.04462  ? 356 HIS A HE1  1 
ATOM   715 H  HE2  . HIS A 1 54 ? -4.76439  -5.03270  -1.88661  1.000 53.71550  ? 356 HIS A HE2  1 
ATOM   716 N  N    . THR A 1 55 ? -6.91815  -9.50627  0.07934   1.000 70.24338  ? 357 THR A N    1 
ATOM   717 C  CA   . THR A 1 55 ? -7.39778  -10.16406 -1.12200  1.000 78.50947  ? 357 THR A CA   1 
ATOM   718 C  C    . THR A 1 55 ? -7.60679  -9.14519  -2.22663  1.000 67.62843  ? 357 THR A C    1 
ATOM   719 O  O    . THR A 1 55 ? -7.63146  -7.93430  -1.99266  1.000 65.93527  ? 357 THR A O    1 
ATOM   720 C  CB   . THR A 1 55 ? -8.68826  -10.94597 -0.83405  1.000 63.97127  ? 357 THR A CB   1 
ATOM   721 O  OG1  . THR A 1 55 ? -9.60918  -10.17770 -0.05849  1.000 67.26921  ? 357 THR A OG1  1 
ATOM   722 C  CG2  . THR A 1 55 ? -8.31269  -12.19432 -0.05231  1.000 80.09500  ? 357 THR A CG2  1 
ATOM   723 H  H    . THR A 1 55 ? -7.54441  -9.10216  0.50842   1.000 84.29206  ? 357 THR A H    1 
ATOM   724 H  HA   . THR A 1 55 ? -6.73851  -10.80796 -1.42472  1.000 94.21137  ? 357 THR A HA   1 
ATOM   725 H  HB   . THR A 1 55 ? -9.12640  -11.17188 -1.66945  1.000 76.76552  ? 357 THR A HB   1 
ATOM   726 H  HG1  . THR A 1 55 ? -10.36897 -10.53544 -0.07724  1.000 80.72305  ? 357 THR A HG1  1 
ATOM   727 H  HG21 . THR A 1 55 ? -7.86404  -11.94741 0.77150   1.000 96.11400  ? 357 THR A HG21 1 
ATOM   728 H  HG22 . THR A 1 55 ? -9.10993  -12.70291 0.16364   1.000 96.11400  ? 357 THR A HG22 1 
ATOM   729 H  HG23 . THR A 1 55 ? -7.71816  -12.75000 -0.58019  1.000 96.11400  ? 357 THR A HG23 1 
ATOM   730 N  N    . PRO A 1 56 ? -7.76849  -9.61485  -3.46919  1.000 76.53673  ? 358 PRO A N    1 
ATOM   731 C  CA   . PRO A 1 56 ? -8.08842  -8.65782  -4.55175  1.000 80.26782  ? 358 PRO A CA   1 
ATOM   732 C  C    . PRO A 1 56 ? -9.43576  -7.96490  -4.36823  1.000 71.67257  ? 358 PRO A C    1 
ATOM   733 O  O    . PRO A 1 56 ? -9.62441  -6.87006  -4.93254  1.000 75.10193  ? 358 PRO A O    1 
ATOM   734 C  CB   . PRO A 1 56 ? -8.10689  -9.55293  -5.80313  1.000 75.23567  ? 358 PRO A CB   1 
ATOM   735 C  CG   . PRO A 1 56 ? -7.26235  -10.79297 -5.41382  1.000 76.34588  ? 358 PRO A CG   1 
ATOM   736 C  CD   . PRO A 1 56 ? -7.56523  -10.99327 -3.94809  1.000 67.31873  ? 358 PRO A CD   1 
ATOM   737 H  HA   . PRO A 1 56 ? -7.38660  -7.99263  -4.62840  1.000 96.32139  ? 358 PRO A HA   1 
ATOM   738 H  HB2  . PRO A 1 56 ? -9.01884  -9.80579  -6.01596  1.000 90.28280  ? 358 PRO A HB2  1 
ATOM   739 H  HB3  . PRO A 1 56 ? -7.70951  -9.08256  -6.55262  1.000 90.28280  ? 358 PRO A HB3  1 
ATOM   740 H  HG2  . PRO A 1 56 ? -7.53648  -11.56255 -5.93680  1.000 91.61506  ? 358 PRO A HG2  1 
ATOM   741 H  HG3  . PRO A 1 56 ? -6.31960  -10.61417 -5.55575  1.000 91.61506  ? 358 PRO A HG3  1 
ATOM   742 H  HD2  . PRO A 1 56 ? -8.36776  -11.52478 -3.82838  1.000 80.78247  ? 358 PRO A HD2  1 
ATOM   743 H  HD3  . PRO A 1 56 ? -6.81845  -11.41286 -3.49294  1.000 80.78247  ? 358 PRO A HD3  1 
ATOM   744 N  N    . ASP A 1 57 ? -10.30651 -8.49780  -3.49746  1.000 69.15480  ? 359 ASP A N    1 
ATOM   745 C  CA   . ASP A 1 57 ? -11.57231 -7.84369  -3.18219  1.000 74.77632  ? 359 ASP A CA   1 
ATOM   746 C  C    . ASP A 1 57 ? -11.38421 -6.53709  -2.41050  1.000 72.41199  ? 359 ASP A C    1 
ATOM   747 O  O    . ASP A 1 57 ? -12.32338 -5.73395  -2.33101  1.000 62.47179  ? 359 ASP A O    1 
ATOM   748 C  CB   . ASP A 1 57 ? -12.42699 -8.77876  -2.29767  1.000 68.06774  ? 359 ASP A CB   1 
ATOM   749 C  CG   . ASP A 1 57 ? -12.96631 -10.00225 -3.04679  1.000 101.02052 ? 359 ASP A CG   1 
ATOM   750 O  OD1  . ASP A 1 57 ? -13.34150 -9.89418  -4.23329  1.000 99.13121  ? 359 ASP A OD1  1 
ATOM   751 O  OD2  . ASP A 1 57 ? -13.00062 -11.08832 -2.43332  1.000 112.27201 ? 359 ASP A OD2  1 
ATOM   752 H  H    . ASP A 1 57 ? -10.18286 -9.23836  -3.07807  1.000 82.98577  ? 359 ASP A H    1 
ATOM   753 H  HA   . ASP A 1 57 ? -12.02894 -7.65758  -4.01750  1.000 89.73158  ? 359 ASP A HA   1 
ATOM   754 H  HB2  . ASP A 1 57 ? -11.88233 -9.09779  -1.56116  1.000 81.68128  ? 359 ASP A HB2  1 
ATOM   755 H  HB3  . ASP A 1 57 ? -13.18638 -8.28047  -1.95720  1.000 81.68128  ? 359 ASP A HB3  1 
ATOM   756 N  N    . HIS A 1 58 ? -10.19903 -6.31621  -1.85084  1.000 66.33732  ? 360 HIS A N    1 
ATOM   757 C  CA   . HIS A 1 58 ? -9.93638  -5.21009  -0.95490  1.000 68.62702  ? 360 HIS A CA   1 
ATOM   758 C  C    . HIS A 1 58 ? -9.80060  -3.93654  -1.77235  1.000 60.92243  ? 360 HIS A C    1 
ATOM   759 O  O    . HIS A 1 58 ? -9.29522  -3.95354  -2.89386  1.000 59.68522  ? 360 HIS A O    1 
ATOM   760 C  CB   . HIS A 1 58 ? -8.65687  -5.49328  -0.14823  1.000 59.95448  ? 360 HIS A CB   1 
ATOM   761 C  CG   . HIS A 1 58 ? -8.88457  -6.42891  1.00779   1.000 58.16823  ? 360 HIS A CG   1 
ATOM   762 N  ND1  . HIS A 1 58 ? -8.18451  -6.33535  2.18621   1.000 62.25806  ? 360 HIS A ND1  1 
ATOM   763 C  CD2  . HIS A 1 58 ? -9.76947  -7.44919  1.17936   1.000 61.19235  ? 360 HIS A CD2  1 
ATOM   764 C  CE1  . HIS A 1 58 ? -8.58734  -7.26776  3.02355   1.000 71.14136  ? 360 HIS A CE1  1 
ATOM   765 N  NE2  . HIS A 1 58 ? -9.56208  -7.95179  2.44220   1.000 77.09312  ? 360 HIS A NE2  1 
ATOM   766 H  H    . HIS A 1 58 ? -9.50946  -6.81312  -1.98190  1.000 79.60479  ? 360 HIS A H    1 
ATOM   767 H  HA   . HIS A 1 58 ? -10.65763 -5.08607  -0.31824  1.000 82.35242  ? 360 HIS A HA   1 
ATOM   768 H  HB2  . HIS A 1 58 ? -7.99814  -5.89714  -0.73461  1.000 71.94538  ? 360 HIS A HB2  1 
ATOM   769 H  HB3  . HIS A 1 58 ? -8.31692  -4.65688  0.20642   1.000 71.94538  ? 360 HIS A HB3  1 
ATOM   770 H  HD2  . HIS A 1 58 ? -10.39520 -7.74912  0.56016   1.000 73.43082  ? 360 HIS A HD2  1 
ATOM   771 H  HE1  . HIS A 1 58 ? -8.24687  -7.42005  3.87548   1.000 85.36964  ? 360 HIS A HE1  1 
ATOM   772 H  HE2  . HIS A 1 58 ? -9.99495  -8.60453  2.79738   1.000 92.51174  ? 360 HIS A HE2  1 
ATOM   773 N  N    . ARG A 1 59 ? -10.26585 -2.83708  -1.19664  1.000 52.24023  ? 361 ARG A N    1 
ATOM   774 C  CA   . ARG A 1 59 ? -10.14058 -1.52137  -1.80692  1.000 72.33691  ? 361 ARG A CA   1 
ATOM   775 C  C    . ARG A 1 59 ? -9.18862  -0.63314  -1.01109  1.000 57.85361  ? 361 ARG A C    1 
ATOM   776 O  O    . ARG A 1 59 ? -9.29730  -0.51468  0.21844   1.000 48.95585  ? 361 ARG A O    1 
ATOM   777 C  CB   . ARG A 1 59 ? -11.50708 -0.84225  -1.91464  1.000 77.77334  ? 361 ARG A CB   1 
ATOM   778 C  CG   . ARG A 1 59 ? -12.07228 -0.46286  -0.57542  1.000 83.27000  ? 361 ARG A CG   1 
ATOM   779 C  CD   . ARG A 1 59 ? -13.42722 0.18744   -0.72836  1.000 88.64097  ? 361 ARG A CD   1 
ATOM   780 N  NE   . ARG A 1 59 ? -13.31117 1.63210   -0.83716  1.000 92.49340  ? 361 ARG A NE   1 
ATOM   781 C  CZ   . ARG A 1 59 ? -13.42926 2.46415   0.18789   1.000 90.68804  ? 361 ARG A CZ   1 
ATOM   782 N  NH1  . ARG A 1 59 ? -13.67693 1.99031   1.40087   1.000 96.80993  ? 361 ARG A NH1  1 
ATOM   783 N  NH2  . ARG A 1 59 ? -13.31755 3.77044   -0.00586  1.000 72.41361  ? 361 ARG A NH2  1 
ATOM   784 H  H    . ARG A 1 59 ? -10.66667 -2.82757  -0.43581  1.000 62.68828  ? 361 ARG A H    1 
ATOM   785 H  HA   . ARG A 1 59 ? -9.76690  -1.62505  -2.69603  1.000 86.80429  ? 361 ARG A HA   1 
ATOM   786 H  HB2  . ARG A 1 59 ? -11.41740 -0.03385  -2.44318  1.000 93.32801  ? 361 ARG A HB2  1 
ATOM   787 H  HB3  . ARG A 1 59 ? -12.12959 -1.45090  -2.34231  1.000 93.32801  ? 361 ARG A HB3  1 
ATOM   788 H  HG2  . ARG A 1 59 ? -12.17269 -1.25818  -0.02927  1.000 99.92400  ? 361 ARG A HG2  1 
ATOM   789 H  HG3  . ARG A 1 59 ? -11.47667 0.16621   -0.13905  1.000 99.92400  ? 361 ARG A HG3  1 
ATOM   790 H  HD2  . ARG A 1 59 ? -13.85536 -0.14631  -1.53222  1.000 106.36917 ? 361 ARG A HD2  1 
ATOM   791 H  HD3  . ARG A 1 59 ? -13.97206 -0.01797  0.04743   1.000 106.36917 ? 361 ARG A HD3  1 
ATOM   792 H  HE   . ARG A 1 59 ? -13.15647 1.96749   -1.61381  1.000 110.99208 ? 361 ARG A HE   1 
ATOM   793 H  HH11 . ARG A 1 59 ? -13.76098 1.14314   1.52269   1.000 116.17192 ? 361 ARG A HH11 1 
ATOM   794 H  HH12 . ARG A 1 59 ? -13.75357 2.53006   2.06600   1.000 116.17192 ? 361 ARG A HH12 1 
ATOM   795 H  HH21 . ARG A 1 59 ? -13.16872 4.07684   -0.79553  1.000 86.89633  ? 361 ARG A HH21 1 
ATOM   796 H  HH22 . ARG A 1 59 ? -13.39390 4.31170   0.65807   1.000 86.89633  ? 361 ARG A HH22 1 
ATOM   797 N  N    . LEU A 1 60 ? -8.34412  0.08417   -1.73280  1.000 44.47207  ? 362 LEU A N    1 
ATOM   798 C  CA   . LEU A 1 60 ? -7.41210  1.01726   -1.12486  1.000 41.31454  ? 362 LEU A CA   1 
ATOM   799 C  C    . LEU A 1 60 ? -7.74753  2.43982   -1.54967  1.000 40.81686  ? 362 LEU A C    1 
ATOM   800 O  O    . LEU A 1 60 ? -8.27538  2.67636   -2.63686  1.000 41.87425  ? 362 LEU A O    1 
ATOM   801 C  CB   . LEU A 1 60 ? -6.01079  0.72512   -1.56161  1.000 38.78590  ? 362 LEU A CB   1 
ATOM   802 C  CG   . LEU A 1 60 ? -5.51013  -0.70532  -1.34496  1.000 40.75636  ? 362 LEU A CG   1 
ATOM   803 C  CD1  . LEU A 1 60 ? -5.80351  -1.56969  -2.56895  1.000 40.99663  ? 362 LEU A CD1  1 
ATOM   804 C  CD2  . LEU A 1 60 ? -4.02673  -0.66385  -1.09364  1.000 38.07549  ? 362 LEU A CD2  1 
ATOM   805 H  H    . LEU A 1 60 ? -8.29132  0.04717   -2.59039  1.000 53.36649  ? 362 LEU A H    1 
ATOM   806 H  HA   . LEU A 1 60 ? -7.47788  0.94847   -0.15954  1.000 49.57745  ? 362 LEU A HA   1 
ATOM   807 H  HB2  . LEU A 1 60 ? -5.94846  0.90769   -2.51223  1.000 46.54308  ? 362 LEU A HB2  1 
ATOM   808 H  HB3  . LEU A 1 60 ? -5.41489  1.31270   -1.07117  1.000 46.54308  ? 362 LEU A HB3  1 
ATOM   809 H  HG   . LEU A 1 60 ? -5.96308  -1.10179  -0.58433  1.000 48.90763  ? 362 LEU A HG   1 
ATOM   810 H  HD11 . LEU A 1 60 ? -6.76400  -1.62922  -2.69064  1.000 49.19595  ? 362 LEU A HD11 1 
ATOM   811 H  HD12 . LEU A 1 60 ? -5.39594  -1.16153  -3.34882  1.000 49.19595  ? 362 LEU A HD12 1 
ATOM   812 H  HD13 . LEU A 1 60 ? -5.43261  -2.45464  -2.42685  1.000 49.19595  ? 362 LEU A HD13 1 
ATOM   813 H  HD21 . LEU A 1 60 ? -3.69548  -1.57149  -1.00778  1.000 45.69059  ? 362 LEU A HD21 1 
ATOM   814 H  HD22 . LEU A 1 60 ? -3.59219  -0.22236  -1.84008  1.000 45.69059  ? 362 LEU A HD22 1 
ATOM   815 H  HD23 . LEU A 1 60 ? -3.85877  -0.17160  -0.27487  1.000 45.69059  ? 362 LEU A HD23 1 
ATOM   816 N  N    . GLU A 1 61 ? -7.39862  3.38140   -0.68910  1.000 39.55183  ? 363 GLU A N    1 
ATOM   817 C  CA   . GLU A 1 61 ? -7.62533  4.78775   -0.98032  1.000 39.17994  ? 363 GLU A CA   1 
ATOM   818 C  C    . GLU A 1 61 ? -6.37268  5.59005   -0.64835  1.000 36.30662  ? 363 GLU A C    1 
ATOM   819 O  O    . GLU A 1 61 ? -5.60973  5.21702   0.22271   1.000 35.44007  ? 363 GLU A O    1 
ATOM   820 C  CB   . GLU A 1 61 ? -8.78560  5.33696   -0.19171  1.000 41.87417  ? 363 GLU A CB   1 
ATOM   821 C  CG   . GLU A 1 61 ? -10.15958 4.56167   -0.45161  1.000 45.64818  ? 363 GLU A CG   1 
ATOM   822 C  CD   . GLU A 1 61 ? -10.70087 4.68540   -1.87611  1.000 46.93856  ? 363 GLU A CD   1 
ATOM   823 O  OE1  . GLU A 1 61 ? -10.30567 5.60337   -2.64422  1.000 45.46956  ? 363 GLU A OE1  1 
ATOM   824 O  OE2  . GLU A 1 61 ? -11.63681 3.90012   -2.23712  1.000 50.13559  ? 363 GLU A OE2  1 
ATOM   825 H  H    . GLU A 1 61 ? -7.02799  3.23111   0.07225   1.000 47.46220  ? 363 GLU A H    1 
ATOM   826 H  HA   . GLU A 1 61 ? -7.81537  4.88574   -1.92646  1.000 47.01592  ? 363 GLU A HA   1 
ATOM   827 H  HB2  . GLU A 1 61 ? -8.58070  5.26915   0.75398   1.000 50.24901  ? 363 GLU A HB2  1 
ATOM   828 H  HB3  . GLU A 1 61 ? -8.91803  6.26613   -0.43667  1.000 50.24901  ? 363 GLU A HB3  1 
ATOM   829 H  HG2  . GLU A 1 61 ? -10.02066 3.61846   -0.27291  1.000 54.77781  ? 363 GLU A HG2  1 
ATOM   830 H  HG3  . GLU A 1 61 ? -10.83336 4.91737   0.14872   1.000 54.77781  ? 363 GLU A HG3  1 
ATOM   831 N  N    . LEU A 1 62 ? -6.25091  6.75684   -1.28482  1.000 35.43399  ? 364 LEU A N    1 
ATOM   832 C  CA   . LEU A 1 62 ? -5.09301  7.62691   -1.03060  1.000 33.12966  ? 364 LEU A CA   1 
ATOM   833 C  C    . LEU A 1 62 ? -5.01577  8.00851   0.44709   1.000 35.96009  ? 364 LEU A C    1 
ATOM   834 O  O    . LEU A 1 62 ? -6.02755  8.30777   1.07607   1.000 37.47653  ? 364 LEU A O    1 
ATOM   835 C  CB   . LEU A 1 62 ? -5.23478  8.90637   -1.92464  1.000 32.86319  ? 364 LEU A CB   1 
ATOM   836 C  CG   . LEU A 1 62 ? -4.02670  9.82005   -2.04846  1.000 49.90731  ? 364 LEU A CG   1 
ATOM   837 C  CD1  . LEU A 1 62 ? -2.98701  9.10227   -2.91350  1.000 35.29782  ? 364 LEU A CD1  1 
ATOM   838 C  CD2  . LEU A 1 62 ? -4.49253  11.16495  -2.63779  1.000 43.68296  ? 364 LEU A CD2  1 
ATOM   839 H  H    . LEU A 1 62 ? -6.81238  7.06532   -1.85857  1.000 42.52079  ? 364 LEU A H    1 
ATOM   840 H  HA   . LEU A 1 62 ? -4.26640  7.17020   -1.25202  1.000 39.75559  ? 364 LEU A HA   1 
ATOM   841 H  HB2  . LEU A 1 62 ? -5.45911  8.61609   -2.82260  1.000 39.43583  ? 364 LEU A HB2  1 
ATOM   842 H  HB3  . LEU A 1 62 ? -5.95544  9.44347   -1.55985  1.000 39.43583  ? 364 LEU A HB3  1 
ATOM   843 H  HG   . LEU A 1 62 ? -3.60710  10.01989  -1.19705  1.000 59.88877  ? 364 LEU A HG   1 
ATOM   844 H  HD11 . LEU A 1 62 ? -2.22443  9.68786   -3.04183  1.000 42.35738  ? 364 LEU A HD11 1 
ATOM   845 H  HD12 . LEU A 1 62 ? -2.70802  8.28979   -2.46300  1.000 42.35738  ? 364 LEU A HD12 1 
ATOM   846 H  HD13 . LEU A 1 62 ? -3.38524  8.88504   -3.77089  1.000 42.35738  ? 364 LEU A HD13 1 
ATOM   847 H  HD21 . LEU A 1 62 ? -3.73008  11.76062  -2.70658  1.000 52.41956  ? 364 LEU A HD21 1 
ATOM   848 H  HD22 . LEU A 1 62 ? -4.87167  11.01005  -3.51708  1.000 52.41956  ? 364 LEU A HD22 1 
ATOM   849 H  HD23 . LEU A 1 62 ? -5.16233  11.55130  -2.05213  1.000 52.41956  ? 364 LEU A HD23 1 
ATOM   850 N  N    . ALA A 1 63 ? -3.81511  7.97591   1.02384   1.000 32.38173  ? 365 ALA A N    1 
ATOM   851 C  CA   . ALA A 1 63 ? -3.62498  8.39685   2.40267   1.000 38.52603  ? 365 ALA A CA   1 
ATOM   852 C  C    . ALA A 1 63 ? -3.42695  9.91425   2.41299   1.000 38.64067  ? 365 ALA A C    1 
ATOM   853 O  O    . ALA A 1 63 ? -2.55317  10.43029  1.71506   1.000 39.95377  ? 365 ALA A O    1 
ATOM   854 C  CB   . ALA A 1 63 ? -2.42644  7.68492   3.01506   1.000 44.85472  ? 365 ALA A CB   1 
ATOM   855 H  H    . ALA A 1 63 ? -3.09588  7.71260   0.63273   1.000 38.85807  ? 365 ALA A H    1 
ATOM   856 H  HA   . ALA A 1 63 ? -4.40493  8.17722   2.93591   1.000 46.23124  ? 365 ALA A HA   1 
ATOM   857 H  HB1  . ALA A 1 63 ? -1.64092  7.86861   2.47644   1.000 53.82567  ? 365 ALA A HB1  1 
ATOM   858 H  HB2  . ALA A 1 63 ? -2.29220  8.01237   3.91820   1.000 53.82567  ? 365 ALA A HB2  1 
ATOM   859 H  HB3  . ALA A 1 63 ? -2.60045  6.73080   3.03160   1.000 53.82567  ? 365 ALA A HB3  1 
ATOM   860 N  N    . ARG A 1 64 ? -4.24400  10.62138  3.17841   1.000 41.69538  ? 366 ARG A N    1 
ATOM   861 C  CA   . ARG A 1 64 ? -4.26233  12.08877  3.12514   1.000 51.74563  ? 366 ARG A CA   1 
ATOM   862 C  C    . ARG A 1 64 ? -3.84685  12.73269  4.44295   1.000 56.93022  ? 366 ARG A C    1 
ATOM   863 O  O    . ARG A 1 64 ? -3.80167  12.06665  5.46175   1.000 63.13140  ? 366 ARG A O    1 
ATOM   864 C  CB   . ARG A 1 64 ? -5.65940  12.57894  2.72748   1.000 53.70533  ? 366 ARG A CB   1 
ATOM   865 C  CG   . ARG A 1 64 ? -6.39962  11.63809  1.75394   1.000 56.38981  ? 366 ARG A CG   1 
ATOM   866 C  CD   . ARG A 1 64 ? -6.21352  12.03218  0.30184   1.000 47.58910  ? 366 ARG A CD   1 
ATOM   867 N  NE   . ARG A 1 64 ? -6.66417  13.39106  0.06258   1.000 53.62833  ? 366 ARG A NE   1 
ATOM   868 C  CZ   . ARG A 1 64 ? -7.93649  13.74093  -0.09254  1.000 50.18681  ? 366 ARG A CZ   1 
ATOM   869 N  NH1  . ARG A 1 64 ? -8.88980  12.82905  -0.03471  1.000 44.04575  ? 366 ARG A NH1  1 
ATOM   870 N  NH2  . ARG A 1 64 ? -8.26060  15.00915  -0.28978  1.000 48.44408  ? 366 ARG A NH2  1 
ATOM   871 H  H    . ARG A 1 64 ? -4.80038  10.28191  3.73948   1.000 50.03446  ? 366 ARG A H    1 
ATOM   872 H  HA   . ARG A 1 64 ? -3.61878  12.37381  2.45767   1.000 62.09476  ? 366 ARG A HA   1 
ATOM   873 H  HB2  . ARG A 1 64 ? -6.20034  12.65995  3.52856   1.000 64.44640  ? 366 ARG A HB2  1 
ATOM   874 H  HB3  . ARG A 1 64 ? -5.57454  13.44336  2.29566   1.000 64.44640  ? 366 ARG A HB3  1 
ATOM   875 H  HG2  . ARG A 1 64 ? -6.05988  10.73640  1.86546   1.000 67.66777  ? 366 ARG A HG2  1 
ATOM   876 H  HG3  . ARG A 1 64 ? -7.34902  11.66171  1.95137   1.000 67.66777  ? 366 ARG A HG3  1 
ATOM   877 H  HD2  . ARG A 1 64 ? -5.27295  11.97671  0.07126   1.000 57.10692  ? 366 ARG A HD2  1 
ATOM   878 H  HD3  . ARG A 1 64 ? -6.72921  11.43502  -0.26239  1.000 57.10692  ? 366 ARG A HD3  1 
ATOM   879 H  HE   . ARG A 1 64 ? -6.06881  14.01008  0.01835   1.000 64.35399  ? 366 ARG A HE   1 
ATOM   880 H  HH11 . ARG A 1 64 ? -8.68834  12.00455  0.10388   1.000 52.85491  ? 366 ARG A HH11 1 
ATOM   881 H  HH12 . ARG A 1 64 ? -9.71213  13.05967  -0.13564  1.000 52.85491  ? 366 ARG A HH12 1 
ATOM   882 H  HH21 . ARG A 1 64 ? -7.64648  15.61055  -0.31794  1.000 58.13289  ? 366 ARG A HH21 1 
ATOM   883 H  HH22 . ARG A 1 64 ? -9.08527  15.23167  -0.38976  1.000 58.13289  ? 366 ARG A HH22 1 
HETATM 884 ZN ZN   . ZN  B 2 .  ? 5.55459   -0.37012  -4.14710  0.786 32.38788  ? 401 ZN  A ZN   1 
HETATM 885 ZN ZN   . ZN  C 2 .  ? -6.49633  -5.27520  2.52998   0.802 49.45452  ? 402 ZN  A ZN   1 
HETATM 886 O  O    . HOH D 3 .  ? -9.00700  2.29141   -4.87363  1.000 29.55581  ? 501 HOH A O    1 
HETATM 887 O  O    . HOH D 3 .  ? 4.82861   1.18600   10.62768  1.000 48.50545  ? 502 HOH A O    1 
HETATM 888 O  O    . HOH D 3 .  ? -1.48083  8.27916   -7.71510  1.000 48.64163  ? 503 HOH A O    1 
HETATM 889 O  O    . HOH D 3 .  ? 9.05901   2.36054   11.38534  1.000 31.87177  ? 504 HOH A O    1 
HETATM 890 O  O    . HOH D 3 .  ? -4.58771  -4.62350  -3.83452  1.000 36.89367  ? 505 HOH A O    1 
HETATM 891 O  O    . HOH D 3 .  ? 7.87263   8.12418   -5.32733  1.000 56.28286  ? 506 HOH A O    1 
HETATM 892 O  O    . HOH D 3 .  ? 11.73897  17.12996  -2.16360  1.000 45.65101  ? 507 HOH A O    1 
HETATM 893 O  O    . HOH D 3 .  ? 2.63302   4.90601   -12.01871 1.000 62.05250  ? 508 HOH A O    1 
HETATM 894 O  O    . HOH D 3 .  ? 8.41400   19.45960  -0.99453  1.000 52.03263  ? 509 HOH A O    1 
HETATM 895 O  O    . HOH D 3 .  ? 0.84016   8.87501   5.65919   1.000 40.20205  ? 510 HOH A O    1 
HETATM 896 O  O    . HOH D 3 .  ? -4.69350  -0.88811  5.92150   1.000 39.89640  ? 511 HOH A O    1 
HETATM 897 O  O    . HOH D 3 .  ? -8.42858  7.53304   -3.05401  1.000 37.51151  ? 512 HOH A O    1 
HETATM 898 O  O    . HOH D 3 .  ? 4.44057   6.62304   -4.14141  1.000 31.48571  ? 513 HOH A O    1 
HETATM 899 O  O    . HOH D 3 .  ? -9.56143  4.59790   -5.12115  0.50  33.63325  ? 514 HOH A O    1 
HETATM 900 O  O    . HOH D 3 .  ? 1.21035   -5.49355  5.72427   1.000 46.25800  ? 515 HOH A O    1 
HETATM 901 O  O    . HOH D 3 .  ? 5.73545   13.71611  -3.25839  1.000 37.51965  ? 516 HOH A O    1 
HETATM 902 O  O    . HOH D 3 .  ? -0.61507  9.89206   -0.26911  1.000 30.52238  ? 517 HOH A O    1 
HETATM 903 O  O    . HOH D 3 .  ? -0.62667  12.44247  2.19026   1.000 38.40064  ? 518 HOH A O    1 
HETATM 904 O  O    . HOH D 3 .  ? 13.12711  0.94146   1.64095   1.000 44.96576  ? 519 HOH A O    1 
HETATM 905 O  O    . HOH D 3 .  ? -11.30003 2.20040   -4.47555  1.000 35.99510  ? 520 HOH A O    1 
HETATM 906 O  O    . HOH D 3 .  ? -0.48118  12.21578  -1.71138  1.000 47.60335  ? 521 HOH A O    1 
HETATM 907 O  O    . HOH D 3 .  ? 3.57089   9.86637   -6.21120  1.000 39.79813  ? 522 HOH A O    1 
HETATM 908 O  O    . HOH D 3 .  ? -8.67329  -0.03914  -4.58717  1.000 36.52327  ? 523 HOH A O    1 
HETATM 909 O  O    . HOH D 3 .  ? 1.18476   -2.30353  6.21668   1.000 38.21458  ? 524 HOH A O    1 
HETATM 910 O  O    . HOH D 3 .  ? 3.55219   0.03206   6.53200   1.000 30.38077  ? 525 HOH A O    1 
HETATM 911 O  O    . HOH D 3 .  ? 8.36464   5.47846   -2.74869  1.000 33.26757  ? 526 HOH A O    1 
HETATM 912 O  O    . HOH D 3 .  ? -5.25811  9.24375   -6.33820  1.000 46.12028  ? 527 HOH A O    1 
HETATM 913 O  O    . HOH D 3 .  ? -6.28586  9.23036   4.86664   1.000 54.64872  ? 528 HOH A O    1 
HETATM 914 O  O    . HOH D 3 .  ? -7.59873  4.17250   3.39188   1.000 51.36548  ? 529 HOH A O    1 
HETATM 915 O  O    . HOH D 3 .  ? 5.59556   5.41922   -6.38489  1.000 40.31748  ? 530 HOH A O    1 
HETATM 916 O  O    . HOH D 3 .  ? 1.91369   4.94272   8.82792   1.000 47.37478  ? 531 HOH A O    1 
HETATM 917 O  O    . HOH D 3 .  ? -6.72160  16.76169  -3.43400  1.000 53.90987  ? 532 HOH A O    1 
HETATM 918 O  O    . HOH D 3 .  ? 7.72843   4.02132   -4.93111  1.000 39.84661  ? 533 HOH A O    1 
# 
loop_
_atom_site_anisotrop.id 
_atom_site_anisotrop.type_symbol 
_atom_site_anisotrop.pdbx_label_atom_id 
_atom_site_anisotrop.pdbx_label_alt_id 
_atom_site_anisotrop.pdbx_label_comp_id 
_atom_site_anisotrop.pdbx_label_asym_id 
_atom_site_anisotrop.pdbx_label_seq_id 
_atom_site_anisotrop.pdbx_PDB_ins_code 
_atom_site_anisotrop.U[1][1] 
_atom_site_anisotrop.U[2][2] 
_atom_site_anisotrop.U[3][3] 
_atom_site_anisotrop.U[1][2] 
_atom_site_anisotrop.U[1][3] 
_atom_site_anisotrop.U[2][3] 
_atom_site_anisotrop.pdbx_auth_seq_id 
_atom_site_anisotrop.pdbx_auth_comp_id 
_atom_site_anisotrop.pdbx_auth_asym_id 
_atom_site_anisotrop.pdbx_auth_atom_id 
1   N N   . SER A 1  ? 0.67881 0.55878 0.56858 -0.04213 -0.10744 0.08528  303 SER A N   
2   C CA  . SER A 1  ? 0.54407 0.45631 0.44909 -0.03125 -0.09048 0.07603  303 SER A CA  
3   C C   . SER A 1  ? 0.51227 0.43085 0.44037 -0.00903 -0.08651 0.06220  303 SER A C   
4   O O   . SER A 1  ? 0.45157 0.36518 0.38526 -0.00390 -0.08567 0.05716  303 SER A O   
5   C CB  . SER A 1  ? 0.59944 0.54921 0.51183 -0.04327 -0.06945 0.07605  303 SER A CB  
6   O OG  . SER A 1  ? 0.66950 0.61820 0.56032 -0.06702 -0.06793 0.08859  303 SER A OG  
11  N N   . ASN A 2  ? 0.41384 0.34388 0.35433 0.00284  -0.08326 0.05585  304 ASN A N   
12  C CA  . ASN A 2  ? 0.47153 0.41177 0.43619 0.02098  -0.07587 0.04351  304 ASN A CA  
13  C C   . ASN A 2  ? 0.39153 0.35980 0.36638 0.02027  -0.05805 0.03943  304 ASN A C   
14  O O   . ASN A 2  ? 0.42482 0.41140 0.40504 0.01857  -0.05218 0.03913  304 ASN A O   
15  C CB  . ASN A 2  ? 0.40406 0.34494 0.38464 0.03220  -0.08300 0.03950  304 ASN A CB  
16  C CG  . ASN A 2  ? 0.46654 0.41807 0.47616 0.04919  -0.07504 0.02702  304 ASN A CG  
17  O OD1 . ASN A 2  ? 0.53789 0.49077 0.54776 0.05316  -0.06416 0.02087  304 ASN A OD1 
18  N ND2 . ASN A 2  ? 0.49449 0.45413 0.52868 0.05807  -0.08047 0.02313  304 ASN A ND2 
25  N N   . VAL A 3  ? 0.34546 0.31287 0.32049 0.02175  -0.05246 0.03586  305 VAL A N   
26  C CA  . VAL A 3  ? 0.38898 0.37589 0.37175 0.02029  -0.04165 0.03337  305 VAL A CA  
27  C C   . VAL A 3  ? 0.37959 0.36815 0.36924 0.03064  -0.03359 0.02614  305 VAL A C   
28  O O   . VAL A 3  ? 0.37322 0.34586 0.35377 0.03578  -0.03284 0.02158  305 VAL A O   
29  C CB  . VAL A 3  ? 0.34984 0.33272 0.32567 0.01067  -0.04479 0.03668  305 VAL A CB  
30  C CG1 . VAL A 3  ? 0.31528 0.31443 0.30226 0.01083  -0.03936 0.03368  305 VAL A CG1 
31  C CG2 . VAL A 3  ? 0.43595 0.42335 0.40866 -0.00307 -0.04843 0.04460  305 VAL A CG2 
41  N N   . HIS A 4  ? 0.36245 0.36940 0.36641 0.03276  -0.02687 0.02457  306 HIS A N   
42  C CA  . HIS A 4  ? 0.31451 0.32500 0.32520 0.03822  -0.01747 0.02020  306 HIS A CA  
43  C C   . HIS A 4  ? 0.34663 0.35350 0.34573 0.03286  -0.01515 0.02162  306 HIS A C   
44  O O   . HIS A 4  ? 0.34171 0.35775 0.34864 0.03045  -0.01441 0.02313  306 HIS A O   
45  C CB  . HIS A 4  ? 0.36540 0.39299 0.39872 0.04119  -0.01565 0.01950  306 HIS A CB  
46  C CG  . HIS A 4  ? 0.32297 0.34955 0.36780 0.04670  -0.02321 0.01840  306 HIS A CG  
47  N ND1 . HIS A 4  ? 0.32411 0.35247 0.38779 0.05553  -0.02074 0.01270  306 HIS A ND1 
48  C CD2 . HIS A 4  ? 0.36129 0.38260 0.39979 0.04410  -0.03491 0.02211  306 HIS A CD2 
49  C CE1 . HIS A 4  ? 0.39500 0.41742 0.46728 0.05953  -0.03499 0.01327  306 HIS A CE1 
50  N NE2 . HIS A 4  ? 0.38791 0.40315 0.43981 0.05133  -0.04397 0.02017  306 HIS A NE2 
59  N N   . PHE A 5  ? 0.35351 0.34092 0.33094 0.03101  -0.01747 0.02097  307 PHE A N   
60  C CA  . PHE A 5  ? 0.37263 0.34915 0.33391 0.02536  -0.02009 0.02303  307 PHE A CA  
61  C C   . PHE A 5  ? 0.38059 0.36100 0.34092 0.02447  -0.00983 0.02334  307 PHE A C   
62  O O   . PHE A 5  ? 0.36763 0.35249 0.32991 0.02815  0.00395  0.01930  307 PHE A O   
63  C CB  . PHE A 5  ? 0.38139 0.32963 0.31233 0.02400  -0.02476 0.02087  307 PHE A CB  
64  C CG  . PHE A 5  ? 0.40057 0.34301 0.33391 0.02072  -0.03806 0.02323  307 PHE A CG  
65  C CD1 . PHE A 5  ? 0.46099 0.40930 0.40492 0.01285  -0.05009 0.02823  307 PHE A CD1 
66  C CD2 . PHE A 5  ? 0.52195 0.45268 0.45007 0.02470  -0.03996 0.02031  307 PHE A CD2 
67  C CE1 . PHE A 5  ? 0.40853 0.35592 0.35918 0.00605  -0.06042 0.03174  307 PHE A CE1 
68  C CE2 . PHE A 5  ? 0.47107 0.39352 0.39943 0.01775  -0.05353 0.02517  307 PHE A CE2 
69  C CZ  . PHE A 5  ? 0.40837 0.34111 0.34804 0.00694  -0.06206 0.03160  307 PHE A CZ  
79  N N   . GLY A 6  ? 0.36597 0.34409 0.32515 0.01873  -0.01746 0.02801  308 GLY A N   
80  C CA  . GLY A 6  ? 0.40800 0.38332 0.36091 0.01342  -0.01159 0.03164  308 GLY A CA  
81  C C   . GLY A 6  ? 0.41290 0.40955 0.39641 0.01484  -0.01033 0.03258  308 GLY A C   
82  O O   . GLY A 6  ? 0.41370 0.40678 0.39532 0.00781  -0.00965 0.03774  308 GLY A O   
86  N N   . ALA A 7  ? 0.33001 0.34481 0.33733 0.02200  -0.01066 0.02854  309 ALA A N   
87  C CA  . ALA A 7  ? 0.31498 0.34572 0.34733 0.02366  -0.01175 0.02825  309 ALA A CA  
88  C C   . ALA A 7  ? 0.38686 0.42412 0.43042 0.02674  -0.02375 0.02528  309 ALA A C   
89  O O   . ALA A 7  ? 0.33741 0.37938 0.38003 0.02943  -0.02528 0.02226  309 ALA A O   
90  C CB  . ALA A 7  ? 0.29549 0.33886 0.34433 0.02922  -0.00452 0.02495  309 ALA A CB  
96  N N   . GLY A 8  ? 0.32130 0.35853 0.37515 0.02557  -0.03154 0.02547  310 GLY A N   
97  C CA  . GLY A 8  ? 0.26727 0.31221 0.33331 0.03102  -0.04060 0.01832  310 GLY A CA  
98  C C   . GLY A 8  ? 0.28005 0.33077 0.35888 0.03326  -0.04369 0.01575  310 GLY A C   
99  O O   . GLY A 8  ? 0.29479 0.34352 0.38062 0.02873  -0.04262 0.02127  310 GLY A O   
103 N N   . CYS A 9  ? 0.27932 0.33716 0.36086 0.03897  -0.04747 0.00696  311 CYS A N   
104 C CA  . CYS A 9  ? 0.24074 0.29859 0.32799 0.04133  -0.05417 0.00314  311 CYS A CA  
105 C C   . CYS A 9  ? 0.26245 0.31051 0.36041 0.04216  -0.06753 0.00021  311 CYS A C   
106 O O   . CYS A 9  ? 0.28375 0.32971 0.38373 0.04714  -0.07304 -0.00762 311 CYS A O   
107 C CB  . CYS A 9  ? 0.26954 0.33317 0.34529 0.04567  -0.05297 -0.00627 311 CYS A CB  
108 S SG  . CYS A 9  ? 0.31614 0.37068 0.39024 0.04803  -0.06653 -0.01138 311 CYS A SG  
113 N N   . ASP A 10 ? 0.27682 0.31899 0.38547 0.03685  -0.07403 0.00651  312 ASP A N   
114 C CA  . ASP A 10 ? 0.31610 0.34309 0.43352 0.03439  -0.09010 0.00677  312 ASP A CA  
115 C C   . ASP A 10 ? 0.37519 0.39562 0.49437 0.04258  -0.10458 -0.00629 312 ASP A C   
116 O O   . ASP A 10 ? 0.35229 0.35561 0.47920 0.04201  -0.12249 -0.00817 312 ASP A O   
117 C CB  . ASP A 10 ? 0.33942 0.36398 0.46846 0.02098  -0.08935 0.02095  312 ASP A CB  
118 C CG  . ASP A 10 ? 0.38207 0.40715 0.50015 0.01259  -0.07478 0.03127  312 ASP A CG  
119 O OD1 . ASP A 10 ? 0.37445 0.38483 0.47901 0.01105  -0.08030 0.03308  312 ASP A OD1 
120 O OD2 . ASP A 10 ? 0.34590 0.38398 0.46730 0.00826  -0.05882 0.03633  312 ASP A OD2 
125 N N   . SER A 11 ? 0.35502 0.38429 0.46220 0.04934  -0.09850 -0.01556 313 SER A N   
126 C CA  . SER A 11 ? 0.37155 0.39299 0.46898 0.05803  -0.10861 -0.03164 313 SER A CA  
127 C C   . SER A 11 ? 0.39516 0.42537 0.48646 0.06784  -0.10048 -0.04707 313 SER A C   
128 O O   . SER A 11 ? 0.37794 0.39978 0.47623 0.07667  -0.11141 -0.06082 313 SER A O   
129 C CB  . SER A 11 ? 0.39305 0.41415 0.47358 0.05720  -0.10846 -0.03276 313 SER A CB  
130 O OG  . SER A 11 ? 0.43205 0.44078 0.49508 0.06457  -0.11823 -0.04923 313 SER A OG  
136 N N   . CYS A 12 ? 0.34976 0.39776 0.43206 0.06634  -0.08205 -0.04572 314 CYS A N   
137 C CA  . CYS A 12 ? 0.40268 0.46694 0.48521 0.07344  -0.07082 -0.06069 314 CYS A CA  
138 C C   . CYS A 12 ? 0.31264 0.38742 0.41513 0.07311  -0.06706 -0.05659 314 CYS A C   
139 O O   . CYS A 12 ? 0.30041 0.39229 0.41590 0.07983  -0.06044 -0.07025 314 CYS A O   
140 C CB  . CYS A 12 ? 0.32634 0.40249 0.38264 0.06892  -0.05391 -0.06264 314 CYS A CB  
141 S SG  . CYS A 12 ? 0.31916 0.40291 0.36917 0.05605  -0.04182 -0.04144 314 CYS A SG  
146 N N   . GLY A 13 ? 0.32890 0.39519 0.43430 0.06516  -0.07035 -0.03940 315 GLY A N   
147 C CA  . GLY A 13 ? 0.31647 0.38492 0.43438 0.06428  -0.07191 -0.03561 315 GLY A CA  
148 C C   . GLY A 13 ? 0.29358 0.37798 0.40706 0.05907  -0.05719 -0.03104 315 GLY A C   
149 O O   . GLY A 13 ? 0.31066 0.39536 0.43502 0.05816  -0.06148 -0.02863 315 GLY A O   
153 N N   . VAL A 14 ? 0.32498 0.41762 0.42125 0.05438  -0.04402 -0.02842 316 VAL A N   
154 C CA  . VAL A 14 ? 0.32637 0.42925 0.41667 0.04718  -0.03301 -0.02223 316 VAL A CA  
155 C C   . VAL A 14 ? 0.26014 0.34718 0.34437 0.04188  -0.03713 -0.00817 316 VAL A C   
156 O O   . VAL A 14 ? 0.26834 0.34230 0.34494 0.04061  -0.03958 -0.00119 316 VAL A O   
157 C CB  . VAL A 14 ? 0.34645 0.45396 0.41424 0.04177  -0.02235 -0.02124 316 VAL A CB  
158 C CG1 . VAL A 14 ? 0.33806 0.42821 0.39010 0.03912  -0.02716 -0.01078 316 VAL A CG1 
159 C CG2 . VAL A 14 ? 0.36477 0.48593 0.43030 0.03304  -0.01157 -0.01793 316 VAL A CG2 
169 N N   . TYR A 15 ? 0.25235 0.34131 0.34163 0.03861  -0.03787 -0.00545 317 TYR A N   
170 C CA  . TYR A 15 ? 0.28103 0.35151 0.35793 0.03387  -0.04189 0.00508  317 TYR A CA  
171 C C   . TYR A 15 ? 0.26320 0.33739 0.33801 0.02796  -0.03977 0.00809  317 TYR A C   
172 O O   . TYR A 15 ? 0.27191 0.36054 0.36732 0.02803  -0.04296 0.00254  317 TYR A O   
173 C CB  . TYR A 15 ? 0.27755 0.33239 0.35968 0.03517  -0.05645 0.00616  317 TYR A CB  
174 C CG  . TYR A 15 ? 0.27439 0.30686 0.33283 0.02816  -0.05848 0.01649  317 TYR A CG  
175 C CD1 . TYR A 15 ? 0.31187 0.33161 0.35143 0.02451  -0.05160 0.02315  317 TYR A CD1 
176 C CD2 . TYR A 15 ? 0.31878 0.34216 0.37378 0.02472  -0.06770 0.01851  317 TYR A CD2 
177 C CE1 . TYR A 15 ? 0.38221 0.38205 0.39523 0.01844  -0.04923 0.02964  317 TYR A CE1 
178 C CE2 . TYR A 15 ? 0.40475 0.40226 0.42869 0.01833  -0.06957 0.02626  317 TYR A CE2 
179 C CZ  . TYR A 15 ? 0.38301 0.36871 0.38372 0.01561  -0.05880 0.03091  317 TYR A CZ  
180 O OH  . TYR A 15 ? 0.44669 0.40804 0.41253 0.00981  -0.05581 0.03555  317 TYR A OH  
190 N N   . PRO A 16 ? 0.28839 0.34906 0.34263 0.02323  -0.03642 0.01582  318 PRO A N   
191 C CA  . PRO A 16 ? 0.31224 0.36267 0.35112 0.02467  -0.03073 0.01953  318 PRO A CA  
192 C C   . PRO A 16 ? 0.31524 0.37673 0.35547 0.02570  -0.02593 0.01751  318 PRO A C   
193 O O   . PRO A 16 ? 0.32410 0.39777 0.36585 0.02206  -0.02312 0.01528  318 PRO A O   
194 C CB  . PRO A 16 ? 0.37644 0.41011 0.39744 0.02106  -0.03114 0.02428  318 PRO A CB  
195 C CG  . PRO A 16 ? 0.45547 0.49631 0.48321 0.01432  -0.03576 0.02505  318 PRO A CG  
196 C CD  . PRO A 16 ? 0.41806 0.47373 0.46821 0.01654  -0.04008 0.01970  318 PRO A CD  
204 N N   . ILE A 17 ? 0.28074 0.33718 0.31943 0.02935  -0.02523 0.01855  319 ILE A N   
205 C CA  . ILE A 17 ? 0.29846 0.35642 0.33277 0.02967  -0.02624 0.01843  319 ILE A CA  
206 C C   . ILE A 17 ? 0.34293 0.39097 0.36224 0.02485  -0.02744 0.02373  319 ILE A C   
207 O O   . ILE A 17 ? 0.32816 0.36418 0.34447 0.02640  -0.02833 0.02609  319 ILE A O   
208 C CB  . ILE A 17 ? 0.29099 0.34600 0.33527 0.03472  -0.02910 0.01857  319 ILE A CB  
209 C CG1 . ILE A 17 ? 0.28131 0.34254 0.33860 0.03649  -0.03128 0.01487  319 ILE A CG1 
210 C CG2 . ILE A 17 ? 0.29479 0.34500 0.33231 0.03483  -0.03608 0.01942  319 ILE A CG2 
211 C CD1 . ILE A 17 ? 0.31430 0.37564 0.38799 0.03797  -0.03304 0.01689  319 ILE A CD1 
223 N N   . ILE A 18 ? 0.36210 0.41245 0.36867 0.01814  -0.02768 0.02518  320 ILE A N   
224 C CA  . ILE A 18 ? 0.31604 0.35161 0.30371 0.00991  -0.03240 0.03302  320 ILE A CA  
225 C C   . ILE A 18 ? 0.37217 0.39488 0.34544 0.00974  -0.04152 0.03562  320 ILE A C   
226 O O   . ILE A 18 ? 0.37432 0.40375 0.34004 0.00852  -0.03993 0.03197  320 ILE A O   
227 C CB  . ILE A 18 ? 0.34878 0.39500 0.32977 -0.00319 -0.02565 0.03577  320 ILE A CB  
228 C CG1 . ILE A 18 ? 0.31183 0.36677 0.31174 -0.00149 -0.02328 0.03315  320 ILE A CG1 
229 C CG2 . ILE A 18 ? 0.44373 0.46916 0.40101 -0.01611 -0.03326 0.04728  320 ILE A CG2 
230 C CD1 . ILE A 18 ? 0.39683 0.46849 0.40474 -0.01378 -0.01792 0.03463  320 ILE A CD1 
242 N N   . GLY A 19 ? 0.37478 0.37601 0.34396 0.01214  -0.05372 0.04049  321 GLY A N   
243 C CA  . GLY A 19 ? 0.40534 0.38870 0.36378 0.01292  -0.06929 0.04373  321 GLY A CA  
244 C C   . GLY A 19 ? 0.43477 0.42251 0.42436 0.02776  -0.07425 0.03720  321 GLY A C   
245 O O   . GLY A 19 ? 0.43777 0.43346 0.44899 0.03569  -0.06664 0.03257  321 GLY A O   
249 N N   . ASP A 20 ? 0.42232 0.40549 0.41408 0.03024  -0.08646 0.03654  322 ASP A N   
250 C CA  . ASP A 20 ? 0.38963 0.38229 0.42025 0.04250  -0.09119 0.03065  322 ASP A CA  
251 C C   . ASP A 20 ? 0.36571 0.38324 0.41679 0.04473  -0.07496 0.02506  322 ASP A C   
252 O O   . ASP A 20 ? 0.38568 0.40914 0.42282 0.03968  -0.06980 0.02378  322 ASP A O   
253 C CB  . ASP A 20 ? 0.36145 0.34095 0.39254 0.04357  -0.11335 0.03194  322 ASP A CB  
254 C CG  . ASP A 20 ? 0.57536 0.52375 0.59134 0.04284  -0.13723 0.03831  322 ASP A CG  
255 O OD1 . ASP A 20 ? 0.46974 0.40995 0.49035 0.04632  -0.13748 0.03905  322 ASP A OD1 
256 O OD2 . ASP A 20 ? 0.57898 0.50705 0.57813 0.03933  -0.15939 0.04209  322 ASP A OD2 
261 N N   . ARG A 21 ? 0.34282 0.37339 0.42690 0.05206  -0.06782 0.02109  323 ARG A N   
262 C CA  . ARG A 21 ? 0.32622 0.37558 0.42896 0.05140  -0.05557 0.01854  323 ARG A CA  
263 C C   . ARG A 21 ? 0.30148 0.36249 0.44388 0.05581  -0.06188 0.01630  323 ARG A C   
264 O O   . ARG A 21 ? 0.29234 0.35747 0.46017 0.06300  -0.06307 0.01305  323 ARG A O   
265 C CB  . ARG A 21 ? 0.38636 0.44159 0.48847 0.05129  -0.03765 0.01731  323 ARG A CB  
266 C CG  . ARG A 21 ? 0.35198 0.42124 0.47022 0.04778  -0.02788 0.01735  323 ARG A CG  
267 C CD  . ARG A 21 ? 0.49090 0.55744 0.59231 0.04378  -0.01485 0.01835  323 ARG A CD  
268 N NE  . ARG A 21 ? 0.46889 0.53559 0.57218 0.04730  -0.00265 0.01476  323 ARG A NE  
269 C CZ  . ARG A 21 ? 0.48931 0.56476 0.59997 0.04404  0.01312  0.01371  323 ARG A CZ  
270 N NH1 . ARG A 21 ? 0.42781 0.51055 0.54585 0.03541  0.01571  0.01879  323 ARG A NH1 
271 N NH2 . ARG A 21 ? 0.49176 0.56631 0.59878 0.04860  0.02671  0.00703  323 ARG A NH2 
285 N N   . TYR A 22 ? 0.30650 0.37449 0.45922 0.05178  -0.06564 0.01680  324 TYR A N   
286 C CA  . TYR A 22 ? 0.31918 0.40195 0.51616 0.05264  -0.07147 0.01599  324 TYR A CA  
287 C C   . TYR A 22 ? 0.26605 0.36521 0.47724 0.04584  -0.05342 0.01773  324 TYR A C   
288 O O   . TYR A 22 ? 0.34038 0.43249 0.52877 0.04013  -0.05110 0.01998  324 TYR A O   
289 C CB  . TYR A 22 ? 0.26921 0.34137 0.46637 0.05085  -0.09517 0.01651  324 TYR A CB  
290 C CG  . TYR A 22 ? 0.30536 0.35648 0.48379 0.05505  -0.11508 0.01673  324 TYR A CG  
291 C CD1 . TYR A 22 ? 0.30747 0.33876 0.43454 0.05204  -0.11502 0.01823  324 TYR A CD1 
292 C CD2 . TYR A 22 ? 0.39912 0.44961 0.61202 0.06058  -0.13480 0.01608  324 TYR A CD2 
293 C CE1 . TYR A 22 ? 0.37086 0.37816 0.47354 0.05179  -0.13387 0.02122  324 TYR A CE1 
294 C CE2 . TYR A 22 ? 0.46459 0.48766 0.65472 0.06304  -0.15845 0.01823  324 TYR A CE2 
295 C CZ  . TYR A 22 ? 0.41686 0.41670 0.54737 0.05728  -0.15673 0.02189  324 TYR A CZ  
296 O OH  . TYR A 22 ? 0.50188 0.46957 0.60026 0.05533  -0.18006 0.02684  324 TYR A OH  
306 N N   . ARG A 23 ? 0.27605 0.39605 0.52412 0.04609  -0.04083 0.01621  325 ARG A N   
307 C CA  . ARG A 23 ? 0.30706 0.44065 0.56132 0.03618  -0.01999 0.01951  325 ARG A CA  
308 C C   . ARG A 23 ? 0.30206 0.45686 0.60439 0.02823  -0.02247 0.02243  325 ARG A C   
309 O O   . ARG A 23 ? 0.29481 0.46650 0.64145 0.03435  -0.02880 0.01779  325 ARG A O   
310 C CB  . ARG A 23 ? 0.39992 0.54425 0.65618 0.04027  0.00381  0.01389  325 ARG A CB  
311 C CG  . ARG A 23 ? 0.59505 0.74818 0.84473 0.02682  0.02665  0.01850  325 ARG A CG  
312 C CD  . ARG A 23 ? 0.74925 0.90930 0.99327 0.03228  0.05012  0.00990  325 ARG A CD  
313 N NE  . ARG A 23 ? 0.94244 1.07975 1.13505 0.03131  0.05835  0.00997  325 ARG A NE  
314 C CZ  . ARG A 23 ? 1.03271 1.16840 1.20078 0.02123  0.08051  0.01118  325 ARG A CZ  
315 N NH1 . ARG A 23 ? 1.55245 1.71170 1.74377 0.00971  0.10055  0.01290  325 ARG A NH1 
316 N NH2 . ARG A 23 ? 1.40926 1.51807 1.52736 0.02104  0.08147  0.01126  325 ARG A NH2 
330 N N   . CYS A 24 ? 0.26002 0.41209 0.55708 0.01427  -0.02169 0.03046  326 CYS A N   
331 C CA  . CYS A 24 ? 0.23954 0.40992 0.58317 0.00320  -0.02669 0.03536  326 CYS A CA  
332 C C   . CYS A 24 ? 0.41630 0.62204 0.80046 -0.00296 0.00124  0.03429  326 CYS A C   
333 O O   . CYS A 24 ? 0.37085 0.57865 0.73020 -0.00960 0.02729  0.03586  326 CYS A O   
334 C CB  . CYS A 24 ? 0.32940 0.48275 0.65481 -0.01185 -0.03504 0.04521  326 CYS A CB  
335 S SG  . CYS A 24 ? 0.38627 0.55899 0.77222 -0.02736 -0.04729 0.05248  326 CYS A SG  
340 N N   . LYS A 25 ? 0.43675 0.65443 0.70804 0.07366  0.05573  0.02856  327 LYS A N   
341 C CA  . LYS A 25 ? 0.56548 0.83930 0.87321 0.07669  0.09795  0.02686  327 LYS A CA  
342 C C   . LYS A 25 ? 0.51814 0.82653 0.84796 0.03988  0.11734  0.05387  327 LYS A C   
343 O O   . LYS A 25 ? 0.53876 0.88077 0.85585 0.03172  0.16205  0.05789  327 LYS A O   
344 C CB  . LYS A 25 ? 0.61946 0.93925 1.01408 0.10096  0.09187  0.01322  327 LYS A CB  
345 C CG  . LYS A 25 ? 0.67594 0.96347 1.05003 0.13741  0.07739  -0.01092 327 LYS A CG  
346 C CD  . LYS A 25 ? 0.67484 0.97854 1.03931 0.16299  0.11858  -0.03295 327 LYS A CD  
347 C CE  . LYS A 25 ? 0.56397 0.81196 0.89014 0.19460  0.09559  -0.05414 327 LYS A CE  
348 N NZ  . LYS A 25 ? 0.62808 0.90402 1.01429 0.23354  0.10647  -0.08001 327 LYS A NZ  
362 N N   . ASP A 26 ? 0.55396 0.85262 0.91420 0.01635  0.08364  0.07207  328 ASP A N   
363 C CA  . ASP A 26 ? 0.60406 0.92772 0.99358 -0.02386 0.09071  0.10322  328 ASP A CA  
364 C C   . ASP A 26 ? 0.68875 0.96721 0.99381 -0.04776 0.09800  0.12230  328 ASP A C   
365 O O   . ASP A 26 ? 0.57899 0.88581 0.86740 -0.07277 0.13422  0.14261  328 ASP A O   
366 C CB  . ASP A 26 ? 0.55445 0.86959 1.00372 -0.03669 0.04262  0.11067  328 ASP A CB  
367 C CG  . ASP A 26 ? 0.54976 0.90402 1.07448 -0.01302 0.02833  0.09264  328 ASP A CG  
368 O OD1 . ASP A 26 ? 0.53849 0.95910 1.11942 -0.00477 0.06154  0.09055  328 ASP A OD1 
369 O OD2 . ASP A 26 ? 0.60392 0.92375 1.12908 -0.00078 -0.01464 0.07912  328 ASP A OD2 
374 N N   . CYS A 27 ? 0.72694 0.93755 0.97987 -0.04244 0.06285  0.11787  329 CYS A N   
375 C CA  . CYS A 27 ? 0.63100 0.79374 0.80315 -0.05820 0.06307  0.13273  329 CYS A CA  
376 C C   . CYS A 27 ? 0.61814 0.79310 0.73056 -0.04723 0.10687  0.12194  329 CYS A C   
377 O O   . CYS A 27 ? 0.90854 1.05109 0.94528 -0.06350 0.11403  0.13515  329 CYS A O   
378 C CB  . CYS A 27 ? 0.55062 0.65182 0.69200 -0.04429 0.02219  0.12180  329 CYS A CB  
379 S SG  . CYS A 27 ? 0.49080 0.56565 0.68881 -0.05431 -0.02940 0.12674  329 CYS A SG  
384 N N   . GLU A 30 ? 0.94459 1.07256 0.82081 -0.13035 0.16843  0.18565  332 GLU A N   
385 C CA  . GLU A 30 ? 1.16147 1.22745 0.99325 -0.16361 0.12568  0.22183  332 GLU A CA  
386 C C   . GLU A 30 ? 1.40012 1.39388 1.19539 -0.14574 0.07605  0.21175  332 GLU A C   
387 O O   . GLU A 30 ? 1.30563 1.26675 1.01837 -0.13919 0.08060  0.20122  332 GLU A O   
388 C CB  . GLU A 30 ? 1.09612 1.17013 1.00634 -0.19061 0.09663  0.25261  332 GLU A CB  
389 C CG  . GLU A 30 ? 1.16585 1.29848 1.11169 -0.23207 0.12907  0.28644  332 GLU A CG  
390 C CD  . GLU A 30 ? 1.36363 1.58890 1.38146 -0.21492 0.18128  0.26403  332 GLU A CD  
391 O OE1 . GLU A 30 ? 1.33382 1.61462 1.43037 -0.24106 0.19158  0.28647  332 GLU A OE1 
392 O OE2 . GLU A 30 ? 1.21106 1.45498 1.19871 -0.17928 0.21625  0.22680  332 GLU A OE2 
398 N N   . ILE A 31 ? 1.33393 1.30422 1.19051 -0.13930 0.02915  0.21432  333 ILE A N   
399 C CA  . ILE A 31 ? 1.25339 1.17057 1.09121 -0.12129 -0.01230 0.20367  333 ILE A CA  
400 C C   . ILE A 31 ? 0.99091 0.92377 0.84320 -0.08069 -0.00133 0.16303  333 ILE A C   
401 O O   . ILE A 31 ? 0.98501 0.88874 0.78831 -0.06857 -0.00878 0.15096  333 ILE A O   
402 C CB  . ILE A 31 ? 1.26723 1.15562 1.16750 -0.12404 -0.06344 0.21467  333 ILE A CB  
403 C CG1 . ILE A 31 ? 1.24967 1.10395 1.13730 -0.16654 -0.09013 0.26033  333 ILE A CG1 
404 C CG2 . ILE A 31 ? 1.20254 1.06938 1.12205 -0.08983 -0.09204 0.18660  333 ILE A CG2 
405 C CD1 . ILE A 31 ? 0.95224 0.77235 0.91216 -0.16258 -0.14442 0.26367  333 ILE A CD1 
417 N N   . GLY A 32 ? 1.01680 0.99260 0.93474 -0.06252 0.01243  0.14444  334 GLY A N   
418 C CA  . GLY A 32 ? 0.62634 0.61185 0.55823 -0.02813 0.01639  0.11177  334 GLY A CA  
419 C C   . GLY A 32 ? 0.47905 0.45364 0.45960 -0.01511 -0.01834 0.10268  334 GLY A C   
420 O O   . GLY A 32 ? 0.54109 0.48708 0.52979 -0.02531 -0.04880 0.11521  334 GLY A O   
424 N N   . TYR A 33 ? 0.43210 0.42783 0.44304 0.00862  -0.01470 0.07946  335 TYR A N   
425 C CA  . TYR A 33 ? 0.38938 0.38005 0.43544 0.02118  -0.04040 0.06666  335 TYR A CA  
426 C C   . TYR A 33 ? 0.33567 0.33515 0.37361 0.04366  -0.03382 0.04608  335 TYR A C   
427 O O   . TYR A 33 ? 0.35870 0.38105 0.40731 0.05239  -0.01717 0.03909  335 TYR A O   
428 C CB  . TYR A 33 ? 0.43137 0.43893 0.53320 0.01438  -0.05120 0.06839  335 TYR A CB  
429 C CG  . TYR A 33 ? 0.41631 0.41360 0.54372 0.02758  -0.07715 0.04991  335 TYR A CG  
430 C CD1 . TYR A 33 ? 0.41175 0.42524 0.54588 0.04533  -0.07651 0.02928  335 TYR A CD1 
431 C CD2 . TYR A 33 ? 0.36542 0.33438 0.50592 0.02325  -0.10294 0.05174  335 TYR A CD2 
432 C CE1 . TYR A 33 ? 0.43740 0.44258 0.58049 0.05597  -0.09537 0.00979  335 TYR A CE1 
433 C CE2 . TYR A 33 ? 0.44035 0.40199 0.60134 0.03942  -0.12158 0.02735  335 TYR A CE2 
434 C CZ  . TYR A 33 ? 0.47492 0.45668 0.63182 0.05451  -0.11468 0.00580  335 TYR A CZ  
435 O OH  . TYR A 33 ? 0.41477 0.39044 0.57801 0.06897  -0.12831 -0.02075 335 TYR A OH  
445 N N   . ASP A 34 ? 0.33163 0.31535 0.35729 0.05176  -0.04819 0.03835  336 ASP A N   
446 C CA  . ASP A 34 ? 0.35617 0.34104 0.36579 0.06603  -0.04605 0.02604  336 ASP A CA  
447 C C   . ASP A 34 ? 0.33586 0.32789 0.36312 0.07214  -0.05966 0.01556  336 ASP A C   
448 O O   . ASP A 34 ? 0.38433 0.37341 0.42838 0.06938  -0.07033 0.01450  336 ASP A O   
449 C CB  . ASP A 34 ? 0.43664 0.39583 0.40197 0.06361  -0.04742 0.03041  336 ASP A CB  
450 C CG  . ASP A 34 ? 0.47731 0.42197 0.40692 0.05788  -0.03399 0.03599  336 ASP A CG  
451 O OD1 . ASP A 34 ? 0.44808 0.39821 0.36888 0.06871  -0.01754 0.02621  336 ASP A OD1 
452 O OD2 . ASP A 34 ? 0.53754 0.46274 0.44391 0.04345  -0.04094 0.04896  336 ASP A OD2 
457 N N   . LEU A 35 ? 0.32199 0.32157 0.34277 0.08076  -0.05995 0.00733  337 LEU A N   
458 C CA  . LEU A 35 ? 0.30589 0.31339 0.32424 0.08363  -0.06712 -0.00207 337 LEU A CA  
459 C C   . LEU A 35 ? 0.40872 0.40997 0.39459 0.08269  -0.06686 0.00286  337 LEU A C   
460 O O   . LEU A 35 ? 0.37622 0.36494 0.34888 0.08636  -0.06828 0.00716  337 LEU A O   
461 C CB  . LEU A 35 ? 0.33251 0.35059 0.36611 0.08808  -0.07561 -0.01302 337 LEU A CB  
462 C CG  . LEU A 35 ? 0.35628 0.37601 0.42563 0.08541  -0.08321 -0.01802 337 LEU A CG  
463 C CD1 . LEU A 35 ? 0.40855 0.43484 0.49418 0.08697  -0.09829 -0.02704 337 LEU A CD1 
464 C CD2 . LEU A 35 ? 0.39765 0.41236 0.47452 0.08741  -0.08787 -0.02902 337 LEU A CD2 
476 N N   . CYS A 36 ? 0.36084 0.37277 0.33946 0.07775  -0.06578 0.00182  338 CYS A N   
477 C CA  . CYS A 36 ? 0.33170 0.34184 0.28045 0.06987  -0.06736 0.01085  338 CYS A CA  
478 C C   . CYS A 36 ? 0.39320 0.40704 0.32271 0.07085  -0.07330 0.00660  338 CYS A C   
479 O O   . CYS A 36 ? 0.42376 0.44492 0.36437 0.07803  -0.07678 -0.00715 338 CYS A O   
480 C CB  . CYS A 36 ? 0.37707 0.41064 0.33344 0.06037  -0.05952 0.01353  338 CYS A CB  
481 S SG  . CYS A 36 ? 0.37921 0.45399 0.35015 0.06654  -0.04513 -0.00952 338 CYS A SG  
486 N N   . LYS A 37 ? 0.42080 0.42407 0.31722 0.06024  -0.08023 0.02097  339 LYS A N   
487 C CA  . LYS A 37 ? 0.45410 0.45099 0.32283 0.05799  -0.09373 0.02285  339 LYS A CA  
488 C C   . LYS A 37 ? 0.49961 0.52283 0.35421 0.05534  -0.08437 0.00729  339 LYS A C   
489 O O   . LYS A 37 ? 0.49272 0.51002 0.33657 0.05985  -0.09808 -0.00206 339 LYS A O   
490 C CB  . LYS A 37 ? 0.49878 0.47267 0.32847 0.04179  -0.10785 0.04694  339 LYS A CB  
491 C CG  . LYS A 37 ? 0.54983 0.51113 0.34614 0.03734  -0.12826 0.05275  339 LYS A CG  
492 C CD  . LYS A 37 ? 0.87451 0.80525 0.62494 0.01637  -0.15002 0.08255  339 LYS A CD  
493 C CE  . LYS A 37 ? 1.13114 1.09854 0.84719 -0.01077 -0.12359 0.09131  339 LYS A CE  
494 N NZ  . LYS A 37 ? 1.07137 1.01143 0.72772 -0.04085 -0.14605 0.12650  339 LYS A NZ  
508 N N   . ASP A 38 ? 0.49323 0.54620 0.34862 0.04856  -0.06244 0.00255  340 ASP A N   
509 C CA  . ASP A 38 ? 0.46842 0.54929 0.30688 0.04997  -0.04760 -0.01993 340 ASP A CA  
510 C C   . ASP A 38 ? 0.50532 0.58170 0.37305 0.06912  -0.05333 -0.04788 340 ASP A C   
511 O O   . ASP A 38 ? 0.64645 0.71905 0.48531 0.07188  -0.05984 -0.06650 340 ASP A O   
512 C CB  . ASP A 38 ? 0.49258 0.61645 0.34740 0.04439  -0.01901 -0.02339 340 ASP A CB  
513 C CG  . ASP A 38 ? 0.68118 0.81739 0.50247 0.01746  -0.01173 0.00581  340 ASP A CG  
514 O OD1 . ASP A 38 ? 0.75283 0.86085 0.52191 0.00343  -0.02924 0.02436  340 ASP A OD1 
515 O OD2 . ASP A 38 ? 0.74293 0.91642 0.59444 0.00879  0.00764  0.01212  340 ASP A OD2 
520 N N   . CYS A 39 ? 0.45505 0.52569 0.37355 0.07906  -0.05550 -0.04897 341 CYS A N   
521 C CA  . CYS A 39 ? 0.47588 0.53682 0.42680 0.09188  -0.06562 -0.06873 341 CYS A CA  
522 C C   . CYS A 39 ? 0.63376 0.67340 0.58132 0.09087  -0.08777 -0.06340 341 CYS A C   
523 O O   . CYS A 39 ? 0.55189 0.58304 0.50675 0.09519  -0.10222 -0.08052 341 CYS A O   
524 C CB  . CYS A 39 ? 0.42501 0.48381 0.42449 0.09660  -0.06391 -0.06387 341 CYS A CB  
525 S SG  . CYS A 39 ? 0.36811 0.45948 0.39138 0.10214  -0.04471 -0.07567 341 CYS A SG  
530 N N   . TYR A 40 ? 0.47141 0.50182 0.41697 0.08658  -0.09327 -0.04118 342 TYR A N   
531 C CA  . TYR A 40 ? 0.47961 0.49993 0.44181 0.08912  -0.11374 -0.03775 342 TYR A CA  
532 C C   . TYR A 40 ? 0.72949 0.74171 0.65319 0.08505  -0.13470 -0.04375 342 TYR A C   
533 O O   . TYR A 40 ? 0.62871 0.63584 0.57171 0.08668  -0.15666 -0.05181 342 TYR A O   
534 C CB  . TYR A 40 ? 0.45431 0.46778 0.42900 0.09169  -0.11406 -0.01871 342 TYR A CB  
535 C CG  . TYR A 40 ? 0.45605 0.46923 0.46140 0.09802  -0.13393 -0.01524 342 TYR A CG  
536 C CD1 . TYR A 40 ? 0.41239 0.44178 0.47302 0.10195  -0.12888 -0.01650 342 TYR A CD1 
537 C CD2 . TYR A 40 ? 0.45868 0.45801 0.44437 0.09878  -0.15828 -0.00714 342 TYR A CD2 
538 C CE1 . TYR A 40 ? 0.38887 0.43133 0.49494 0.10804  -0.14334 -0.01352 342 TYR A CE1 
539 C CE2 . TYR A 40 ? 0.48590 0.49022 0.51726 0.10793  -0.17996 -0.00429 342 TYR A CE2 
540 C CZ  . TYR A 40 ? 0.39724 0.42851 0.49446 0.11373  -0.16966 -0.00889 342 TYR A CZ  
541 O OH  . TYR A 40 ? 0.50783 0.55779 0.66670 0.12276  -0.18696 -0.00647 342 TYR A OH  
551 N N   . GLU A 41 ? 1.02671 0.71089 0.95549 0.14420  -0.32923 -0.21525 343 GLU A N   
552 C CA  . GLU A 41 ? 1.05091 0.71409 0.95062 0.15763  -0.33664 -0.23479 343 GLU A CA  
553 C C   . GLU A 41 ? 1.04575 0.70052 0.97345 0.14317  -0.32725 -0.23794 343 GLU A C   
554 O O   . GLU A 41 ? 1.11641 0.73649 1.01006 0.15128  -0.33097 -0.25050 343 GLU A O   
555 C CB  . GLU A 41 ? 1.09277 0.69822 0.91998 0.16937  -0.34580 -0.23627 343 GLU A CB  
556 C CG  . GLU A 41 ? 1.12315 0.71745 0.89785 0.19166  -0.35781 -0.23842 343 GLU A CG  
557 C CD  . GLU A 41 ? 1.19918 0.72812 0.89224 0.20387  -0.37105 -0.24313 343 GLU A CD  
558 O OE1 . GLU A 41 ? 1.21588 0.72114 0.84968 0.22707  -0.38158 -0.24704 343 GLU A OE1 
559 O OE2 . GLU A 41 ? 1.23638 0.73475 0.92022 0.19192  -0.37017 -0.24137 343 GLU A OE2 
566 N N   . THR A 42 ? 1.06948 0.74872 1.05116 0.12399  -0.31479 -0.22669 344 THR A N   
567 C CA  . THR A 42 ? 1.07873 0.74156 1.07960 0.11295  -0.30378 -0.22828 344 THR A CA  
568 C C   . THR A 42 ? 0.99454 0.69811 1.04893 0.09743  -0.30264 -0.22650 344 THR A C   
569 O O   . THR A 42 ? 0.99897 0.74761 1.07181 0.09919  -0.31563 -0.23162 344 THR A O   
570 C CB  . THR A 42 ? 1.04646 0.68022 1.04914 0.10506  -0.28408 -0.20666 344 THR A CB  
571 O OG1 . THR A 42 ? 0.98486 0.64861 1.02591 0.09069  -0.27729 -0.18439 344 THR A OG1 
572 C CG2 . THR A 42 ? 1.09330 0.68947 1.04401 0.11584  -0.28803 -0.20361 344 THR A CG2 
580 N N   . SER A 44 ? 1.01977 0.83484 1.17335 0.07491  -0.29512 -0.19064 346 SER A N   
581 C CA  . SER A 44 ? 0.87878 0.71697 1.07741 0.05649  -0.28355 -0.17144 346 SER A CA  
582 C C   . SER A 44 ? 1.04658 0.85635 1.26112 0.04305  -0.26967 -0.16584 346 SER A C   
583 O O   . SER A 44 ? 1.19197 0.95765 1.37248 0.05146  -0.26592 -0.17141 346 SER A O   
584 C CB  . SER A 44 ? 0.90078 0.79820 1.14253 0.05052  -0.28884 -0.17059 346 SER A CB  
585 O OG  . SER A 44 ? 0.98010 0.89754 1.25327 0.03766  -0.27902 -0.15158 346 SER A OG  
591 N N   . LYS A 45 ? 1.01428 0.84665 1.27606 0.02509  -0.26107 -0.15455 347 LYS A N   
592 C CA  . LYS A 45 ? 1.09466 0.89540 1.36687 0.01671  -0.24486 -0.14708 347 LYS A CA  
593 C C   . LYS A 45 ? 1.23357 1.03669 1.52599 0.00299  -0.24892 -0.15534 347 LYS A C   
594 O O   . LYS A 45 ? 1.37308 1.22176 1.69770 -0.00937 -0.26049 -0.15585 347 LYS A O   
595 C CB  . LYS A 45 ? 0.94213 0.74944 1.24546 0.00644  -0.22686 -0.11850 347 LYS A CB  
596 C CG  . LYS A 45 ? 1.08784 0.86856 1.36810 0.01434  -0.21771 -0.10302 347 LYS A CG  
597 C CD  . LYS A 45 ? 1.18094 0.91862 1.44094 0.02539  -0.20325 -0.10681 347 LYS A CD  
598 C CE  . LYS A 45 ? 1.49544 1.20486 1.71812 0.03918  -0.19950 -0.10048 347 LYS A CE  
599 N NZ  . LYS A 45 ? 1.20369 0.93055 1.44294 0.02997  -0.19526 -0.06709 347 LYS A NZ  
613 N N   . PRO A 47 ? 0.88740 0.68380 1.25040 -0.02880 -0.21769 -0.12198 349 PRO A N   
614 C CA  . PRO A 47 ? 0.88626 0.72642 1.29998 -0.04295 -0.21028 -0.10097 349 PRO A CA  
615 C C   . PRO A 47 ? 0.78743 0.67609 1.21546 -0.04274 -0.21929 -0.09601 349 PRO A C   
616 O O   . PRO A 47 ? 0.75606 0.67831 1.21977 -0.05487 -0.21600 -0.08017 349 PRO A O   
617 C CB  . PRO A 47 ? 0.86770 0.68107 1.28470 -0.03565 -0.18431 -0.07738 349 PRO A CB  
618 C CG  . PRO A 47 ? 0.97787 0.74850 1.34645 -0.01357 -0.17872 -0.08362 349 PRO A CG  
619 C CD  . PRO A 47 ? 1.12878 0.87284 1.46025 -0.01072 -0.19639 -0.11405 349 PRO A CD  
627 N N   . GLY A 48 ? 0.79802 0.68037 1.18965 -0.02698 -0.22963 -0.10882 350 GLY A N   
628 C CA  . GLY A 48 ? 0.81300 0.72741 1.19952 -0.02115 -0.23987 -0.10765 350 GLY A CA  
629 C C   . GLY A 48 ? 1.06671 1.03526 1.48407 -0.02793 -0.25002 -0.11065 350 GLY A C   
630 O O   . GLY A 48 ? 0.96778 0.96380 1.38417 -0.02198 -0.25312 -0.10447 350 GLY A O   
634 N N   . ARG A 49 ? 0.93091 0.91217 1.37110 -0.04045 -0.25589 -0.11743 351 ARG A N   
635 C CA  . ARG A 49 ? 0.89592 0.93692 1.37453 -0.05155 -0.26586 -0.11368 351 ARG A CA  
636 C C   . ARG A 49 ? 0.89179 0.94309 1.41368 -0.07521 -0.25651 -0.09801 351 ARG A C   
637 O O   . ARG A 49 ? 0.77693 0.78464 1.29671 -0.08289 -0.24496 -0.09407 351 ARG A O   
638 C CB  . ARG A 49 ? 0.89122 0.94507 1.36788 -0.05647 -0.28540 -0.12626 351 ARG A CB  
639 C CG  . ARG A 49 ? 0.80147 0.82205 1.22997 -0.03792 -0.29452 -0.14427 351 ARG A CG  
640 C CD  . ARG A 49 ? 0.79372 0.85422 1.21002 -0.01369 -0.30120 -0.14650 351 ARG A CD  
641 N NE  . ARG A 49 ? 1.00461 1.02713 1.37257 0.00344  -0.30958 -0.16390 351 ARG A NE  
642 C CZ  . ARG A 49 ? 1.29640 1.34268 1.64339 0.02661  -0.31925 -0.16980 351 ARG A CZ  
643 N NH1 . ARG A 49 ? 1.45308 1.45979 1.75526 0.04008  -0.32715 -0.18588 351 ARG A NH1 
644 N NH2 . ARG A 49 ? 1.20170 1.30891 1.56875 0.03949  -0.31911 -0.15841 351 ARG A NH2 
658 N N   . PHE A 50 ? 0.70205 0.81142 1.26132 -0.08366 -0.25960 -0.08706 352 PHE A N   
659 C CA  . PHE A 50 ? 0.68363 0.80718 1.28498 -0.10703 -0.25255 -0.07194 352 PHE A CA  
660 C C   . PHE A 50 ? 0.66448 0.86051 1.30648 -0.11737 -0.26216 -0.06253 352 PHE A C   
661 O O   . PHE A 50 ? 0.67403 0.90617 1.31894 -0.11462 -0.27780 -0.06704 352 PHE A O   
662 C CB  . PHE A 50 ? 0.66447 0.77158 1.26818 -0.10552 -0.23556 -0.05714 352 PHE A CB  
667 C CA  . GLN A 52 ? 0.60773 0.86575 1.29995 -0.12392 -0.23974 -0.02664 354 GLN A CA  
668 C C   . GLN A 52 ? 0.61203 0.92589 1.30221 -0.10502 -0.24869 -0.02853 354 GLN A C   
669 O O   . GLN A 52 ? 0.71185 1.06623 1.42995 -0.11655 -0.26141 -0.02744 354 GLN A O   
670 C CB  . GLN A 52 ? 0.61815 0.82078 1.26470 -0.10770 -0.23235 -0.03021 354 GLN A CB  
671 C CG  . GLN A 52 ? 0.61092 0.81343 1.24660 -0.10337 -0.22541 -0.01570 354 GLN A CG  
672 C CD  . GLN A 52 ? 0.63823 0.78364 1.22363 -0.09276 -0.22474 -0.01544 354 GLN A CD  
673 O OE1 . GLN A 52 ? 0.64037 0.74993 1.21135 -0.09141 -0.22469 -0.02262 354 GLN A OE1 
674 N NE2 . GLN A 52 ? 0.64293 0.77681 1.19482 -0.08458 -0.22575 -0.00602 354 GLN A NE2 
682 N N   . GLN A 53 ? 0.72874 0.55577 1.15480 -0.12101 -0.15368 0.33003  355 GLN A N   
683 C CA  . GLN A 53 ? 0.83995 0.71977 1.28430 -0.13491 -0.15043 0.32624  355 GLN A CA  
684 C C   . GLN A 53 ? 0.73333 0.62276 1.18397 -0.13848 -0.16806 0.28835  355 GLN A C   
685 O O   . GLN A 53 ? 0.70962 0.63325 1.19781 -0.15526 -0.16927 0.28713  355 GLN A O   
686 C CB  . GLN A 53 ? 0.87067 0.80098 1.28495 -0.12025 -0.13760 0.34182  355 GLN A CB  
687 C CG  . GLN A 53 ? 0.86650 0.78822 1.26583 -0.11898 -0.12400 0.38397  355 GLN A CG  
688 C CD  . GLN A 53 ? 0.85852 0.81797 1.21099 -0.11007 -0.11295 0.39945  355 GLN A CD  
689 O OE1 . GLN A 53 ? 1.01158 0.99612 1.33354 -0.09871 -0.11780 0.37672  355 GLN A OE1 
690 N NE2 . GLN A 53 ? 0.80379 0.75978 1.14265 -0.11732 -0.09583 0.43783  355 GLN A NE2 
699 N N   . HIS A 54 ? 0.66400 0.51765 1.08452 -0.12520 -0.18172 0.26026  356 HIS A N   
700 C CA  . HIS A 54 ? 0.57397 0.42994 0.98446 -0.12404 -0.19953 0.22517  356 HIS A CA  
701 C C   . HIS A 54 ? 0.78463 0.57801 1.19721 -0.14527 -0.21785 0.20642  356 HIS A C   
702 O O   . HIS A 54 ? 0.74873 0.47852 1.12955 -0.13953 -0.21368 0.19518  356 HIS A O   
703 C CB  . HIS A 54 ? 0.54655 0.39819 0.91132 -0.09644 -0.19870 0.20575  356 HIS A CB  
704 C CG  . HIS A 54 ? 0.52860 0.38149 0.87449 -0.09119 -0.21295 0.17273  356 HIS A CG  
705 N ND1 . HIS A 54 ? 0.50076 0.41079 0.85732 -0.08702 -0.21231 0.16997  356 HIS A ND1 
706 C CD2 . HIS A 54 ? 0.54380 0.34158 0.85767 -0.08872 -0.22581 0.14311  356 HIS A CD2 
707 C CE1 . HIS A 54 ? 0.52646 0.42039 0.85934 -0.07951 -0.22686 0.14124  356 HIS A CE1 
708 N NE2 . HIS A 54 ? 0.52398 0.34834 0.82846 -0.08300 -0.23703 0.12443  356 HIS A NE2 
716 N N   . THR A 55 ? 0.80226 0.61797 1.24870 -0.16846 -0.23527 0.20163  357 THR A N   
717 C CA  . THR A 55 ? 0.92652 0.69187 1.36462 -0.19248 -0.25748 0.18131  357 THR A CA  
718 C C   . THR A 55 ? 0.80070 0.55945 1.20943 -0.18803 -0.28502 0.15068  357 THR A C   
719 O O   . THR A 55 ? 0.76303 0.56825 1.17395 -0.16834 -0.28579 0.14731  357 THR A O   
720 C CB  . THR A 55 ? 0.71212 0.51063 1.20787 -0.22248 -0.26163 0.19840  357 THR A CB  
721 O OG1 . THR A 55 ? 0.70330 0.58571 1.26691 -0.22692 -0.26181 0.21910  357 THR A OG1 
722 C CG2 . THR A 55 ? 0.92320 0.69819 1.42185 -0.22572 -0.23251 0.22097  357 THR A CG2 
730 N N   . PRO A 56 ? 0.94646 0.65294 1.30865 -0.19846 -0.30007 0.12516  358 PRO A N   
731 C CA  . PRO A 56 ? 1.00776 0.70701 1.33504 -0.19439 -0.32863 0.10039  358 PRO A CA  
732 C C   . PRO A 56 ? 0.85061 0.62664 1.24598 -0.20553 -0.35666 0.11298  358 PRO A C   
733 O O   . PRO A 56 ? 0.89547 0.68362 1.27444 -0.19262 -0.37625 0.09982  358 PRO A O   
734 C CB  . PRO A 56 ? 0.98919 0.61650 1.25292 -0.21027 -0.33483 0.07813  358 PRO A CB  
735 C CG  . PRO A 56 ? 1.02256 0.60599 1.27223 -0.21025 -0.29678 0.08313  358 PRO A CG  
736 C CD  . PRO A 56 ? 0.86131 0.50621 1.19029 -0.21290 -0.28719 0.11796  358 PRO A CD  
744 N N   . ASP A 57 ? 0.77311 0.60739 1.24707 -0.22328 -0.35099 0.14027  359 ASP A N   
745 C CA  . ASP A 57 ? 0.78927 0.71134 1.34053 -0.22657 -0.36352 0.15629  359 ASP A CA  
746 C C   . ASP A 57 ? 0.72994 0.71418 1.30721 -0.19871 -0.34700 0.16395  359 ASP A C   
747 O O   . ASP A 57 ? 0.56441 0.61641 1.19282 -0.18988 -0.35252 0.17236  359 ASP A O   
748 C CB  . ASP A 57 ? 0.66427 0.63108 1.29092 -0.24853 -0.34683 0.18480  359 ASP A CB  
749 C CG  . ASP A 57 ? 1.09940 1.02355 1.71537 -0.27974 -0.36548 0.17759  359 ASP A CG  
750 O OD1 . ASP A 57 ? 1.09534 0.99304 1.67815 -0.28875 -0.40019 0.15837  359 ASP A OD1 
751 O OD2 . ASP A 57 ? 1.23877 1.15256 1.87450 -0.29618 -0.34383 0.19175  359 ASP A OD2 
756 N N   . HIS A 58 ? 0.67992 0.63906 1.20155 -0.17277 -0.31467 0.15975  360 HIS A N   
757 C CA  . HIS A 58 ? 0.69469 0.70285 1.20997 -0.14008 -0.28378 0.16516  360 HIS A CA  
758 C C   . HIS A 58 ? 0.61222 0.61430 1.08825 -0.11751 -0.29857 0.14065  360 HIS A C   
759 O O   . HIS A 58 ? 0.63606 0.57405 1.05766 -0.11952 -0.32218 0.11644  360 HIS A O   
760 C CB  . HIS A 58 ? 0.61038 0.58970 1.07791 -0.12604 -0.25341 0.16962  360 HIS A CB  
761 C CG  . HIS A 58 ? 0.56776 0.56929 1.07308 -0.13943 -0.23006 0.20148  360 HIS A CG  
762 N ND1 . HIS A 58 ? 0.62423 0.63706 1.10422 -0.12419 -0.20013 0.21757  360 HIS A ND1 
763 C CD2 . HIS A 58 ? 0.58275 0.59559 1.14669 -0.16831 -0.23256 0.22142  360 HIS A CD2 
764 C CE1 . HIS A 58 ? 0.72149 0.74611 1.23545 -0.14044 -0.18396 0.24674  360 HIS A CE1 
765 N NE2 . HIS A 58 ? 0.77817 0.80409 1.34693 -0.16721 -0.20037 0.24933  360 HIS A NE2 
773 N N   . ARG A 59 ? 0.47458 0.53644 0.97386 -0.09582 -0.28013 0.14767  361 ARG A N   
774 C CA  . ARG A 59 ? 0.74278 0.80062 1.20508 -0.07012 -0.28609 0.12786  361 ARG A CA  
775 C C   . ARG A 59 ? 0.57778 0.63368 0.98672 -0.04281 -0.24771 0.12038  361 ARG A C   
776 O O   . ARG A 59 ? 0.44595 0.54166 0.87249 -0.03795 -0.21403 0.13805  361 ARG A O   
777 C CB  . ARG A 59 ? 0.76539 0.88952 1.30013 -0.06506 -0.29624 0.14170  361 ARG A CB  
778 C CG  . ARG A 59 ? 0.79472 0.98644 1.38272 -0.05357 -0.25170 0.16588  361 ARG A CG  
779 C CD  . ARG A 59 ? 0.81164 1.07049 1.48583 -0.04543 -0.25743 0.18264  361 ARG A CD  
780 N NE  . ARG A 59 ? 0.87056 1.13178 1.51199 -0.00985 -0.24079 0.17153  361 ARG A NE  
781 C CZ  . ARG A 59 ? 0.83703 1.12728 1.48142 0.01327  -0.18885 0.17983  361 ARG A CZ  
782 N NH1 . ARG A 59 ? 0.89466 1.21394 1.56975 0.00435  -0.14949 0.20009  361 ARG A NH1 
783 N NH2 . ARG A 59 ? 0.61959 0.90208 1.22972 0.04437  -0.17377 0.16789  361 ARG A NH2 
797 N N   . LEU A 60 ? 0.44654 0.45505 0.78815 -0.02651 -0.25261 0.09398  362 LEU A N   
798 C CA  . LEU A 60 ? 0.42586 0.42870 0.71520 -0.00443 -0.22134 0.08304  362 LEU A CA  
799 C C   . LEU A 60 ? 0.42346 0.43308 0.69432 0.01924  -0.21688 0.06939  362 LEU A C   
800 O O   . LEU A 60 ? 0.44055 0.43565 0.71483 0.02132  -0.24527 0.06172  362 LEU A O   
801 C CB  . LEU A 60 ? 0.43456 0.37443 0.66470 -0.00408 -0.22322 0.06410  362 LEU A CB  
802 C CG  . LEU A 60 ? 0.46263 0.38015 0.70577 -0.02318 -0.22743 0.07656  362 LEU A CG  
803 C CD1 . LEU A 60 ? 0.48204 0.34919 0.72645 -0.04125 -0.25760 0.06810  362 LEU A CD1 
804 C CD2 . LEU A 60 ? 0.45331 0.33938 0.65402 -0.01360 -0.21172 0.06816  362 LEU A CD2 
816 N N   . GLU A 61 ? 0.41140 0.43622 0.65516 0.03604  -0.18182 0.06666  363 GLU A N   
817 C CA  . GLU A 61 ? 0.41504 0.43867 0.63494 0.06058  -0.16877 0.05372  363 GLU A CA  
818 C C   . GLU A 61 ? 0.41556 0.40367 0.56026 0.07083  -0.14356 0.03190  363 GLU A C   
819 O O   . GLU A 61 ? 0.41029 0.39960 0.53667 0.06070  -0.13009 0.03522  363 GLU A O   
820 C CB  . GLU A 61 ? 0.41207 0.49424 0.68473 0.07130  -0.14256 0.07439  363 GLU A CB  
821 C CG  . GLU A 61 ? 0.41060 0.54309 0.78073 0.05900  -0.16707 0.10074  363 GLU A CG  
822 C CD  . GLU A 61 ? 0.42466 0.54602 0.81277 0.06160  -0.21289 0.09559  363 GLU A CD  
823 O OE1 . GLU A 61 ? 0.43789 0.51931 0.77043 0.08071  -0.21869 0.07570  363 GLU A OE1 
824 O OE2 . GLU A 61 ? 0.42990 0.58422 0.89081 0.04327  -0.24502 0.11382  363 GLU A OE2 
831 N N   . LEU A 62 ? 0.42708 0.38731 0.53193 0.09068  -0.13712 0.01244  364 LEU A N   
832 C CA  . LEU A 62 ? 0.43266 0.35769 0.46842 0.09787  -0.11229 -0.01032 364 LEU A CA  
833 C C   . LEU A 62 ? 0.46246 0.41695 0.48691 0.09503  -0.07693 -0.00227 364 LEU A C   
834 O O   . LEU A 62 ? 0.45983 0.45012 0.51399 0.10194  -0.05619 0.01371  364 LEU A O   
835 C CB  . LEU A 62 ? 0.45326 0.34360 0.45180 0.12139  -0.10600 -0.02906 364 LEU A CB  
836 C CG  . LEU A 62 ? 0.70992 0.55028 0.63606 0.12708  -0.08468 -0.05709 364 LEU A CG  
837 C CD1 . LEU A 62 ? 0.54730 0.34163 0.45224 0.11577  -0.10612 -0.07106 364 LEU A CD1 
838 C CD2 . LEU A 62 ? 0.64947 0.46420 0.54608 0.15301  -0.06913 -0.06790 364 LEU A CD2 
850 N N   . ALA A 63 ? 0.43703 0.37489 0.41844 0.08348  -0.06966 -0.01178 365 ALA A N   
851 C CA  . ALA A 63 ? 0.52039 0.47355 0.46987 0.07627  -0.04073 -0.00701 365 ALA A CA  
852 C C   . ALA A 63 ? 0.55129 0.47449 0.44238 0.08954  -0.01064 -0.03093 365 ALA A C   
853 O O   . ALA A 63 ? 0.59206 0.47757 0.44843 0.09250  -0.01528 -0.05444 365 ALA A O   
854 C CB  . ALA A 63 ? 0.60700 0.55849 0.53878 0.05579  -0.05406 -0.00320 365 ALA A CB  
860 N N   . ARG A 64 ? 0.58977 0.52418 0.47028 0.09773  0.02480  -0.02484 366 ARG A N   
861 C CA  . ARG A 64 ? 0.74612 0.64569 0.57429 0.11373  0.05941  -0.04601 366 ARG A CA  
862 C C   . ARG A 64 ? 0.84157 0.72344 0.59809 0.09916  0.09472  -0.05382 366 ARG A C   
863 O O   . ARG A 64 ? 0.91523 0.81721 0.66627 0.08007  0.09460  -0.03771 366 ARG A O   
864 C CB  . ARG A 64 ? 0.75008 0.66572 0.62476 0.14160  0.07753  -0.03362 366 ARG A CB  
865 C CG  . ARG A 64 ? 0.74520 0.69466 0.70270 0.14722  0.03672  -0.01488 366 ARG A CG  
866 C CD  . ARG A 64 ? 0.64797 0.56344 0.59676 0.16248  0.01136  -0.03052 366 ARG A CD  
867 N NE  . ARG A 64 ? 0.73948 0.63221 0.66595 0.19036  0.04218  -0.03800 366 ARG A NE  
868 C CZ  . ARG A 64 ? 0.66663 0.58970 0.65054 0.21385  0.05124  -0.01715 366 ARG A CZ  
869 N NH1 . ARG A 64 ? 0.54099 0.52181 0.61074 0.20923  0.03011  0.01103  366 ARG A NH1 
870 N NH2 . ARG A 64 ? 0.66101 0.55748 0.62217 0.24212  0.08306  -0.02268 366 ARG A NH2 
# 
